data_7ECR
#
_entry.id   7ECR
#
_cell.length_a   119.880
_cell.length_b   153.750
_cell.length_c   259.950
_cell.angle_alpha   90.00
_cell.angle_beta   90.00
_cell.angle_gamma   90.00
#
_symmetry.space_group_name_H-M   'I 2 2 2'
#
loop_
_entity.id
_entity.type
_entity.pdbx_description
1 polymer 'Glutamate dehydrogenase'
2 non-polymer GLYCEROL
3 non-polymer 'SUCCINIC ACID'
4 non-polymer '[(2R,3R,4R,5R)-5-(6-AMINO-9H-PURIN-9-YL)-3-HYDROXY-4-(PHOSPHONOOXY)TETRAHYDROFURAN-2-YL]METHYL [(2R,3S,4R,5R)-3,4,5-TRIHYDROXYTETRAHYDROFURAN-2-YL]METHYL DIHYDROGEN DIPHOSPHATE'
5 water water
#
_entity_poly.entity_id   1
_entity_poly.type   'polypeptide(L)'
_entity_poly.pdbx_seq_one_letter_code
;MSNLPVEPEFEQAYKELASTLENSTLFQKNPEYRKALAVVSVPERVIQFRVVWENDKGEVQVNRGFRVQFNSALGPYKGG
LRFHPSVNLSILKFLGFEQIFKNALTGLNMGGGKGGSDFDPKGKSDSEIRRFCVAFMTELCRHIGADTDVPAGDIGVTGR
EIGYLFGQYRKLRNSWEGVLTGKGGSWGGSLIRPEATGYGVVYYVEHMIAHATNGAESFAGKRVAISGSGNVAQYAALKV
IELGGRVVSLSDSQGSLIVKDTAKDSFTPAEIDAIAALKVDRKQIAELVTDAAFADKFTYLPGQRPWVHVGAVDVALPSA
TQNEVSGEEAQALIAAGCKFIAEGSNMGCTQAAIDAFEAHREANKGAAAIWYAPGKAANAGGVAVSGLEMAQNSARLSWT
AEEVDARLKDIMKSCFQNGLDTAKEYATPADGILPSLVTGSNIAGFTKVAAAMKDQGDWW
;
_entity_poly.pdbx_strand_id   A,B,C
#
# COMPACT_ATOMS: atom_id res chain seq x y z
N MET A 1 1.88 -38.25 25.44
CA MET A 1 1.66 -37.94 23.92
C MET A 1 2.39 -38.95 22.94
N SER A 2 2.22 -40.26 23.20
CA SER A 2 2.91 -41.22 22.31
C SER A 2 2.06 -41.40 21.03
N ASN A 3 0.91 -40.71 20.88
CA ASN A 3 0.20 -40.66 19.61
C ASN A 3 0.93 -39.81 18.57
N LEU A 4 1.80 -38.89 19.01
CA LEU A 4 2.43 -37.93 18.04
C LEU A 4 3.50 -38.61 17.24
N PRO A 5 3.56 -38.39 15.92
CA PRO A 5 4.56 -39.05 15.12
C PRO A 5 6.00 -38.50 15.45
N VAL A 6 7.02 -39.30 15.22
CA VAL A 6 8.45 -38.87 15.40
C VAL A 6 8.87 -38.03 14.15
N GLU A 7 9.29 -36.78 14.39
CA GLU A 7 9.66 -35.80 13.34
C GLU A 7 11.05 -35.30 13.72
N PRO A 8 12.10 -36.04 13.30
CA PRO A 8 13.43 -35.74 13.87
C PRO A 8 13.92 -34.30 13.63
N GLU A 9 13.78 -33.80 12.41
CA GLU A 9 14.27 -32.41 12.13
C GLU A 9 13.52 -31.36 12.93
N PHE A 10 12.18 -31.52 13.03
CA PHE A 10 11.39 -30.58 13.80
C PHE A 10 11.75 -30.64 15.26
N GLU A 11 11.85 -31.88 15.77
CA GLU A 11 12.24 -32.03 17.20
C GLU A 11 13.63 -31.43 17.49
N GLN A 12 14.56 -31.59 16.58
CA GLN A 12 15.91 -30.99 16.72
C GLN A 12 15.83 -29.50 16.83
N ALA A 13 15.05 -28.86 15.92
CA ALA A 13 14.96 -27.43 15.98
C ALA A 13 14.27 -26.94 17.21
N TYR A 14 13.18 -27.59 17.56
CA TYR A 14 12.44 -27.25 18.80
C TYR A 14 13.31 -27.40 20.06
N LYS A 15 13.99 -28.53 20.16
N LYS A 15 13.99 -28.54 20.15
CA LYS A 15 14.79 -28.79 21.34
CA LYS A 15 14.82 -28.81 21.33
C LYS A 15 15.94 -27.79 21.54
C LYS A 15 15.94 -27.79 21.53
N GLU A 16 16.60 -27.42 20.46
CA GLU A 16 17.64 -26.39 20.56
C GLU A 16 17.05 -25.07 20.97
N LEU A 17 15.91 -24.67 20.38
CA LEU A 17 15.33 -23.42 20.79
C LEU A 17 14.97 -23.43 22.30
N ALA A 18 14.23 -24.47 22.67
CA ALA A 18 13.78 -24.65 24.05
C ALA A 18 14.93 -24.68 25.06
N SER A 19 15.98 -25.38 24.70
CA SER A 19 17.15 -25.48 25.59
CA SER A 19 17.13 -25.48 25.59
C SER A 19 17.75 -24.08 25.81
N THR A 20 17.84 -23.25 24.75
CA THR A 20 18.40 -21.91 24.93
C THR A 20 17.50 -21.05 25.74
N LEU A 21 16.17 -21.24 25.65
CA LEU A 21 15.33 -20.49 26.48
C LEU A 21 15.43 -20.91 28.00
N GLU A 22 15.56 -22.19 28.25
CA GLU A 22 15.73 -22.73 29.61
C GLU A 22 17.05 -22.25 30.22
N ASN A 23 18.10 -22.19 29.42
CA ASN A 23 19.47 -21.72 29.85
C ASN A 23 19.64 -20.26 29.79
N SER A 24 18.77 -19.56 30.54
CA SER A 24 18.65 -18.16 30.60
C SER A 24 17.75 -17.81 31.74
N THR A 25 17.60 -16.56 32.01
CA THR A 25 16.65 -16.11 32.98
C THR A 25 15.23 -15.81 32.46
N LEU A 26 15.00 -16.14 31.20
CA LEU A 26 13.66 -15.81 30.64
C LEU A 26 12.50 -16.37 31.43
N PHE A 27 12.57 -17.65 31.75
CA PHE A 27 11.41 -18.25 32.47
C PHE A 27 11.39 -17.96 33.97
N GLN A 28 12.44 -17.35 34.52
CA GLN A 28 12.33 -16.72 35.86
C GLN A 28 11.62 -15.45 35.79
N LYS A 29 11.89 -14.62 34.80
CA LYS A 29 11.18 -13.37 34.66
C LYS A 29 9.72 -13.61 34.18
N ASN A 30 9.54 -14.57 33.26
CA ASN A 30 8.21 -14.75 32.56
C ASN A 30 7.91 -16.22 32.52
N PRO A 31 7.64 -16.85 33.67
CA PRO A 31 7.36 -18.26 33.65
C PRO A 31 6.14 -18.65 32.79
N GLU A 32 5.25 -17.71 32.63
CA GLU A 32 4.02 -17.94 31.77
C GLU A 32 4.38 -18.14 30.30
N TYR A 33 5.62 -17.79 29.91
CA TYR A 33 6.07 -18.08 28.55
C TYR A 33 6.24 -19.52 28.22
N ARG A 34 6.26 -20.38 29.26
CA ARG A 34 6.20 -21.76 28.96
C ARG A 34 4.89 -22.19 28.24
N LYS A 35 3.79 -21.57 28.58
CA LYS A 35 2.52 -21.80 27.92
C LYS A 35 2.61 -21.31 26.47
N ALA A 36 3.23 -20.15 26.28
CA ALA A 36 3.45 -19.63 24.94
C ALA A 36 4.25 -20.58 24.08
N LEU A 37 5.28 -21.21 24.68
CA LEU A 37 6.06 -22.15 23.93
C LEU A 37 5.28 -23.36 23.48
N ALA A 38 4.47 -23.88 24.39
CA ALA A 38 3.63 -25.07 24.07
C ALA A 38 2.64 -24.75 22.92
N VAL A 39 2.09 -23.56 22.94
CA VAL A 39 1.12 -23.13 21.91
C VAL A 39 1.81 -22.84 20.61
N VAL A 40 2.88 -22.06 20.66
CA VAL A 40 3.49 -21.62 19.41
C VAL A 40 4.01 -22.82 18.62
N SER A 41 4.43 -23.91 19.32
CA SER A 41 5.08 -25.05 18.69
CA SER A 41 5.07 -25.05 18.71
C SER A 41 4.14 -26.03 17.95
N VAL A 42 2.85 -25.77 18.01
CA VAL A 42 1.82 -26.49 17.26
C VAL A 42 1.42 -25.56 16.15
N PRO A 43 1.61 -25.96 14.89
CA PRO A 43 1.28 -25.01 13.80
C PRO A 43 -0.18 -24.65 13.71
N GLU A 44 -0.44 -23.39 13.37
CA GLU A 44 -1.80 -22.88 13.21
C GLU A 44 -2.52 -23.70 12.20
N ARG A 45 -1.87 -23.98 11.11
CA ARG A 45 -2.46 -24.75 10.02
C ARG A 45 -1.44 -25.45 9.19
N VAL A 46 -1.76 -26.67 8.70
CA VAL A 46 -0.96 -27.34 7.71
C VAL A 46 -1.85 -27.87 6.62
N ILE A 47 -1.48 -27.62 5.38
CA ILE A 47 -2.18 -28.20 4.25
CA ILE A 47 -2.17 -28.17 4.24
C ILE A 47 -1.26 -29.18 3.54
N GLN A 48 -1.74 -30.38 3.29
CA GLN A 48 -1.02 -31.37 2.49
C GLN A 48 -1.90 -31.74 1.34
N PHE A 49 -1.35 -32.02 0.14
CA PHE A 49 -2.19 -32.34 -0.98
C PHE A 49 -1.44 -33.12 -2.02
N ARG A 50 -2.18 -33.92 -2.75
CA ARG A 50 -1.61 -34.68 -3.87
C ARG A 50 -1.33 -33.78 -5.04
N VAL A 51 -0.22 -33.98 -5.71
CA VAL A 51 0.02 -33.21 -6.95
C VAL A 51 0.21 -34.26 -8.05
N VAL A 52 -0.72 -34.31 -8.94
CA VAL A 52 -0.65 -35.14 -10.18
C VAL A 52 -0.23 -34.25 -11.29
N TRP A 53 0.75 -34.70 -12.07
CA TRP A 53 1.29 -33.87 -13.14
C TRP A 53 1.77 -34.83 -14.25
N GLU A 54 2.00 -34.30 -15.42
CA GLU A 54 2.36 -35.08 -16.60
C GLU A 54 3.80 -34.89 -17.03
N ASN A 55 4.52 -36.01 -17.22
CA ASN A 55 5.89 -35.88 -17.75
C ASN A 55 5.93 -35.73 -19.27
N ASP A 56 7.13 -35.52 -19.81
CA ASP A 56 7.26 -35.29 -21.22
C ASP A 56 6.89 -36.49 -22.11
N LYS A 57 6.87 -37.65 -21.53
CA LYS A 57 6.40 -38.86 -22.24
C LYS A 57 4.89 -39.02 -22.17
N GLY A 58 4.18 -38.10 -21.49
CA GLY A 58 2.73 -38.16 -21.34
C GLY A 58 2.24 -39.05 -20.25
N GLU A 59 3.12 -39.39 -19.30
CA GLU A 59 2.82 -40.29 -18.21
C GLU A 59 2.38 -39.56 -16.95
N VAL A 60 1.39 -40.11 -16.28
CA VAL A 60 0.99 -39.62 -14.98
C VAL A 60 2.04 -39.79 -13.95
N GLN A 61 2.33 -38.71 -13.20
CA GLN A 61 3.24 -38.74 -12.09
C GLN A 61 2.54 -38.20 -10.84
N VAL A 62 2.97 -38.66 -9.68
CA VAL A 62 2.36 -38.24 -8.40
C VAL A 62 3.41 -37.81 -7.46
N ASN A 63 3.25 -36.64 -6.88
CA ASN A 63 4.08 -36.11 -5.82
C ASN A 63 3.21 -35.53 -4.71
N ARG A 64 3.86 -35.29 -3.58
CA ARG A 64 3.18 -34.75 -2.42
CA ARG A 64 3.21 -34.74 -2.39
C ARG A 64 3.53 -33.25 -2.22
N GLY A 65 2.50 -32.43 -1.98
CA GLY A 65 2.61 -31.01 -1.75
C GLY A 65 2.26 -30.65 -0.31
N PHE A 66 2.85 -29.57 0.20
CA PHE A 66 2.66 -29.11 1.53
C PHE A 66 2.71 -27.60 1.67
N ARG A 67 1.96 -27.05 2.62
CA ARG A 67 2.21 -25.70 3.12
C ARG A 67 1.97 -25.65 4.61
N VAL A 68 3.03 -25.37 5.38
CA VAL A 68 2.95 -25.23 6.81
C VAL A 68 2.81 -23.77 7.14
N GLN A 69 1.67 -23.43 7.72
CA GLN A 69 1.32 -22.10 8.06
C GLN A 69 1.46 -22.06 9.56
N PHE A 70 2.71 -21.76 10.01
CA PHE A 70 3.03 -22.01 11.42
C PHE A 70 2.47 -21.01 12.41
N ASN A 71 2.76 -19.72 12.15
CA ASN A 71 2.34 -18.69 13.07
C ASN A 71 2.05 -17.41 12.26
N SER A 72 0.98 -16.74 12.62
CA SER A 72 0.64 -15.44 11.97
C SER A 72 0.44 -14.27 12.91
N ALA A 73 0.94 -14.31 14.16
CA ALA A 73 0.70 -13.17 15.07
C ALA A 73 1.34 -11.88 14.52
N LEU A 74 2.50 -12.02 13.88
CA LEU A 74 3.23 -10.82 13.47
C LEU A 74 2.94 -10.38 12.06
N GLY A 75 2.30 -11.25 11.25
CA GLY A 75 2.02 -10.91 9.89
C GLY A 75 1.44 -12.08 9.12
N PRO A 76 1.15 -11.87 7.87
CA PRO A 76 0.79 -13.02 7.03
C PRO A 76 1.91 -14.07 7.09
N TYR A 77 1.53 -15.30 6.87
CA TYR A 77 2.57 -16.36 6.82
C TYR A 77 3.56 -16.06 5.72
N LYS A 78 4.85 -16.31 5.99
CA LYS A 78 5.92 -15.94 5.05
C LYS A 78 7.03 -16.95 5.09
N GLY A 79 7.40 -17.50 3.92
CA GLY A 79 8.54 -18.36 3.85
C GLY A 79 8.50 -19.20 2.61
N GLY A 80 9.67 -19.80 2.30
CA GLY A 80 9.86 -20.39 1.03
C GLY A 80 9.19 -21.73 0.74
N LEU A 81 9.41 -22.18 -0.48
CA LEU A 81 9.00 -23.44 -0.99
C LEU A 81 10.24 -24.23 -1.36
N ARG A 82 10.28 -25.48 -0.93
CA ARG A 82 11.42 -26.41 -1.16
C ARG A 82 10.96 -27.56 -2.03
N PHE A 83 11.59 -27.74 -3.17
CA PHE A 83 11.34 -28.88 -4.03
C PHE A 83 12.59 -29.77 -3.96
N HIS A 84 12.47 -30.85 -3.24
CA HIS A 84 13.65 -31.72 -3.00
C HIS A 84 13.13 -33.11 -2.59
N PRO A 85 13.78 -34.18 -3.02
CA PRO A 85 13.19 -35.54 -2.74
C PRO A 85 13.12 -35.93 -1.28
N SER A 86 13.84 -35.27 -0.39
CA SER A 86 13.74 -35.52 1.02
C SER A 86 12.47 -34.95 1.66
N VAL A 87 11.79 -34.05 0.97
CA VAL A 87 10.75 -33.27 1.65
C VAL A 87 9.64 -34.12 2.24
N ASN A 88 9.31 -33.75 3.47
CA ASN A 88 8.19 -34.32 4.22
C ASN A 88 7.76 -33.31 5.26
N LEU A 89 6.75 -33.67 6.06
CA LEU A 89 6.19 -32.76 7.01
C LEU A 89 7.20 -32.39 8.08
N SER A 90 8.00 -33.37 8.52
CA SER A 90 8.96 -33.09 9.58
C SER A 90 9.90 -31.95 9.17
N ILE A 91 10.45 -32.10 7.98
CA ILE A 91 11.41 -31.12 7.45
C ILE A 91 10.76 -29.74 7.30
N LEU A 92 9.57 -29.71 6.72
CA LEU A 92 8.88 -28.41 6.58
C LEU A 92 8.40 -27.81 7.85
N LYS A 93 8.10 -28.61 8.87
CA LYS A 93 7.83 -28.07 10.13
C LYS A 93 9.07 -27.46 10.78
N PHE A 94 10.21 -28.13 10.70
CA PHE A 94 11.44 -27.49 11.23
C PHE A 94 11.62 -26.13 10.59
N LEU A 95 11.54 -26.13 9.27
CA LEU A 95 11.75 -24.87 8.51
C LEU A 95 10.76 -23.81 8.84
N GLY A 96 9.50 -24.20 8.92
CA GLY A 96 8.41 -23.26 9.22
C GLY A 96 8.54 -22.68 10.65
N PHE A 97 8.89 -23.52 11.60
CA PHE A 97 9.07 -23.12 12.99
C PHE A 97 10.21 -22.11 13.07
N GLU A 98 11.35 -22.45 12.45
CA GLU A 98 12.53 -21.55 12.35
C GLU A 98 12.08 -20.21 11.77
N GLN A 99 11.33 -20.28 10.69
CA GLN A 99 10.83 -19.08 10.03
C GLN A 99 10.08 -18.12 10.88
N ILE A 100 9.31 -18.60 11.88
CA ILE A 100 8.60 -17.72 12.74
C ILE A 100 9.57 -16.72 13.35
N PHE A 101 10.67 -17.26 13.86
CA PHE A 101 11.53 -16.48 14.74
C PHE A 101 12.51 -15.68 13.88
N LYS A 102 12.94 -16.27 12.78
CA LYS A 102 13.71 -15.54 11.77
C LYS A 102 12.98 -14.30 11.33
N ASN A 103 11.69 -14.46 11.05
CA ASN A 103 10.92 -13.34 10.53
C ASN A 103 10.76 -12.26 11.60
N ALA A 104 10.52 -12.71 12.82
CA ALA A 104 10.43 -11.78 13.95
C ALA A 104 11.70 -10.90 14.04
N LEU A 105 12.86 -11.46 13.72
CA LEU A 105 14.14 -10.75 13.91
C LEU A 105 14.35 -9.69 12.81
N THR A 106 13.55 -9.70 11.74
CA THR A 106 13.67 -8.71 10.69
C THR A 106 13.05 -7.39 11.05
N GLY A 107 12.11 -7.37 11.99
CA GLY A 107 11.37 -6.17 12.30
C GLY A 107 10.15 -5.90 11.47
N LEU A 108 9.93 -6.73 10.45
CA LEU A 108 8.82 -6.54 9.50
C LEU A 108 7.67 -7.42 9.94
N ASN A 109 6.49 -7.10 9.45
CA ASN A 109 5.28 -7.89 9.81
C ASN A 109 5.08 -9.09 8.92
N MET A 110 5.73 -10.19 9.32
CA MET A 110 5.72 -11.42 8.59
C MET A 110 5.61 -12.58 9.58
N GLY A 111 4.57 -13.39 9.43
CA GLY A 111 4.43 -14.60 10.19
C GLY A 111 5.27 -15.67 9.55
N GLY A 112 5.32 -16.85 10.18
CA GLY A 112 6.20 -17.92 9.69
C GLY A 112 5.50 -19.06 9.01
N GLY A 113 6.03 -19.43 7.87
CA GLY A 113 5.56 -20.56 7.12
C GLY A 113 6.60 -21.18 6.25
N LYS A 114 6.32 -22.33 5.66
CA LYS A 114 7.21 -22.93 4.70
C LYS A 114 6.43 -24.02 3.98
N GLY A 115 6.81 -24.33 2.75
CA GLY A 115 6.12 -25.39 2.06
C GLY A 115 6.95 -26.05 1.02
N GLY A 116 6.33 -26.85 0.17
CA GLY A 116 7.07 -27.43 -0.91
C GLY A 116 6.57 -28.80 -1.31
N SER A 117 7.48 -29.59 -1.89
CA SER A 117 7.10 -30.90 -2.40
C SER A 117 8.31 -31.81 -2.44
N ASP A 118 8.05 -33.13 -2.49
CA ASP A 118 9.09 -34.13 -2.74
C ASP A 118 9.39 -34.31 -4.21
N PHE A 119 8.80 -33.53 -5.09
CA PHE A 119 9.21 -33.41 -6.43
C PHE A 119 10.71 -33.10 -6.49
N ASP A 120 11.45 -33.84 -7.32
CA ASP A 120 12.88 -33.57 -7.49
C ASP A 120 13.14 -32.94 -8.84
N PRO A 121 13.58 -31.68 -8.86
CA PRO A 121 13.87 -31.00 -10.13
C PRO A 121 14.99 -31.64 -10.95
N LYS A 122 15.87 -32.37 -10.30
CA LYS A 122 17.00 -32.96 -10.99
C LYS A 122 16.54 -34.02 -11.94
N GLY A 123 17.02 -33.96 -13.15
CA GLY A 123 16.60 -34.95 -14.14
C GLY A 123 15.30 -34.59 -14.87
N LYS A 124 14.65 -33.49 -14.52
CA LYS A 124 13.46 -33.03 -15.17
C LYS A 124 13.79 -32.00 -16.17
N SER A 125 13.00 -31.93 -17.22
CA SER A 125 13.05 -30.85 -18.16
C SER A 125 12.37 -29.57 -17.66
N ASP A 126 12.66 -28.42 -18.29
CA ASP A 126 11.95 -27.19 -17.92
CA ASP A 126 11.97 -27.18 -17.96
C ASP A 126 10.46 -27.35 -18.11
N SER A 127 10.05 -28.07 -19.16
CA SER A 127 8.65 -28.31 -19.40
CA SER A 127 8.62 -28.27 -19.37
C SER A 127 8.00 -29.08 -18.24
N GLU A 128 8.69 -30.10 -17.75
CA GLU A 128 8.17 -30.89 -16.63
C GLU A 128 8.06 -30.05 -15.39
N ILE A 129 9.05 -29.19 -15.19
CA ILE A 129 9.02 -28.29 -14.03
C ILE A 129 7.81 -27.32 -14.18
N ARG A 130 7.59 -26.81 -15.37
CA ARG A 130 6.44 -25.96 -15.65
C ARG A 130 5.13 -26.70 -15.30
N ARG A 131 4.96 -27.92 -15.83
CA ARG A 131 3.72 -28.65 -15.56
C ARG A 131 3.54 -28.96 -14.12
N PHE A 132 4.64 -29.30 -13.45
CA PHE A 132 4.54 -29.56 -11.98
C PHE A 132 4.09 -28.32 -11.22
N CYS A 133 4.71 -27.21 -11.51
CA CYS A 133 4.35 -25.89 -10.88
C CYS A 133 2.92 -25.52 -11.11
N VAL A 134 2.42 -25.74 -12.34
CA VAL A 134 1.02 -25.49 -12.64
C VAL A 134 0.09 -26.33 -11.77
N ALA A 135 0.37 -27.64 -11.70
CA ALA A 135 -0.41 -28.54 -10.87
C ALA A 135 -0.33 -28.20 -9.39
N PHE A 136 0.84 -27.90 -8.91
CA PHE A 136 1.09 -27.55 -7.49
C PHE A 136 0.30 -26.32 -7.07
N MET A 137 0.36 -25.25 -7.90
CA MET A 137 -0.38 -24.05 -7.62
C MET A 137 -1.89 -24.16 -7.73
N THR A 138 -2.36 -25.11 -8.56
CA THR A 138 -3.76 -25.32 -8.70
C THR A 138 -4.41 -25.64 -7.36
N GLU A 139 -3.73 -26.41 -6.52
CA GLU A 139 -4.24 -26.63 -5.19
C GLU A 139 -3.75 -25.53 -4.24
N LEU A 140 -2.50 -25.15 -4.31
CA LEU A 140 -2.03 -24.23 -3.28
C LEU A 140 -2.76 -22.91 -3.27
N CYS A 141 -3.22 -22.48 -4.43
CA CYS A 141 -3.79 -21.20 -4.65
CA CYS A 141 -3.76 -21.13 -4.60
C CYS A 141 -4.82 -20.81 -3.61
N ARG A 142 -5.68 -21.74 -3.27
CA ARG A 142 -6.82 -21.37 -2.41
C ARG A 142 -6.40 -21.06 -0.96
N HIS A 143 -5.22 -21.45 -0.59
CA HIS A 143 -4.71 -21.28 0.77
C HIS A 143 -3.80 -20.09 1.00
N ILE A 144 -3.45 -19.38 -0.08
CA ILE A 144 -2.48 -18.30 0.01
C ILE A 144 -3.04 -17.01 -0.48
N GLY A 145 -2.24 -15.93 -0.42
CA GLY A 145 -2.74 -14.60 -0.87
C GLY A 145 -1.88 -13.53 -0.24
N ALA A 146 -1.92 -12.35 -0.84
CA ALA A 146 -0.98 -11.25 -0.45
C ALA A 146 -1.15 -10.86 1.00
N ASP A 147 -2.34 -11.00 1.60
CA ASP A 147 -2.48 -10.70 3.02
C ASP A 147 -2.68 -11.99 3.92
N THR A 148 -2.52 -13.15 3.34
CA THR A 148 -2.73 -14.45 4.04
C THR A 148 -1.43 -15.24 4.17
N ASP A 149 -0.78 -15.50 3.04
CA ASP A 149 0.46 -16.32 3.02
C ASP A 149 1.15 -16.01 1.70
N VAL A 150 2.46 -15.64 1.81
CA VAL A 150 3.21 -15.18 0.64
C VAL A 150 4.45 -16.08 0.56
N PRO A 151 4.42 -17.13 -0.28
CA PRO A 151 5.62 -17.93 -0.46
C PRO A 151 6.70 -17.28 -1.30
N ALA A 152 7.76 -18.03 -1.49
CA ALA A 152 8.96 -17.61 -2.21
C ALA A 152 9.79 -18.91 -2.45
N GLY A 153 11.07 -18.74 -2.89
CA GLY A 153 11.92 -19.88 -3.10
C GLY A 153 12.67 -20.40 -1.91
N ASP A 154 13.45 -21.47 -2.19
CA ASP A 154 14.24 -22.18 -1.25
C ASP A 154 14.96 -23.24 -2.07
N ILE A 155 15.41 -24.35 -1.46
CA ILE A 155 16.11 -25.34 -2.22
C ILE A 155 15.19 -25.90 -3.31
N GLY A 156 15.64 -25.85 -4.56
CA GLY A 156 14.87 -26.38 -5.66
C GLY A 156 13.81 -25.43 -6.25
N VAL A 157 13.68 -24.23 -5.70
CA VAL A 157 12.66 -23.22 -6.15
C VAL A 157 13.37 -21.91 -6.37
N THR A 158 13.58 -21.58 -7.66
CA THR A 158 14.31 -20.35 -8.09
C THR A 158 13.29 -19.40 -8.72
N GLY A 159 13.77 -18.26 -9.25
CA GLY A 159 12.91 -17.36 -9.99
C GLY A 159 12.14 -18.02 -11.13
N ARG A 160 12.70 -19.03 -11.77
CA ARG A 160 12.00 -19.79 -12.86
C ARG A 160 10.71 -20.41 -12.34
N GLU A 161 10.83 -21.14 -11.23
CA GLU A 161 9.65 -21.80 -10.59
C GLU A 161 8.65 -20.74 -10.07
N ILE A 162 9.17 -19.70 -9.43
CA ILE A 162 8.27 -18.62 -8.96
C ILE A 162 7.49 -17.99 -10.10
N GLY A 163 8.13 -17.84 -11.28
CA GLY A 163 7.39 -17.42 -12.45
C GLY A 163 6.22 -18.34 -12.85
N TYR A 164 6.46 -19.66 -12.94
CA TYR A 164 5.39 -20.58 -13.35
C TYR A 164 4.30 -20.54 -12.29
N LEU A 165 4.69 -20.46 -11.03
CA LEU A 165 3.75 -20.42 -9.91
C LEU A 165 2.84 -19.20 -9.94
N PHE A 166 3.48 -18.04 -10.14
CA PHE A 166 2.76 -16.77 -10.21
C PHE A 166 1.80 -16.74 -11.38
N GLY A 167 2.27 -17.13 -12.55
CA GLY A 167 1.41 -17.14 -13.72
C GLY A 167 0.15 -18.01 -13.49
N GLN A 168 0.34 -19.17 -12.89
CA GLN A 168 -0.83 -20.00 -12.57
C GLN A 168 -1.72 -19.41 -11.51
N TYR A 169 -1.17 -18.77 -10.50
CA TYR A 169 -2.02 -18.09 -9.52
C TYR A 169 -2.86 -17.03 -10.19
N ARG A 170 -2.21 -16.21 -11.02
CA ARG A 170 -2.93 -15.17 -11.74
C ARG A 170 -4.06 -15.72 -12.59
N LYS A 171 -3.82 -16.82 -13.28
CA LYS A 171 -4.76 -17.43 -14.15
C LYS A 171 -5.97 -17.98 -13.27
N LEU A 172 -5.67 -18.53 -12.11
CA LEU A 172 -6.70 -19.12 -11.31
C LEU A 172 -7.53 -18.07 -10.65
N ARG A 173 -6.88 -17.16 -9.98
CA ARG A 173 -7.53 -16.20 -9.11
C ARG A 173 -7.93 -14.88 -9.74
N ASN A 174 -7.46 -14.67 -10.96
CA ASN A 174 -7.78 -13.40 -11.67
C ASN A 174 -7.46 -12.18 -10.76
N SER A 175 -6.24 -12.15 -10.26
CA SER A 175 -5.77 -11.05 -9.43
C SER A 175 -4.24 -10.98 -9.68
N TRP A 176 -3.72 -9.77 -9.64
CA TRP A 176 -2.29 -9.52 -9.80
C TRP A 176 -1.88 -8.88 -8.48
N GLU A 177 -1.19 -9.61 -7.66
CA GLU A 177 -0.88 -9.13 -6.30
C GLU A 177 0.40 -9.77 -5.77
N GLY A 178 0.90 -9.29 -4.63
CA GLY A 178 2.13 -9.80 -4.04
C GLY A 178 1.94 -11.11 -3.31
N VAL A 179 1.45 -12.12 -4.04
CA VAL A 179 1.15 -13.42 -3.45
C VAL A 179 2.43 -14.27 -3.33
N LEU A 180 3.43 -13.93 -4.10
CA LEU A 180 4.77 -14.56 -4.03
C LEU A 180 5.80 -13.47 -4.05
N THR A 181 6.98 -13.80 -3.48
CA THR A 181 8.16 -12.97 -3.66
C THR A 181 9.26 -13.77 -4.31
N GLY A 182 10.36 -13.09 -4.63
CA GLY A 182 11.35 -13.61 -5.56
C GLY A 182 10.86 -13.53 -7.01
N LYS A 183 9.92 -12.61 -7.29
CA LYS A 183 9.40 -12.39 -8.62
C LYS A 183 10.42 -11.64 -9.51
N GLY A 184 10.22 -11.75 -10.79
CA GLY A 184 11.03 -11.10 -11.83
C GLY A 184 10.86 -9.59 -11.81
N GLY A 185 11.92 -8.89 -12.21
CA GLY A 185 11.99 -7.43 -12.07
C GLY A 185 10.88 -6.67 -12.81
N SER A 186 10.36 -7.16 -13.90
CA SER A 186 9.30 -6.44 -14.64
C SER A 186 7.91 -6.79 -14.14
N TRP A 187 7.80 -7.82 -13.34
CA TRP A 187 6.45 -8.29 -12.86
C TRP A 187 6.40 -8.40 -11.34
N GLY A 188 6.82 -7.30 -10.72
CA GLY A 188 6.69 -7.04 -9.27
C GLY A 188 7.83 -7.53 -8.35
N GLY A 189 8.96 -7.86 -8.96
CA GLY A 189 10.14 -8.27 -8.18
C GLY A 189 10.83 -7.04 -7.56
N SER A 190 11.80 -7.33 -6.73
CA SER A 190 12.58 -6.29 -6.03
C SER A 190 13.99 -6.43 -6.49
N LEU A 191 14.63 -5.31 -6.82
CA LEU A 191 16.08 -5.36 -6.91
C LEU A 191 16.70 -5.84 -5.61
N ILE A 192 17.87 -6.44 -5.68
CA ILE A 192 18.60 -7.00 -4.51
C ILE A 192 17.98 -8.31 -3.93
N ARG A 193 16.75 -8.67 -4.33
CA ARG A 193 16.25 -9.97 -3.84
C ARG A 193 17.06 -11.16 -4.27
N PRO A 194 17.57 -11.17 -5.51
CA PRO A 194 18.42 -12.37 -5.83
C PRO A 194 19.64 -12.51 -4.96
N GLU A 195 20.22 -11.33 -4.64
CA GLU A 195 21.44 -11.26 -3.87
C GLU A 195 21.19 -11.35 -2.36
N ALA A 196 19.97 -11.13 -1.93
CA ALA A 196 19.73 -10.77 -0.52
C ALA A 196 20.14 -11.80 0.54
N THR A 197 19.82 -13.07 0.32
CA THR A 197 20.03 -14.03 1.37
C THR A 197 21.51 -14.19 1.64
N GLY A 198 22.27 -14.41 0.56
CA GLY A 198 23.73 -14.61 0.79
C GLY A 198 24.44 -13.27 1.19
N TYR A 199 24.00 -12.15 0.59
CA TYR A 199 24.56 -10.87 1.03
C TYR A 199 24.34 -10.70 2.52
N GLY A 200 23.12 -11.02 3.01
CA GLY A 200 22.83 -10.84 4.41
C GLY A 200 23.65 -11.67 5.35
N VAL A 201 23.96 -12.87 4.96
CA VAL A 201 24.77 -13.77 5.77
C VAL A 201 26.13 -13.03 6.02
N VAL A 202 26.66 -12.50 4.96
CA VAL A 202 27.96 -11.88 4.95
C VAL A 202 27.90 -10.58 5.75
N TYR A 203 26.91 -9.73 5.51
CA TYR A 203 26.67 -8.54 6.28
C TYR A 203 26.60 -8.84 7.79
N TYR A 204 25.95 -9.94 8.14
CA TYR A 204 25.81 -10.30 9.54
C TYR A 204 27.20 -10.65 10.13
N VAL A 205 27.95 -11.48 9.40
CA VAL A 205 29.24 -11.89 9.82
C VAL A 205 30.17 -10.65 9.94
N GLU A 206 30.06 -9.64 9.09
CA GLU A 206 30.86 -8.42 9.25
C GLU A 206 30.72 -7.87 10.61
N HIS A 207 29.48 -7.83 11.12
CA HIS A 207 29.24 -7.34 12.48
C HIS A 207 29.85 -8.24 13.57
N MET A 208 29.77 -9.54 13.38
CA MET A 208 30.40 -10.48 14.28
C MET A 208 31.94 -10.19 14.35
N ILE A 209 32.57 -10.03 13.20
CA ILE A 209 34.04 -9.82 13.15
C ILE A 209 34.36 -8.47 13.83
N ALA A 210 33.61 -7.41 13.50
CA ALA A 210 33.80 -6.08 14.07
C ALA A 210 33.74 -6.19 15.59
N HIS A 211 32.72 -6.88 16.11
CA HIS A 211 32.49 -6.91 17.49
C HIS A 211 33.61 -7.70 18.20
N ALA A 212 33.86 -8.91 17.72
CA ALA A 212 34.81 -9.83 18.36
C ALA A 212 36.25 -9.22 18.35
N THR A 213 36.59 -8.46 17.32
CA THR A 213 37.96 -7.98 17.20
C THR A 213 38.06 -6.50 17.48
N ASN A 214 37.03 -5.91 18.07
N ASN A 214 37.02 -5.94 18.05
CA ASN A 214 36.93 -4.44 18.32
CA ASN A 214 37.02 -4.54 18.36
C ASN A 214 37.24 -3.56 17.11
C ASN A 214 37.45 -3.76 17.12
N GLY A 215 36.83 -4.04 15.96
CA GLY A 215 37.06 -3.31 14.73
C GLY A 215 38.44 -3.49 14.08
N ALA A 216 39.27 -4.39 14.63
CA ALA A 216 40.65 -4.52 14.11
C ALA A 216 40.69 -5.31 12.79
N GLU A 217 39.77 -6.30 12.67
CA GLU A 217 39.75 -7.20 11.51
C GLU A 217 38.45 -6.97 10.72
N SER A 218 38.41 -7.50 9.47
CA SER A 218 37.18 -7.43 8.65
C SER A 218 37.20 -8.67 7.78
N PHE A 219 36.44 -8.71 6.68
CA PHE A 219 36.64 -9.81 5.74
C PHE A 219 37.90 -9.65 4.88
N ALA A 220 38.52 -8.48 4.93
CA ALA A 220 39.69 -8.24 4.02
C ALA A 220 40.74 -9.26 4.28
N GLY A 221 41.11 -10.05 3.26
CA GLY A 221 42.04 -11.15 3.37
C GLY A 221 41.71 -12.36 4.13
N LYS A 222 40.47 -12.45 4.63
CA LYS A 222 40.11 -13.66 5.37
C LYS A 222 39.79 -14.81 4.39
N ARG A 223 40.10 -16.01 4.85
CA ARG A 223 39.85 -17.21 4.13
C ARG A 223 38.45 -17.73 4.57
N VAL A 224 37.56 -17.94 3.56
CA VAL A 224 36.13 -18.29 3.88
C VAL A 224 35.78 -19.56 3.17
N ALA A 225 35.43 -20.59 3.94
CA ALA A 225 34.99 -21.80 3.40
C ALA A 225 33.48 -21.78 3.35
N ILE A 226 32.96 -22.00 2.19
CA ILE A 226 31.48 -22.02 1.91
C ILE A 226 31.14 -23.41 1.42
N SER A 227 29.90 -23.85 1.78
CA SER A 227 29.37 -25.08 1.23
C SER A 227 28.06 -24.73 0.46
N GLY A 228 27.65 -25.65 -0.44
CA GLY A 228 26.60 -25.30 -1.41
C GLY A 228 27.13 -24.50 -2.54
N SER A 229 26.31 -24.36 -3.57
CA SER A 229 26.67 -23.63 -4.72
C SER A 229 25.40 -23.07 -5.39
N GLY A 230 24.33 -22.97 -4.59
CA GLY A 230 23.09 -22.41 -5.12
C GLY A 230 22.98 -20.93 -4.83
N ASN A 231 21.73 -20.46 -4.69
CA ASN A 231 21.46 -19.07 -4.52
C ASN A 231 22.20 -18.44 -3.29
N VAL A 232 22.12 -19.10 -2.13
CA VAL A 232 22.72 -18.52 -0.90
C VAL A 232 24.27 -18.52 -1.05
N ALA A 233 24.79 -19.64 -1.39
CA ALA A 233 26.27 -19.79 -1.50
C ALA A 233 26.83 -18.85 -2.54
N GLN A 234 26.17 -18.75 -3.70
CA GLN A 234 26.69 -17.94 -4.76
C GLN A 234 26.88 -16.49 -4.31
N TYR A 235 25.82 -15.91 -3.75
CA TYR A 235 25.87 -14.47 -3.43
C TYR A 235 26.61 -14.19 -2.13
N ALA A 236 26.66 -15.16 -1.19
CA ALA A 236 27.57 -15.06 -0.07
C ALA A 236 29.03 -14.98 -0.60
N ALA A 237 29.33 -15.81 -1.54
CA ALA A 237 30.68 -15.85 -2.10
C ALA A 237 31.02 -14.58 -2.80
N LEU A 238 30.07 -14.08 -3.60
CA LEU A 238 30.31 -12.80 -4.26
C LEU A 238 30.49 -11.62 -3.29
N LYS A 239 29.72 -11.56 -2.17
CA LYS A 239 29.84 -10.43 -1.28
C LYS A 239 31.23 -10.55 -0.58
N VAL A 240 31.61 -11.76 -0.20
CA VAL A 240 32.93 -11.98 0.48
C VAL A 240 34.06 -11.44 -0.43
N ILE A 241 33.99 -11.78 -1.70
CA ILE A 241 35.00 -11.34 -2.68
C ILE A 241 34.98 -9.82 -2.83
N GLU A 242 33.79 -9.20 -2.92
CA GLU A 242 33.65 -7.78 -3.03
C GLU A 242 34.31 -7.10 -1.79
N LEU A 243 34.21 -7.72 -0.62
CA LEU A 243 34.77 -7.10 0.60
C LEU A 243 36.31 -7.46 0.76
N GLY A 244 36.87 -8.17 -0.20
CA GLY A 244 38.29 -8.48 -0.25
C GLY A 244 38.62 -9.73 0.49
N GLY A 245 37.59 -10.52 0.81
CA GLY A 245 37.90 -11.87 1.29
C GLY A 245 38.18 -12.88 0.19
N ARG A 246 38.63 -14.06 0.57
CA ARG A 246 38.98 -15.14 -0.35
C ARG A 246 38.06 -16.36 -0.03
N VAL A 247 37.37 -16.82 -1.07
CA VAL A 247 36.46 -17.98 -1.00
C VAL A 247 37.24 -19.16 -1.41
N VAL A 248 37.46 -20.03 -0.45
CA VAL A 248 38.33 -21.18 -0.72
C VAL A 248 37.62 -22.46 -1.14
N SER A 249 36.30 -22.50 -0.95
CA SER A 249 35.56 -23.70 -1.27
C SER A 249 34.10 -23.37 -1.65
N LEU A 250 33.53 -24.19 -2.52
CA LEU A 250 32.09 -24.33 -2.70
C LEU A 250 31.84 -25.79 -2.76
N SER A 251 30.58 -26.19 -2.76
CA SER A 251 30.23 -27.60 -2.88
C SER A 251 28.82 -27.78 -3.42
N ASP A 252 28.50 -29.02 -3.73
CA ASP A 252 27.13 -29.41 -4.13
C ASP A 252 26.80 -30.76 -3.56
N SER A 253 25.71 -31.35 -3.98
CA SER A 253 25.28 -32.64 -3.44
C SER A 253 26.21 -33.79 -3.82
N GLN A 254 27.14 -33.58 -4.74
CA GLN A 254 28.06 -34.68 -5.17
CA GLN A 254 28.06 -34.67 -5.18
C GLN A 254 29.51 -34.51 -4.68
N GLY A 255 29.92 -33.29 -4.34
CA GLY A 255 31.29 -33.08 -3.87
C GLY A 255 31.66 -31.66 -3.56
N SER A 256 32.91 -31.47 -3.18
CA SER A 256 33.46 -30.16 -2.86
C SER A 256 34.52 -29.76 -3.84
N LEU A 257 34.59 -28.47 -4.13
CA LEU A 257 35.57 -27.86 -5.05
C LEU A 257 36.36 -26.85 -4.28
N ILE A 258 37.68 -27.09 -4.10
CA ILE A 258 38.45 -26.37 -3.14
C ILE A 258 39.67 -25.79 -3.84
N VAL A 259 40.01 -24.52 -3.63
CA VAL A 259 41.25 -24.02 -4.25
C VAL A 259 42.48 -24.86 -3.76
N LYS A 260 43.45 -25.10 -4.62
CA LYS A 260 44.68 -25.85 -4.17
C LYS A 260 45.52 -25.05 -3.24
N ASP A 261 45.55 -23.75 -3.41
CA ASP A 261 46.20 -22.88 -2.46
C ASP A 261 45.25 -22.05 -1.61
N THR A 262 44.92 -22.59 -0.44
CA THR A 262 43.91 -21.98 0.40
C THR A 262 44.44 -20.85 1.20
N ALA A 263 45.76 -20.68 1.27
CA ALA A 263 46.32 -19.54 1.99
C ALA A 263 46.16 -18.29 1.17
N LYS A 264 46.32 -18.41 -0.16
CA LYS A 264 46.32 -17.24 -1.03
C LYS A 264 45.37 -17.16 -2.23
N ASP A 265 44.74 -18.26 -2.62
CA ASP A 265 43.91 -18.22 -3.81
C ASP A 265 42.37 -18.11 -3.42
N SER A 266 41.56 -17.88 -4.42
CA SER A 266 40.06 -17.66 -4.18
C SER A 266 39.31 -18.00 -5.48
N PHE A 267 38.07 -18.47 -5.33
CA PHE A 267 37.09 -18.32 -6.44
C PHE A 267 37.03 -16.87 -6.88
N THR A 268 36.76 -16.70 -8.17
CA THR A 268 36.49 -15.42 -8.76
C THR A 268 35.03 -15.29 -9.14
N PRO A 269 34.58 -14.06 -9.40
CA PRO A 269 33.19 -13.89 -9.86
C PRO A 269 32.88 -14.68 -11.14
N ALA A 270 33.85 -14.72 -12.06
CA ALA A 270 33.63 -15.45 -13.30
C ALA A 270 33.43 -16.93 -13.07
N GLU A 271 34.18 -17.51 -12.16
CA GLU A 271 34.05 -18.87 -11.83
C GLU A 271 32.70 -19.17 -11.15
N ILE A 272 32.33 -18.30 -10.24
CA ILE A 272 31.01 -18.38 -9.58
C ILE A 272 29.91 -18.32 -10.65
N ASP A 273 29.97 -17.37 -11.56
CA ASP A 273 28.98 -17.29 -12.65
CA ASP A 273 28.98 -17.33 -12.62
C ASP A 273 28.92 -18.62 -13.47
N ALA A 274 30.04 -19.26 -13.75
CA ALA A 274 30.03 -20.52 -14.47
C ALA A 274 29.33 -21.61 -13.67
N ILE A 275 29.61 -21.67 -12.40
CA ILE A 275 28.94 -22.62 -11.54
C ILE A 275 27.40 -22.35 -11.44
N ALA A 276 27.07 -21.10 -11.36
CA ALA A 276 25.66 -20.67 -11.27
C ALA A 276 24.91 -21.12 -12.54
N ALA A 277 25.56 -20.98 -13.72
CA ALA A 277 24.92 -21.34 -15.00
C ALA A 277 24.75 -22.83 -15.02
N LEU A 278 25.69 -23.66 -14.50
CA LEU A 278 25.45 -25.10 -14.41
C LEU A 278 24.19 -25.41 -13.57
N LYS A 279 24.10 -24.67 -12.45
CA LYS A 279 23.06 -24.88 -11.51
C LYS A 279 21.64 -24.46 -12.01
N VAL A 280 21.56 -23.48 -12.88
CA VAL A 280 20.30 -23.09 -13.54
C VAL A 280 19.84 -24.34 -14.32
N ASP A 281 20.81 -25.01 -14.94
CA ASP A 281 20.57 -26.24 -15.77
C ASP A 281 20.59 -27.51 -14.99
N ARG A 282 20.62 -27.45 -13.68
CA ARG A 282 20.47 -28.62 -12.80
C ARG A 282 21.58 -29.64 -13.01
N LYS A 283 22.76 -29.10 -13.27
CA LYS A 283 24.00 -29.91 -13.44
C LYS A 283 24.92 -29.81 -12.26
N GLN A 284 25.92 -30.68 -12.22
CA GLN A 284 26.84 -30.77 -11.07
C GLN A 284 28.19 -30.06 -11.33
N ILE A 285 28.79 -29.58 -10.23
CA ILE A 285 30.12 -29.00 -10.29
C ILE A 285 31.12 -29.93 -10.97
N ALA A 286 30.94 -31.23 -10.75
CA ALA A 286 31.79 -32.27 -11.37
C ALA A 286 31.97 -32.08 -12.85
N GLU A 287 30.98 -31.53 -13.55
CA GLU A 287 31.10 -31.34 -15.00
C GLU A 287 32.21 -30.41 -15.43
N LEU A 288 32.68 -29.45 -14.62
CA LEU A 288 33.60 -28.51 -15.15
C LEU A 288 34.95 -28.67 -14.54
N VAL A 289 35.13 -29.67 -13.72
CA VAL A 289 36.32 -29.67 -12.93
C VAL A 289 37.56 -30.02 -13.74
N THR A 290 37.39 -30.59 -14.93
CA THR A 290 38.54 -30.87 -15.81
C THR A 290 38.72 -29.78 -16.91
N ASP A 291 37.81 -28.82 -17.07
CA ASP A 291 38.07 -27.68 -17.99
C ASP A 291 39.33 -26.97 -17.57
N ALA A 292 39.91 -26.24 -18.51
CA ALA A 292 41.25 -25.65 -18.35
C ALA A 292 41.32 -24.69 -17.12
N ALA A 293 40.29 -23.85 -17.08
CA ALA A 293 40.01 -22.82 -16.05
C ALA A 293 39.87 -23.36 -14.61
N PHE A 294 39.71 -24.69 -14.45
CA PHE A 294 39.47 -25.28 -13.16
C PHE A 294 40.47 -26.37 -12.77
N ALA A 295 40.94 -27.19 -13.73
CA ALA A 295 41.76 -28.42 -13.44
C ALA A 295 42.96 -28.12 -12.62
N ASP A 296 43.66 -27.07 -13.01
CA ASP A 296 44.90 -26.65 -12.30
C ASP A 296 44.76 -25.85 -11.06
N LYS A 297 43.65 -25.12 -10.94
CA LYS A 297 43.46 -24.20 -9.81
C LYS A 297 42.79 -24.87 -8.60
N PHE A 298 41.97 -25.88 -8.85
CA PHE A 298 41.10 -26.46 -7.82
C PHE A 298 41.32 -27.97 -7.71
N THR A 299 41.01 -28.52 -6.54
CA THR A 299 40.83 -29.93 -6.29
C THR A 299 39.31 -30.22 -6.09
N TYR A 300 38.77 -31.12 -6.87
CA TYR A 300 37.42 -31.68 -6.66
C TYR A 300 37.49 -32.94 -5.79
N LEU A 301 36.70 -32.98 -4.71
CA LEU A 301 36.57 -34.10 -3.81
C LEU A 301 35.16 -34.71 -3.82
N PRO A 302 34.95 -35.73 -4.64
CA PRO A 302 33.63 -36.42 -4.61
C PRO A 302 33.32 -36.98 -3.26
N GLY A 303 32.07 -36.75 -2.87
CA GLY A 303 31.54 -37.32 -1.65
C GLY A 303 31.98 -36.64 -0.41
N GLN A 304 32.70 -35.53 -0.47
CA GLN A 304 33.19 -34.88 0.76
C GLN A 304 32.62 -33.46 0.91
N ARG A 305 32.49 -33.06 2.16
CA ARG A 305 32.17 -31.69 2.59
C ARG A 305 33.48 -30.94 2.64
N PRO A 306 33.47 -29.62 2.64
CA PRO A 306 34.75 -28.92 2.58
C PRO A 306 35.56 -28.80 3.87
N TRP A 307 34.93 -28.95 5.03
CA TRP A 307 35.39 -28.41 6.28
C TRP A 307 36.79 -28.93 6.70
N VAL A 308 37.00 -30.22 6.54
CA VAL A 308 38.32 -30.85 6.95
C VAL A 308 39.36 -30.75 5.88
N HIS A 309 39.01 -30.22 4.71
CA HIS A 309 39.85 -30.17 3.52
C HIS A 309 40.38 -28.83 3.09
N VAL A 310 40.11 -27.78 3.82
CA VAL A 310 40.46 -26.44 3.42
C VAL A 310 41.71 -25.93 4.16
N GLY A 311 42.35 -26.76 4.97
CA GLY A 311 43.47 -26.28 5.83
C GLY A 311 42.99 -25.24 6.81
N ALA A 312 43.89 -24.27 7.13
CA ALA A 312 43.61 -23.23 8.05
C ALA A 312 42.61 -22.30 7.35
N VAL A 313 41.58 -21.90 8.09
CA VAL A 313 40.47 -21.07 7.54
C VAL A 313 39.97 -20.16 8.62
N ASP A 314 39.41 -19.00 8.25
CA ASP A 314 38.99 -18.01 9.19
C ASP A 314 37.47 -18.00 9.45
N VAL A 315 36.70 -18.23 8.37
CA VAL A 315 35.24 -18.09 8.45
C VAL A 315 34.62 -19.28 7.73
N ALA A 316 33.55 -19.86 8.28
CA ALA A 316 32.82 -20.90 7.62
C ALA A 316 31.38 -20.49 7.42
N LEU A 317 30.89 -20.68 6.22
CA LEU A 317 29.46 -20.31 5.87
C LEU A 317 28.79 -21.51 5.28
N PRO A 318 28.33 -22.46 6.10
CA PRO A 318 27.55 -23.54 5.53
C PRO A 318 26.27 -22.94 4.85
N SER A 319 26.09 -23.27 3.56
CA SER A 319 25.06 -22.57 2.75
C SER A 319 24.27 -23.53 1.88
N ALA A 320 24.21 -24.80 2.27
CA ALA A 320 23.59 -25.80 1.40
C ALA A 320 22.26 -26.33 2.04
N THR A 321 22.35 -27.00 3.20
CA THR A 321 21.25 -27.78 3.74
C THR A 321 21.43 -28.04 5.22
N GLN A 322 20.37 -28.61 5.88
CA GLN A 322 20.42 -28.83 7.27
C GLN A 322 21.48 -29.91 7.65
N ASN A 323 22.05 -29.78 8.82
CA ASN A 323 22.89 -30.86 9.38
C ASN A 323 24.06 -31.21 8.51
N GLU A 324 24.69 -30.18 7.97
CA GLU A 324 25.82 -30.37 7.08
C GLU A 324 27.20 -30.02 7.70
N VAL A 325 27.20 -29.75 8.99
CA VAL A 325 28.44 -29.57 9.79
C VAL A 325 28.29 -30.51 10.96
N SER A 326 29.03 -31.64 10.91
CA SER A 326 29.04 -32.58 12.06
C SER A 326 29.88 -32.13 13.25
N GLY A 327 29.79 -32.88 14.35
CA GLY A 327 30.58 -32.54 15.48
C GLY A 327 32.08 -32.65 15.15
N GLU A 328 32.46 -33.66 14.42
CA GLU A 328 33.88 -33.84 14.08
C GLU A 328 34.33 -32.71 13.17
N GLU A 329 33.47 -32.33 12.21
CA GLU A 329 33.80 -31.19 11.32
C GLU A 329 33.94 -29.91 12.10
N ALA A 330 33.10 -29.72 13.11
CA ALA A 330 33.21 -28.57 13.95
C ALA A 330 34.57 -28.55 14.65
N GLN A 331 34.94 -29.68 15.21
CA GLN A 331 36.30 -29.75 15.93
C GLN A 331 37.41 -29.47 14.95
N ALA A 332 37.31 -29.96 13.74
CA ALA A 332 38.30 -29.62 12.71
C ALA A 332 38.39 -28.18 12.40
N LEU A 333 37.22 -27.49 12.27
CA LEU A 333 37.24 -26.08 11.99
C LEU A 333 37.91 -25.29 13.15
N ILE A 334 37.57 -25.70 14.36
CA ILE A 334 38.16 -25.07 15.56
C ILE A 334 39.71 -25.27 15.48
N ALA A 335 40.11 -26.49 15.23
CA ALA A 335 41.61 -26.76 15.15
C ALA A 335 42.28 -26.04 13.99
N ALA A 336 41.53 -25.69 12.95
CA ALA A 336 42.06 -24.96 11.82
C ALA A 336 42.09 -23.47 12.06
N GLY A 337 41.69 -23.00 13.22
CA GLY A 337 41.77 -21.58 13.60
C GLY A 337 40.53 -20.77 13.14
N CYS A 338 39.48 -21.49 12.71
CA CYS A 338 38.18 -20.81 12.34
C CYS A 338 37.63 -20.08 13.53
N LYS A 339 37.30 -18.82 13.34
N LYS A 339 37.28 -18.83 13.35
CA LYS A 339 36.81 -17.98 14.42
CA LYS A 339 36.76 -18.03 14.44
C LYS A 339 35.36 -17.53 14.25
C LYS A 339 35.36 -17.47 14.21
N PHE A 340 34.77 -17.75 13.06
CA PHE A 340 33.38 -17.29 12.79
C PHE A 340 32.69 -18.36 11.94
N ILE A 341 31.51 -18.78 12.38
CA ILE A 341 30.71 -19.76 11.60
C ILE A 341 29.25 -19.26 11.72
N ALA A 342 28.69 -18.97 10.54
CA ALA A 342 27.28 -18.50 10.46
C ALA A 342 26.55 -19.43 9.48
N GLU A 343 25.31 -19.81 9.90
CA GLU A 343 24.45 -20.65 9.08
C GLU A 343 23.79 -19.81 7.96
N GLY A 344 24.28 -19.96 6.75
CA GLY A 344 23.52 -19.59 5.54
C GLY A 344 22.36 -20.61 5.38
N SER A 345 22.62 -21.91 5.58
CA SER A 345 21.59 -22.93 5.54
C SER A 345 20.78 -23.00 6.83
N ASN A 346 19.46 -23.22 6.73
CA ASN A 346 18.67 -23.43 7.94
C ASN A 346 19.14 -24.70 8.67
N MET A 347 19.33 -24.59 10.00
CA MET A 347 19.79 -25.64 10.91
C MET A 347 21.04 -26.31 10.29
N GLY A 348 21.92 -25.50 9.72
CA GLY A 348 23.04 -26.07 9.01
C GLY A 348 24.01 -26.89 9.89
N CYS A 349 24.18 -26.46 11.15
CA CYS A 349 25.06 -27.21 12.08
C CYS A 349 24.26 -28.29 12.82
N THR A 350 24.82 -29.50 12.97
CA THR A 350 24.24 -30.48 13.89
C THR A 350 24.32 -30.00 15.30
N GLN A 351 23.53 -30.64 16.19
CA GLN A 351 23.62 -30.28 17.59
C GLN A 351 25.04 -30.43 18.18
N ALA A 352 25.71 -31.49 17.79
CA ALA A 352 27.09 -31.77 18.30
C ALA A 352 28.00 -30.60 17.87
N ALA A 353 27.84 -30.11 16.66
CA ALA A 353 28.55 -28.95 16.22
C ALA A 353 28.26 -27.71 17.04
N ILE A 354 26.97 -27.40 17.29
CA ILE A 354 26.66 -26.25 18.02
C ILE A 354 27.29 -26.36 19.41
N ASP A 355 27.14 -27.52 20.01
CA ASP A 355 27.63 -27.68 21.38
C ASP A 355 29.18 -27.42 21.44
N ALA A 356 29.88 -27.92 20.46
CA ALA A 356 31.35 -27.71 20.32
C ALA A 356 31.65 -26.22 20.19
N PHE A 357 30.91 -25.50 19.33
CA PHE A 357 31.15 -24.07 19.22
C PHE A 357 30.84 -23.28 20.47
N GLU A 358 29.74 -23.61 21.13
CA GLU A 358 29.32 -22.87 22.26
C GLU A 358 30.25 -23.23 23.48
N ALA A 359 30.65 -24.47 23.64
CA ALA A 359 31.70 -24.81 24.67
C ALA A 359 33.01 -24.07 24.46
N HIS A 360 33.39 -23.92 23.20
CA HIS A 360 34.59 -23.13 22.85
C HIS A 360 34.45 -21.69 23.17
N ARG A 361 33.29 -21.13 22.84
CA ARG A 361 33.04 -19.76 23.22
C ARG A 361 33.13 -19.52 24.76
N GLU A 362 32.51 -20.42 25.49
CA GLU A 362 32.49 -20.29 26.94
C GLU A 362 33.91 -20.48 27.62
N ALA A 363 34.79 -21.19 26.92
CA ALA A 363 36.17 -21.52 27.37
C ALA A 363 37.25 -20.57 26.89
N ASN A 364 36.96 -19.67 25.97
CA ASN A 364 37.97 -18.83 25.32
C ASN A 364 37.55 -17.40 25.22
N LYS A 365 38.29 -16.45 25.84
CA LYS A 365 37.85 -15.08 25.83
C LYS A 365 37.96 -14.42 24.49
N GLY A 366 36.97 -13.60 24.22
CA GLY A 366 36.98 -12.62 23.14
C GLY A 366 37.29 -13.27 21.80
N ALA A 367 38.24 -12.67 21.11
CA ALA A 367 38.62 -13.10 19.75
C ALA A 367 39.28 -14.42 19.66
N ALA A 368 39.60 -15.04 20.80
CA ALA A 368 40.10 -16.40 20.78
C ALA A 368 39.02 -17.50 20.57
N ALA A 369 37.77 -17.13 20.72
CA ALA A 369 36.64 -18.07 20.55
C ALA A 369 36.20 -18.15 19.08
N ILE A 370 35.73 -19.31 18.72
CA ILE A 370 34.86 -19.48 17.52
C ILE A 370 33.44 -18.99 17.90
N TRP A 371 32.92 -18.05 17.12
CA TRP A 371 31.64 -17.47 17.40
C TRP A 371 30.62 -18.01 16.31
N TYR A 372 29.60 -18.68 16.81
CA TYR A 372 28.56 -19.39 16.00
C TYR A 372 27.29 -18.52 15.98
N ALA A 373 26.75 -18.30 14.77
CA ALA A 373 25.47 -17.56 14.58
C ALA A 373 24.49 -18.53 13.85
N PRO A 374 23.26 -18.60 14.38
CA PRO A 374 22.24 -19.50 13.83
C PRO A 374 21.59 -18.91 12.57
N GLY A 375 21.02 -19.81 11.78
CA GLY A 375 20.42 -19.38 10.53
C GLY A 375 19.25 -18.42 10.69
N LYS A 376 18.53 -18.49 11.79
CA LYS A 376 17.39 -17.55 11.97
C LYS A 376 17.87 -16.14 12.07
N ALA A 377 19.15 -15.95 12.44
CA ALA A 377 19.73 -14.61 12.43
C ALA A 377 20.43 -14.32 11.14
N ALA A 378 21.36 -15.17 10.74
CA ALA A 378 22.21 -14.89 9.59
C ALA A 378 21.53 -14.96 8.22
N ASN A 379 20.50 -15.81 8.11
CA ASN A 379 19.81 -16.10 6.80
C ASN A 379 18.67 -15.07 6.64
N ALA A 380 18.39 -14.24 7.62
CA ALA A 380 17.15 -13.41 7.68
C ALA A 380 17.11 -12.33 6.62
N GLY A 381 18.23 -12.06 5.93
CA GLY A 381 18.17 -10.99 4.92
C GLY A 381 17.31 -11.32 3.69
N GLY A 382 17.22 -12.60 3.39
CA GLY A 382 16.40 -13.07 2.26
C GLY A 382 14.91 -12.74 2.47
N VAL A 383 14.36 -13.27 3.55
CA VAL A 383 13.02 -12.99 3.92
C VAL A 383 12.82 -11.49 4.13
N ALA A 384 13.82 -10.79 4.66
CA ALA A 384 13.63 -9.35 4.90
C ALA A 384 13.39 -8.65 3.59
N VAL A 385 14.24 -8.93 2.60
CA VAL A 385 14.06 -8.30 1.29
C VAL A 385 12.77 -8.78 0.61
N SER A 386 12.34 -10.03 0.85
CA SER A 386 10.96 -10.41 0.48
C SER A 386 9.94 -9.51 1.11
N GLY A 387 10.10 -9.17 2.39
CA GLY A 387 9.17 -8.22 2.98
C GLY A 387 9.14 -6.87 2.29
N LEU A 388 10.33 -6.41 1.87
CA LEU A 388 10.44 -5.20 1.12
C LEU A 388 9.81 -5.32 -0.26
N GLU A 389 9.91 -6.48 -0.87
CA GLU A 389 9.19 -6.76 -2.12
C GLU A 389 7.64 -6.66 -1.95
N MET A 390 7.13 -7.21 -0.86
CA MET A 390 5.71 -7.04 -0.48
C MET A 390 5.38 -5.54 -0.30
N ALA A 391 6.28 -4.81 0.38
CA ALA A 391 6.04 -3.41 0.61
C ALA A 391 5.99 -2.66 -0.73
N GLN A 392 6.93 -2.99 -1.61
CA GLN A 392 6.91 -2.36 -2.97
C GLN A 392 5.64 -2.67 -3.77
N ASN A 393 5.25 -3.93 -3.73
CA ASN A 393 4.03 -4.33 -4.41
C ASN A 393 2.80 -3.63 -3.85
N SER A 394 2.80 -3.48 -2.52
CA SER A 394 1.69 -2.77 -1.89
C SER A 394 1.63 -1.31 -2.29
N ALA A 395 2.80 -0.67 -2.36
CA ALA A 395 2.93 0.73 -2.77
C ALA A 395 2.68 0.93 -4.28
N ARG A 396 2.81 -0.16 -5.03
CA ARG A 396 2.69 -0.15 -6.48
C ARG A 396 3.83 0.60 -7.13
N LEU A 397 5.02 0.49 -6.51
CA LEU A 397 6.17 1.20 -7.00
C LEU A 397 7.38 0.25 -6.85
N SER A 398 8.48 0.62 -7.49
CA SER A 398 9.69 -0.16 -7.44
C SER A 398 10.82 0.73 -6.93
N TRP A 399 11.55 0.20 -5.97
CA TRP A 399 12.68 0.92 -5.33
C TRP A 399 13.99 0.67 -6.04
N THR A 400 14.97 1.50 -5.79
CA THR A 400 16.32 1.33 -6.35
C THR A 400 17.08 0.22 -5.62
N ALA A 401 18.05 -0.31 -6.30
CA ALA A 401 18.95 -1.24 -5.66
C ALA A 401 19.59 -0.66 -4.43
N GLU A 402 20.06 0.59 -4.52
CA GLU A 402 20.65 1.24 -3.33
C GLU A 402 19.70 1.37 -2.18
N GLU A 403 18.43 1.70 -2.46
CA GLU A 403 17.48 1.79 -1.39
C GLU A 403 17.21 0.43 -0.69
N VAL A 404 17.09 -0.63 -1.51
CA VAL A 404 16.82 -1.94 -0.92
C VAL A 404 18.06 -2.44 -0.15
N ASP A 405 19.24 -2.27 -0.73
CA ASP A 405 20.47 -2.77 -0.10
C ASP A 405 20.74 -2.03 1.24
N ALA A 406 20.44 -0.73 1.26
CA ALA A 406 20.58 0.05 2.47
C ALA A 406 19.67 -0.47 3.57
N ARG A 407 18.42 -0.77 3.23
CA ARG A 407 17.48 -1.34 4.24
C ARG A 407 17.95 -2.72 4.69
N LEU A 408 18.41 -3.54 3.76
CA LEU A 408 18.97 -4.86 4.08
C LEU A 408 20.10 -4.73 5.10
N LYS A 409 21.03 -3.84 4.81
CA LYS A 409 22.13 -3.62 5.71
C LYS A 409 21.67 -3.22 7.12
N ASP A 410 20.73 -2.30 7.21
CA ASP A 410 20.23 -1.85 8.51
CA ASP A 410 20.18 -1.85 8.52
C ASP A 410 19.54 -3.02 9.24
N ILE A 411 18.78 -3.84 8.50
CA ILE A 411 18.09 -4.95 9.11
C ILE A 411 19.07 -5.99 9.63
N MET A 412 20.12 -6.27 8.93
CA MET A 412 21.05 -7.27 9.44
C MET A 412 21.81 -6.76 10.69
N LYS A 413 22.18 -5.48 10.63
CA LYS A 413 22.83 -4.84 11.79
C LYS A 413 21.94 -4.90 13.03
N SER A 414 20.68 -4.51 12.91
CA SER A 414 19.72 -4.60 13.98
C SER A 414 19.53 -6.01 14.47
N CYS A 415 19.52 -7.00 13.58
CA CYS A 415 19.31 -8.36 13.94
C CYS A 415 20.51 -8.86 14.80
N PHE A 416 21.74 -8.51 14.35
CA PHE A 416 22.95 -8.83 15.19
C PHE A 416 22.87 -8.14 16.55
N GLN A 417 22.57 -6.86 16.58
CA GLN A 417 22.56 -6.13 17.83
CA GLN A 417 22.53 -6.07 17.84
C GLN A 417 21.48 -6.65 18.78
N ASN A 418 20.33 -7.04 18.25
CA ASN A 418 19.24 -7.61 19.07
C ASN A 418 19.72 -8.93 19.68
N GLY A 419 20.31 -9.83 18.90
CA GLY A 419 20.80 -11.10 19.44
C GLY A 419 21.86 -10.84 20.56
N LEU A 420 22.83 -10.01 20.23
CA LEU A 420 23.90 -9.61 21.18
C LEU A 420 23.31 -9.06 22.47
N ASP A 421 22.45 -8.04 22.37
CA ASP A 421 21.93 -7.39 23.52
C ASP A 421 21.00 -8.30 24.33
N THR A 422 20.19 -9.11 23.67
CA THR A 422 19.32 -9.98 24.37
C THR A 422 20.10 -11.05 25.11
N ALA A 423 21.18 -11.57 24.51
CA ALA A 423 22.00 -12.55 25.21
C ALA A 423 22.63 -11.88 26.51
N LYS A 424 23.08 -10.63 26.37
CA LYS A 424 23.64 -9.90 27.53
C LYS A 424 22.64 -9.71 28.64
N GLU A 425 21.38 -9.48 28.31
CA GLU A 425 20.33 -9.31 29.30
C GLU A 425 19.92 -10.60 29.96
N TYR A 426 19.67 -11.66 29.19
CA TYR A 426 19.05 -12.87 29.70
C TYR A 426 19.98 -14.02 29.95
N ALA A 427 21.18 -13.97 29.39
CA ALA A 427 22.14 -15.05 29.55
C ALA A 427 23.56 -14.50 29.63
N THR A 428 23.73 -13.57 30.55
CA THR A 428 24.91 -12.72 30.62
C THR A 428 26.15 -13.59 30.70
N PRO A 429 27.08 -13.44 29.77
CA PRO A 429 28.22 -14.34 29.81
C PRO A 429 29.25 -13.87 30.94
N ALA A 430 30.18 -14.74 31.25
CA ALA A 430 31.27 -14.38 32.17
C ALA A 430 32.09 -13.29 31.59
N ASP A 431 32.90 -12.65 32.43
CA ASP A 431 33.72 -11.52 31.98
C ASP A 431 34.68 -11.92 30.85
N GLY A 432 34.66 -11.12 29.79
CA GLY A 432 35.46 -11.34 28.63
C GLY A 432 34.94 -12.40 27.63
N ILE A 433 33.85 -13.07 27.97
CA ILE A 433 33.26 -14.13 27.08
C ILE A 433 32.26 -13.43 26.08
N LEU A 434 32.26 -13.87 24.83
CA LEU A 434 31.32 -13.30 23.84
C LEU A 434 29.90 -13.80 24.18
N PRO A 435 28.92 -12.93 24.09
CA PRO A 435 27.55 -13.40 24.32
C PRO A 435 27.13 -14.47 23.29
N SER A 436 26.23 -15.37 23.66
CA SER A 436 25.70 -16.39 22.72
C SER A 436 24.70 -15.71 21.71
N LEU A 437 25.12 -15.61 20.46
CA LEU A 437 24.20 -15.19 19.41
C LEU A 437 23.03 -16.16 19.23
N VAL A 438 23.27 -17.42 19.42
CA VAL A 438 22.15 -18.40 19.28
C VAL A 438 21.13 -18.22 20.40
N THR A 439 21.61 -18.14 21.66
CA THR A 439 20.68 -17.89 22.73
C THR A 439 19.97 -16.53 22.52
N GLY A 440 20.71 -15.43 22.31
CA GLY A 440 20.08 -14.17 22.18
C GLY A 440 19.09 -14.04 21.03
N SER A 441 19.41 -14.67 19.91
CA SER A 441 18.51 -14.55 18.76
C SER A 441 17.23 -15.34 19.07
N ASN A 442 17.40 -16.50 19.69
CA ASN A 442 16.25 -17.35 20.05
C ASN A 442 15.35 -16.66 21.03
N ILE A 443 15.92 -16.08 22.09
CA ILE A 443 15.08 -15.37 23.05
C ILE A 443 14.41 -14.16 22.43
N ALA A 444 15.15 -13.41 21.64
CA ALA A 444 14.60 -12.18 21.03
C ALA A 444 13.42 -12.47 20.06
N GLY A 445 13.59 -13.45 19.23
CA GLY A 445 12.56 -13.89 18.25
C GLY A 445 11.34 -14.43 19.00
N PHE A 446 11.63 -15.28 19.98
CA PHE A 446 10.54 -15.91 20.73
C PHE A 446 9.74 -14.96 21.54
N THR A 447 10.38 -14.03 22.30
CA THR A 447 9.59 -13.18 23.17
C THR A 447 8.71 -12.23 22.36
N LYS A 448 9.18 -11.78 21.19
CA LYS A 448 8.38 -10.89 20.33
CA LYS A 448 8.34 -10.88 20.40
C LYS A 448 7.08 -11.62 19.92
N VAL A 449 7.25 -12.82 19.47
CA VAL A 449 6.12 -13.64 19.04
C VAL A 449 5.22 -13.99 20.21
N ALA A 450 5.80 -14.42 21.33
CA ALA A 450 4.95 -14.84 22.46
C ALA A 450 4.08 -13.70 22.98
N ALA A 451 4.69 -12.49 23.05
CA ALA A 451 3.98 -11.33 23.53
C ALA A 451 2.87 -10.86 22.58
N ALA A 452 3.12 -10.94 21.26
CA ALA A 452 2.07 -10.59 20.25
C ALA A 452 0.94 -11.63 20.30
N MET A 453 1.30 -12.90 20.46
CA MET A 453 0.30 -13.93 20.65
C MET A 453 -0.57 -13.68 21.89
N LYS A 454 0.05 -13.25 23.00
CA LYS A 454 -0.72 -12.99 24.23
C LYS A 454 -1.69 -11.84 23.97
N ASP A 455 -1.17 -10.78 23.34
CA ASP A 455 -1.97 -9.58 23.07
C ASP A 455 -3.22 -10.02 22.25
N GLN A 456 -3.03 -10.98 21.35
CA GLN A 456 -4.07 -11.35 20.41
C GLN A 456 -4.97 -12.46 20.92
N GLY A 457 -4.73 -12.91 22.18
CA GLY A 457 -5.59 -13.94 22.78
C GLY A 457 -5.30 -15.35 22.32
N ASP A 458 -4.14 -15.60 21.70
CA ASP A 458 -3.73 -16.96 21.31
C ASP A 458 -3.42 -17.88 22.48
N TRP A 459 -2.97 -17.28 23.58
CA TRP A 459 -2.79 -17.98 24.85
C TRP A 459 -3.05 -16.92 25.90
N TRP A 460 -3.23 -17.40 27.14
CA TRP A 460 -3.45 -16.55 28.26
C TRP A 460 -3.01 -17.33 29.51
N MET B 1 -43.62 11.54 9.91
CA MET B 1 -42.67 10.38 10.17
C MET B 1 -42.81 9.91 11.68
N SER B 2 -44.05 9.75 12.15
CA SER B 2 -44.31 9.30 13.51
C SER B 2 -44.01 7.79 13.69
N ASN B 3 -43.62 7.04 12.60
CA ASN B 3 -43.19 5.65 12.75
C ASN B 3 -41.75 5.58 13.33
N LEU B 4 -40.96 6.68 13.22
CA LEU B 4 -39.54 6.59 13.55
C LEU B 4 -39.40 6.63 15.08
N PRO B 5 -38.49 5.81 15.64
CA PRO B 5 -38.33 5.83 17.09
C PRO B 5 -37.63 7.13 17.55
N VAL B 6 -37.88 7.48 18.79
CA VAL B 6 -37.24 8.65 19.41
C VAL B 6 -35.83 8.26 19.81
N GLU B 7 -34.85 9.00 19.29
CA GLU B 7 -33.44 8.73 19.45
C GLU B 7 -32.77 10.04 19.92
N PRO B 8 -32.81 10.28 21.24
CA PRO B 8 -32.50 11.66 21.72
C PRO B 8 -31.10 12.14 21.34
N GLU B 9 -30.09 11.31 21.57
CA GLU B 9 -28.72 11.68 21.34
C GLU B 9 -28.51 11.95 19.84
N PHE B 10 -29.01 11.06 18.99
CA PHE B 10 -28.87 11.29 17.56
C PHE B 10 -29.57 12.54 17.13
N GLU B 11 -30.79 12.73 17.63
CA GLU B 11 -31.59 13.94 17.19
C GLU B 11 -30.84 15.20 17.63
N GLN B 12 -30.22 15.12 18.80
CA GLN B 12 -29.49 16.29 19.33
C GLN B 12 -28.34 16.68 18.42
N ALA B 13 -27.56 15.66 18.04
CA ALA B 13 -26.44 15.87 17.18
C ALA B 13 -26.86 16.36 15.81
N TYR B 14 -27.91 15.78 15.28
CA TYR B 14 -28.45 16.18 13.98
C TYR B 14 -28.93 17.63 14.03
N LYS B 15 -29.73 17.94 15.05
CA LYS B 15 -30.34 19.27 15.12
C LYS B 15 -29.31 20.36 15.24
N GLU B 16 -28.26 20.15 16.01
CA GLU B 16 -27.20 21.20 16.14
C GLU B 16 -26.43 21.35 14.83
N LEU B 17 -26.17 20.22 14.13
CA LEU B 17 -25.51 20.37 12.82
C LEU B 17 -26.43 21.16 11.90
N ALA B 18 -27.66 20.71 11.78
CA ALA B 18 -28.59 21.36 10.88
C ALA B 18 -28.79 22.86 11.16
N SER B 19 -28.95 23.17 12.45
CA SER B 19 -29.13 24.55 12.87
CA SER B 19 -29.15 24.54 12.85
C SER B 19 -27.95 25.42 12.40
N THR B 20 -26.72 24.94 12.52
CA THR B 20 -25.57 25.71 12.10
C THR B 20 -25.51 25.85 10.56
N LEU B 21 -25.97 24.83 9.83
CA LEU B 21 -26.06 24.97 8.40
C LEU B 21 -27.10 26.05 7.99
N GLU B 22 -28.21 26.04 8.69
CA GLU B 22 -29.34 27.00 8.44
C GLU B 22 -28.90 28.43 8.73
N ASN B 23 -28.13 28.61 9.78
CA ASN B 23 -27.61 29.92 10.26
C ASN B 23 -26.35 30.30 9.60
N SER B 24 -26.47 30.38 8.27
CA SER B 24 -25.30 30.63 7.41
C SER B 24 -25.86 30.91 6.04
N THR B 25 -25.02 31.31 5.10
CA THR B 25 -25.48 31.47 3.72
C THR B 25 -25.37 30.17 2.86
N LEU B 26 -25.04 29.02 3.49
CA LEU B 26 -24.87 27.80 2.72
C LEU B 26 -26.03 27.46 1.85
N PHE B 27 -27.22 27.46 2.43
CA PHE B 27 -28.39 27.04 1.68
C PHE B 27 -28.95 28.13 0.73
N GLN B 28 -28.42 29.34 0.86
CA GLN B 28 -28.66 30.39 -0.17
C GLN B 28 -27.80 30.08 -1.37
N LYS B 29 -26.52 29.77 -1.20
CA LYS B 29 -25.61 29.46 -2.28
C LYS B 29 -25.96 28.07 -2.90
N ASN B 30 -26.26 27.10 -2.04
CA ASN B 30 -26.51 25.67 -2.50
C ASN B 30 -27.76 25.12 -1.84
N PRO B 31 -28.98 25.59 -2.24
CA PRO B 31 -30.19 25.10 -1.64
C PRO B 31 -30.39 23.61 -1.87
N GLU B 32 -29.79 23.09 -2.89
CA GLU B 32 -29.88 21.62 -3.20
C GLU B 32 -29.22 20.77 -2.07
N TYR B 33 -28.30 21.37 -1.29
CA TYR B 33 -27.71 20.69 -0.16
C TYR B 33 -28.72 20.25 0.90
N ARG B 34 -29.95 20.79 0.94
CA ARG B 34 -30.92 20.25 1.83
C ARG B 34 -31.27 18.82 1.51
N LYS B 35 -31.22 18.46 0.21
CA LYS B 35 -31.41 17.04 -0.21
C LYS B 35 -30.24 16.20 0.31
N ALA B 36 -29.03 16.70 0.20
CA ALA B 36 -27.89 16.02 0.71
C ALA B 36 -28.02 15.72 2.25
N LEU B 37 -28.46 16.75 2.99
CA LEU B 37 -28.67 16.56 4.41
C LEU B 37 -29.69 15.50 4.73
N ALA B 38 -30.75 15.45 3.96
CA ALA B 38 -31.76 14.41 4.19
C ALA B 38 -31.19 13.02 3.92
N VAL B 39 -30.39 12.90 2.85
CA VAL B 39 -29.79 11.60 2.54
C VAL B 39 -28.73 11.20 3.57
N VAL B 40 -27.78 12.10 3.86
CA VAL B 40 -26.61 11.72 4.67
C VAL B 40 -27.05 11.31 6.11
N SER B 41 -28.22 11.82 6.55
CA SER B 41 -28.69 11.65 7.93
CA SER B 41 -28.69 11.65 7.93
C SER B 41 -29.33 10.29 8.15
N VAL B 42 -29.49 9.45 7.09
CA VAL B 42 -29.98 8.10 7.20
C VAL B 42 -28.77 7.19 6.92
N PRO B 43 -28.39 6.34 7.91
CA PRO B 43 -27.18 5.57 7.71
C PRO B 43 -27.21 4.61 6.55
N GLU B 44 -26.07 4.49 5.88
CA GLU B 44 -25.96 3.53 4.81
C GLU B 44 -26.37 2.12 5.28
N ARG B 45 -25.81 1.70 6.40
CA ARG B 45 -26.08 0.39 6.93
C ARG B 45 -25.89 0.38 8.43
N VAL B 46 -26.67 -0.44 9.13
CA VAL B 46 -26.48 -0.70 10.55
C VAL B 46 -26.63 -2.18 10.73
N ILE B 47 -25.71 -2.79 11.47
CA ILE B 47 -25.78 -4.19 11.83
CA ILE B 47 -25.84 -4.19 11.84
C ILE B 47 -25.96 -4.26 13.34
N GLN B 48 -26.97 -5.00 13.82
CA GLN B 48 -27.18 -5.27 15.23
C GLN B 48 -27.16 -6.75 15.41
N PHE B 49 -26.57 -7.26 16.50
CA PHE B 49 -26.45 -8.72 16.62
C PHE B 49 -26.34 -9.14 18.06
N ARG B 50 -26.88 -10.32 18.34
CA ARG B 50 -26.79 -10.88 19.69
C ARG B 50 -25.36 -11.33 19.95
N VAL B 51 -24.89 -11.10 21.17
CA VAL B 51 -23.56 -11.60 21.53
C VAL B 51 -23.76 -12.46 22.80
N VAL B 52 -23.64 -13.77 22.63
CA VAL B 52 -23.66 -14.73 23.73
C VAL B 52 -22.22 -15.00 24.10
N TRP B 53 -21.95 -15.00 25.41
CA TRP B 53 -20.61 -15.24 25.87
C TRP B 53 -20.65 -15.86 27.26
N GLU B 54 -19.51 -16.41 27.66
CA GLU B 54 -19.46 -17.22 28.91
C GLU B 54 -18.66 -16.48 30.02
N ASN B 55 -19.24 -16.38 31.19
CA ASN B 55 -18.55 -15.75 32.29
C ASN B 55 -17.63 -16.79 32.98
N ASP B 56 -16.83 -16.31 33.93
CA ASP B 56 -15.86 -17.15 34.63
C ASP B 56 -16.51 -18.28 35.46
N LYS B 57 -17.75 -18.14 35.84
CA LYS B 57 -18.54 -19.18 36.49
C LYS B 57 -19.15 -20.19 35.50
N GLY B 58 -18.91 -20.02 34.20
CA GLY B 58 -19.44 -20.96 33.26
C GLY B 58 -20.87 -20.68 32.85
N GLU B 59 -21.37 -19.48 33.10
CA GLU B 59 -22.76 -19.10 32.90
C GLU B 59 -22.93 -18.38 31.55
N VAL B 60 -24.02 -18.68 30.91
CA VAL B 60 -24.37 -17.99 29.69
C VAL B 60 -24.71 -16.52 29.97
N GLN B 61 -24.16 -15.58 29.17
CA GLN B 61 -24.49 -14.18 29.25
C GLN B 61 -24.93 -13.68 27.89
N VAL B 62 -25.75 -12.64 27.87
CA VAL B 62 -26.18 -12.11 26.62
C VAL B 62 -26.00 -10.59 26.65
N ASN B 63 -25.45 -10.07 25.59
CA ASN B 63 -25.35 -8.62 25.32
C ASN B 63 -25.69 -8.32 23.86
N ARG B 64 -25.87 -7.03 23.58
CA ARG B 64 -26.21 -6.54 22.26
CA ARG B 64 -26.24 -6.53 22.26
C ARG B 64 -25.03 -5.88 21.60
N GLY B 65 -24.75 -6.26 20.36
CA GLY B 65 -23.64 -5.76 19.57
C GLY B 65 -24.21 -4.89 18.41
N PHE B 66 -23.38 -3.92 17.96
CA PHE B 66 -23.81 -2.95 16.97
C PHE B 66 -22.63 -2.51 16.11
N ARG B 67 -22.91 -2.28 14.83
CA ARG B 67 -21.97 -1.52 13.99
C ARG B 67 -22.75 -0.61 13.06
N VAL B 68 -22.62 0.72 13.29
CA VAL B 68 -23.28 1.70 12.44
C VAL B 68 -22.33 2.19 11.35
N GLN B 69 -22.67 1.89 10.09
CA GLN B 69 -21.82 2.20 8.93
C GLN B 69 -22.50 3.38 8.26
N PHE B 70 -22.19 4.59 8.75
CA PHE B 70 -23.06 5.73 8.45
C PHE B 70 -22.86 6.26 7.00
N ASN B 71 -21.62 6.48 6.58
CA ASN B 71 -21.35 7.10 5.29
C ASN B 71 -19.99 6.66 4.82
N SER B 72 -19.87 6.31 3.51
CA SER B 72 -18.60 5.87 2.98
C SER B 72 -18.20 6.64 1.71
N ALA B 73 -18.81 7.83 1.47
CA ALA B 73 -18.36 8.55 0.31
C ALA B 73 -16.85 8.85 0.30
N LEU B 74 -16.28 9.25 1.43
CA LEU B 74 -14.90 9.71 1.43
C LEU B 74 -13.92 8.60 1.78
N GLY B 75 -14.40 7.43 2.13
CA GLY B 75 -13.49 6.33 2.43
C GLY B 75 -14.20 5.15 3.06
N PRO B 76 -13.46 4.08 3.39
CA PRO B 76 -14.07 3.00 4.19
C PRO B 76 -14.60 3.49 5.53
N TYR B 77 -15.66 2.88 6.05
CA TYR B 77 -16.15 3.34 7.38
C TYR B 77 -15.06 3.31 8.40
N LYS B 78 -15.04 4.32 9.29
CA LYS B 78 -13.94 4.44 10.22
C LYS B 78 -14.49 5.02 11.50
N GLY B 79 -14.21 4.34 12.60
CA GLY B 79 -14.59 4.88 13.90
C GLY B 79 -14.63 3.83 14.95
N GLY B 80 -14.66 4.29 16.19
CA GLY B 80 -14.37 3.34 17.30
C GLY B 80 -15.54 2.46 17.76
N LEU B 81 -15.19 1.62 18.76
CA LEU B 81 -16.12 0.71 19.41
C LEU B 81 -16.22 1.13 20.87
N ARG B 82 -17.47 1.25 21.34
CA ARG B 82 -17.73 1.66 22.72
C ARG B 82 -18.37 0.46 23.46
N PHE B 83 -17.79 0.05 24.57
CA PHE B 83 -18.35 -1.00 25.46
C PHE B 83 -18.75 -0.28 26.73
N HIS B 84 -20.05 -0.02 26.88
CA HIS B 84 -20.54 0.80 28.04
C HIS B 84 -21.98 0.43 28.22
N PRO B 85 -22.45 0.30 29.47
CA PRO B 85 -23.86 -0.19 29.61
C PRO B 85 -24.98 0.69 29.09
N SER B 86 -24.63 1.94 28.76
CA SER B 86 -25.59 2.83 28.18
C SER B 86 -25.86 2.53 26.66
N VAL B 87 -24.96 1.81 26.04
CA VAL B 87 -24.94 1.72 24.55
C VAL B 87 -26.24 1.24 23.99
N ASN B 88 -26.66 1.95 22.97
CA ASN B 88 -27.87 1.61 22.22
C ASN B 88 -27.70 2.23 20.85
N LEU B 89 -28.69 2.00 19.98
CA LEU B 89 -28.59 2.51 18.64
C LEU B 89 -28.58 4.03 18.53
N SER B 90 -29.41 4.69 19.34
CA SER B 90 -29.42 6.15 19.37
C SER B 90 -28.02 6.75 19.61
N ILE B 91 -27.32 6.24 20.65
CA ILE B 91 -26.02 6.70 21.02
C ILE B 91 -25.02 6.45 19.90
N LEU B 92 -25.06 5.24 19.37
CA LEU B 92 -24.11 4.89 18.31
C LEU B 92 -24.41 5.64 17.00
N LYS B 93 -25.65 5.97 16.72
CA LYS B 93 -25.94 6.81 15.57
C LYS B 93 -25.42 8.23 15.76
N PHE B 94 -25.60 8.78 16.95
CA PHE B 94 -25.03 10.13 17.19
C PHE B 94 -23.55 10.10 16.95
N LEU B 95 -22.86 9.08 17.49
CA LEU B 95 -21.47 8.98 17.34
C LEU B 95 -21.00 8.73 15.92
N GLY B 96 -21.71 7.85 15.21
CA GLY B 96 -21.31 7.57 13.85
C GLY B 96 -21.58 8.76 12.92
N PHE B 97 -22.68 9.46 13.18
CA PHE B 97 -23.01 10.66 12.42
C PHE B 97 -21.90 11.70 12.60
N GLU B 98 -21.56 12.01 13.85
CA GLU B 98 -20.45 12.92 14.15
C GLU B 98 -19.18 12.48 13.43
N GLN B 99 -18.92 11.18 13.43
CA GLN B 99 -17.71 10.64 12.84
C GLN B 99 -17.60 10.95 11.33
N ILE B 100 -18.72 11.00 10.61
CA ILE B 100 -18.65 11.32 9.18
C ILE B 100 -17.87 12.61 9.00
N PHE B 101 -18.26 13.61 9.77
CA PHE B 101 -17.81 15.00 9.50
C PHE B 101 -16.48 15.25 10.17
N LYS B 102 -16.27 14.66 11.37
CA LYS B 102 -14.96 14.61 11.94
C LYS B 102 -13.92 14.05 10.97
N ASN B 103 -14.23 12.90 10.36
CA ASN B 103 -13.24 12.27 9.48
C ASN B 103 -12.98 13.17 8.23
N ALA B 104 -14.04 13.78 7.71
CA ALA B 104 -13.93 14.72 6.61
C ALA B 104 -12.96 15.85 6.90
N LEU B 105 -12.87 16.24 8.16
CA LEU B 105 -11.96 17.29 8.55
C LEU B 105 -10.51 16.91 8.61
N THR B 106 -10.18 15.62 8.62
CA THR B 106 -8.80 15.19 8.70
C THR B 106 -8.03 15.31 7.42
N GLY B 107 -8.74 15.38 6.29
CA GLY B 107 -8.13 15.30 4.95
C GLY B 107 -7.84 13.94 4.45
N LEU B 108 -8.13 12.89 5.24
CA LEU B 108 -7.82 11.56 4.84
C LEU B 108 -9.08 10.84 4.35
N ASN B 109 -8.92 9.77 3.59
CA ASN B 109 -10.09 9.06 3.02
C ASN B 109 -10.65 8.04 4.00
N MET B 110 -11.54 8.55 4.85
CA MET B 110 -12.17 7.77 5.93
C MET B 110 -13.64 8.19 5.98
N GLY B 111 -14.52 7.18 5.80
CA GLY B 111 -15.93 7.34 6.00
C GLY B 111 -16.26 7.26 7.46
N GLY B 112 -17.51 7.48 7.80
CA GLY B 112 -17.93 7.57 9.19
C GLY B 112 -18.64 6.28 9.66
N GLY B 113 -18.19 5.77 10.80
CA GLY B 113 -18.87 4.67 11.51
C GLY B 113 -18.60 4.65 12.98
N LYS B 114 -19.35 3.81 13.69
CA LYS B 114 -19.16 3.67 15.15
C LYS B 114 -19.91 2.40 15.54
N GLY B 115 -19.47 1.75 16.58
CA GLY B 115 -20.14 0.52 16.99
C GLY B 115 -19.83 0.23 18.44
N GLY B 116 -20.17 -0.98 18.86
CA GLY B 116 -19.93 -1.35 20.24
C GLY B 116 -21.02 -2.27 20.80
N SER B 117 -21.14 -2.20 22.13
CA SER B 117 -22.04 -3.10 22.87
C SER B 117 -22.37 -2.49 24.21
N ASP B 118 -23.54 -2.91 24.74
CA ASP B 118 -23.91 -2.70 26.12
C ASP B 118 -23.20 -3.56 27.17
N PHE B 119 -22.26 -4.40 26.77
CA PHE B 119 -21.34 -5.09 27.68
C PHE B 119 -20.62 -4.05 28.49
N ASP B 120 -20.65 -4.27 29.79
CA ASP B 120 -19.96 -3.32 30.76
C ASP B 120 -18.69 -3.96 31.21
N PRO B 121 -17.53 -3.43 30.81
CA PRO B 121 -16.22 -4.01 31.28
C PRO B 121 -16.00 -3.90 32.78
N LYS B 122 -16.73 -3.03 33.45
CA LYS B 122 -16.48 -2.88 34.92
C LYS B 122 -17.00 -4.09 35.66
N GLY B 123 -16.18 -4.60 36.59
CA GLY B 123 -16.61 -5.77 37.33
C GLY B 123 -16.28 -7.06 36.57
N LYS B 124 -15.74 -6.99 35.34
CA LYS B 124 -15.39 -8.18 34.58
C LYS B 124 -13.91 -8.46 34.76
N SER B 125 -13.57 -9.71 34.68
CA SER B 125 -12.20 -10.14 34.62
C SER B 125 -11.60 -9.98 33.20
N ASP B 126 -10.27 -10.03 33.07
CA ASP B 126 -9.64 -9.97 31.76
C ASP B 126 -10.12 -11.15 30.92
N SER B 127 -10.28 -12.30 31.57
CA SER B 127 -10.73 -13.51 30.85
CA SER B 127 -10.73 -13.50 30.84
C SER B 127 -12.12 -13.30 30.33
N GLU B 128 -13.00 -12.70 31.11
CA GLU B 128 -14.38 -12.38 30.67
C GLU B 128 -14.37 -11.39 29.46
N ILE B 129 -13.52 -10.39 29.54
CA ILE B 129 -13.39 -9.46 28.46
C ILE B 129 -12.87 -10.18 27.21
N ARG B 130 -11.90 -11.08 27.37
CA ARG B 130 -11.42 -11.84 26.25
C ARG B 130 -12.52 -12.69 25.63
N ARG B 131 -13.30 -13.41 26.43
CA ARG B 131 -14.37 -14.23 25.84
C ARG B 131 -15.42 -13.34 25.15
N PHE B 132 -15.74 -12.21 25.76
CA PHE B 132 -16.72 -11.29 25.17
C PHE B 132 -16.21 -10.84 23.74
N CYS B 133 -14.97 -10.41 23.69
CA CYS B 133 -14.35 -9.91 22.46
C CYS B 133 -14.32 -10.95 21.41
N VAL B 134 -13.99 -12.19 21.77
CA VAL B 134 -14.05 -13.30 20.84
C VAL B 134 -15.43 -13.50 20.25
N ALA B 135 -16.45 -13.48 21.11
CA ALA B 135 -17.83 -13.69 20.64
C ALA B 135 -18.33 -12.51 19.81
N PHE B 136 -17.99 -11.32 20.22
CA PHE B 136 -18.35 -10.06 19.50
C PHE B 136 -17.76 -10.08 18.08
N MET B 137 -16.47 -10.43 17.95
CA MET B 137 -15.89 -10.43 16.65
C MET B 137 -16.37 -11.60 15.79
N THR B 138 -16.82 -12.70 16.38
CA THR B 138 -17.27 -13.79 15.58
C THR B 138 -18.39 -13.32 14.62
N GLU B 139 -19.26 -12.47 15.12
CA GLU B 139 -20.27 -11.89 14.20
C GLU B 139 -19.80 -10.62 13.49
N LEU B 140 -19.09 -9.73 14.17
CA LEU B 140 -18.71 -8.49 13.49
C LEU B 140 -17.80 -8.71 12.27
N CYS B 141 -16.98 -9.76 12.31
CA CYS B 141 -15.95 -9.96 11.23
CA CYS B 141 -16.01 -10.06 11.27
C CYS B 141 -16.54 -9.93 9.84
N ARG B 142 -17.73 -10.44 9.63
CA ARG B 142 -18.19 -10.60 8.26
C ARG B 142 -18.59 -9.21 7.67
N HIS B 143 -18.70 -8.21 8.54
CA HIS B 143 -19.15 -6.88 8.12
C HIS B 143 -18.05 -5.87 7.92
N ILE B 144 -16.81 -6.21 8.28
CA ILE B 144 -15.70 -5.25 8.31
C ILE B 144 -14.55 -5.75 7.50
N GLY B 145 -13.49 -4.95 7.40
CA GLY B 145 -12.35 -5.32 6.59
C GLY B 145 -11.53 -4.08 6.28
N ALA B 146 -10.27 -4.26 5.90
CA ALA B 146 -9.27 -3.17 5.73
C ALA B 146 -9.73 -2.16 4.69
N ASP B 147 -10.56 -2.55 3.71
CA ASP B 147 -11.08 -1.63 2.71
C ASP B 147 -12.58 -1.41 2.82
N THR B 148 -13.21 -1.91 3.87
CA THR B 148 -14.66 -1.78 4.08
C THR B 148 -15.03 -0.98 5.34
N ASP B 149 -14.47 -1.40 6.46
CA ASP B 149 -14.73 -0.76 7.79
C ASP B 149 -13.64 -1.16 8.71
N VAL B 150 -13.02 -0.15 9.31
CA VAL B 150 -11.85 -0.33 10.19
C VAL B 150 -12.20 0.27 11.54
N PRO B 151 -12.63 -0.57 12.50
CA PRO B 151 -12.90 -0.05 13.87
C PRO B 151 -11.64 0.25 14.66
N ALA B 152 -11.84 0.67 15.90
CA ALA B 152 -10.77 1.01 16.83
C ALA B 152 -11.48 1.16 18.20
N GLY B 153 -10.77 1.80 19.13
CA GLY B 153 -11.24 1.94 20.54
C GLY B 153 -12.11 3.17 20.71
N ASP B 154 -12.65 3.33 21.92
CA ASP B 154 -13.50 4.39 22.35
C ASP B 154 -13.76 4.10 23.84
N ILE B 155 -14.86 4.59 24.40
CA ILE B 155 -15.08 4.31 25.84
C ILE B 155 -15.17 2.79 26.01
N GLY B 156 -14.34 2.20 26.88
CA GLY B 156 -14.44 0.81 27.22
C GLY B 156 -13.72 -0.14 26.29
N VAL B 157 -13.05 0.43 25.23
CA VAL B 157 -12.27 -0.36 24.33
C VAL B 157 -10.89 0.25 24.20
N THR B 158 -9.92 -0.49 24.71
CA THR B 158 -8.52 -0.07 24.75
C THR B 158 -7.70 -0.99 23.86
N GLY B 159 -6.37 -0.79 23.86
CA GLY B 159 -5.46 -1.75 23.15
C GLY B 159 -5.61 -3.20 23.57
N ARG B 160 -6.02 -3.46 24.81
CA ARG B 160 -6.22 -4.82 25.28
C ARG B 160 -7.35 -5.48 24.48
N GLU B 161 -8.48 -4.82 24.41
CA GLU B 161 -9.62 -5.31 23.66
C GLU B 161 -9.33 -5.40 22.16
N ILE B 162 -8.64 -4.42 21.63
CA ILE B 162 -8.25 -4.41 20.22
C ILE B 162 -7.42 -5.66 19.93
N GLY B 163 -6.52 -6.02 20.83
CA GLY B 163 -5.77 -7.24 20.68
C GLY B 163 -6.66 -8.49 20.58
N TYR B 164 -7.58 -8.64 21.54
CA TYR B 164 -8.46 -9.83 21.47
C TYR B 164 -9.31 -9.87 20.21
N LEU B 165 -9.80 -8.71 19.84
CA LEU B 165 -10.59 -8.59 18.59
C LEU B 165 -9.80 -8.91 17.34
N PHE B 166 -8.56 -8.40 17.26
CA PHE B 166 -7.69 -8.64 16.11
C PHE B 166 -7.34 -10.09 16.00
N GLY B 167 -7.00 -10.69 17.12
CA GLY B 167 -6.66 -12.06 17.13
C GLY B 167 -7.81 -12.96 16.64
N GLN B 168 -9.04 -12.64 17.06
CA GLN B 168 -10.17 -13.43 16.61
C GLN B 168 -10.47 -13.18 15.15
N TYR B 169 -10.29 -11.93 14.67
CA TYR B 169 -10.51 -11.67 13.23
C TYR B 169 -9.53 -12.47 12.40
N ARG B 170 -8.26 -12.51 12.78
CA ARG B 170 -7.28 -13.30 12.07
C ARG B 170 -7.60 -14.77 12.08
N LYS B 171 -8.05 -15.33 13.20
CA LYS B 171 -8.43 -16.70 13.25
C LYS B 171 -9.64 -17.01 12.32
N LEU B 172 -10.60 -16.09 12.30
CA LEU B 172 -11.80 -16.33 11.50
C LEU B 172 -11.55 -16.12 10.02
N ARG B 173 -10.87 -15.05 9.62
CA ARG B 173 -10.75 -14.70 8.21
C ARG B 173 -9.47 -15.13 7.57
N ASN B 174 -8.53 -15.64 8.34
CA ASN B 174 -7.28 -16.08 7.79
C ASN B 174 -6.63 -15.00 6.94
N SER B 175 -6.50 -13.79 7.53
CA SER B 175 -5.88 -12.69 6.87
C SER B 175 -5.28 -11.84 7.98
N TRP B 176 -4.14 -11.26 7.66
CA TRP B 176 -3.46 -10.28 8.56
C TRP B 176 -3.53 -9.00 7.79
N GLU B 177 -4.37 -8.08 8.25
CA GLU B 177 -4.58 -6.82 7.54
C GLU B 177 -4.94 -5.70 8.55
N GLY B 178 -5.03 -4.48 8.04
CA GLY B 178 -5.36 -3.32 8.82
C GLY B 178 -6.85 -3.22 9.04
N VAL B 179 -7.41 -4.25 9.66
CA VAL B 179 -8.87 -4.25 9.94
C VAL B 179 -9.31 -3.46 11.19
N LEU B 180 -8.36 -3.22 12.08
CA LEU B 180 -8.53 -2.42 13.27
C LEU B 180 -7.31 -1.51 13.35
N THR B 181 -7.49 -0.42 14.01
CA THR B 181 -6.38 0.45 14.43
C THR B 181 -6.38 0.54 15.95
N GLY B 182 -5.38 1.22 16.51
CA GLY B 182 -5.07 1.05 17.94
C GLY B 182 -4.40 -0.25 18.23
N LYS B 183 -3.70 -0.87 17.26
CA LYS B 183 -3.08 -2.12 17.44
C LYS B 183 -1.71 -1.91 18.19
N GLY B 184 -1.19 -3.03 18.69
CA GLY B 184 0.11 -3.09 19.40
C GLY B 184 1.28 -2.85 18.49
N GLY B 185 2.36 -2.32 19.05
CA GLY B 185 3.52 -1.92 18.22
C GLY B 185 4.09 -3.04 17.39
N SER B 186 4.12 -4.30 17.85
CA SER B 186 4.74 -5.33 17.04
C SER B 186 3.86 -5.95 15.99
N TRP B 187 2.58 -5.68 16.08
CA TRP B 187 1.56 -6.31 15.22
C TRP B 187 0.71 -5.22 14.55
N GLY B 188 1.40 -4.24 13.94
CA GLY B 188 0.73 -3.27 13.04
C GLY B 188 0.30 -1.98 13.65
N GLY B 189 0.72 -1.71 14.91
CA GLY B 189 0.40 -0.44 15.57
C GLY B 189 1.18 0.72 15.03
N SER B 190 0.71 1.88 15.40
CA SER B 190 1.40 3.13 15.09
C SER B 190 1.88 3.79 16.36
N LEU B 191 3.15 4.23 16.32
CA LEU B 191 3.60 5.19 17.33
C LEU B 191 2.72 6.39 17.30
N ILE B 192 2.53 7.02 18.48
CA ILE B 192 1.68 8.23 18.68
C ILE B 192 0.19 7.94 18.76
N ARG B 193 -0.26 6.78 18.30
CA ARG B 193 -1.71 6.49 18.42
C ARG B 193 -2.27 6.56 19.88
N PRO B 194 -1.56 6.02 20.85
CA PRO B 194 -2.04 6.16 22.24
C PRO B 194 -2.25 7.61 22.64
N GLU B 195 -1.31 8.48 22.25
CA GLU B 195 -1.35 9.91 22.62
C GLU B 195 -2.26 10.72 21.76
N ALA B 196 -2.63 10.18 20.57
CA ALA B 196 -3.07 11.09 19.55
C ALA B 196 -4.30 11.90 19.86
N THR B 197 -5.35 11.27 20.45
CA THR B 197 -6.59 11.95 20.52
C THR B 197 -6.49 13.17 21.50
N GLY B 198 -5.90 12.87 22.64
CA GLY B 198 -5.74 13.97 23.68
C GLY B 198 -4.74 14.99 23.20
N TYR B 199 -3.64 14.54 22.59
CA TYR B 199 -2.65 15.49 22.10
C TYR B 199 -3.30 16.40 21.10
N GLY B 200 -4.10 15.80 20.21
CA GLY B 200 -4.78 16.61 19.17
C GLY B 200 -5.71 17.65 19.70
N VAL B 201 -6.42 17.34 20.79
CA VAL B 201 -7.33 18.31 21.38
C VAL B 201 -6.52 19.54 21.82
N VAL B 202 -5.41 19.25 22.43
CA VAL B 202 -4.59 20.34 22.97
C VAL B 202 -3.90 21.11 21.84
N TYR B 203 -3.44 20.37 20.80
CA TYR B 203 -2.86 21.07 19.63
C TYR B 203 -3.91 22.03 19.02
N TYR B 204 -5.16 21.62 18.94
CA TYR B 204 -6.17 22.38 18.33
C TYR B 204 -6.37 23.68 19.18
N VAL B 205 -6.44 23.47 20.49
CA VAL B 205 -6.68 24.64 21.40
C VAL B 205 -5.49 25.58 21.37
N GLU B 206 -4.28 25.11 21.11
CA GLU B 206 -3.17 26.04 20.91
C GLU B 206 -3.46 27.05 19.83
N HIS B 207 -4.12 26.61 18.75
CA HIS B 207 -4.38 27.49 17.61
C HIS B 207 -5.48 28.43 18.02
N MET B 208 -6.43 27.98 18.82
CA MET B 208 -7.49 28.83 19.28
C MET B 208 -6.92 30.00 20.13
N ILE B 209 -6.03 29.62 20.99
CA ILE B 209 -5.48 30.61 21.96
C ILE B 209 -4.63 31.62 21.11
N ALA B 210 -3.80 31.08 20.24
CA ALA B 210 -2.95 31.91 19.33
C ALA B 210 -3.76 32.88 18.56
N HIS B 211 -4.86 32.43 17.96
CA HIS B 211 -5.69 33.33 17.21
C HIS B 211 -6.39 34.36 18.07
N ALA B 212 -7.04 33.93 19.14
CA ALA B 212 -7.88 34.88 19.86
C ALA B 212 -7.03 35.98 20.49
N THR B 213 -5.82 35.68 20.84
CA THR B 213 -4.97 36.60 21.63
C THR B 213 -3.90 37.21 20.74
N ASN B 214 -4.01 37.01 19.42
CA ASN B 214 -2.99 37.43 18.45
CA ASN B 214 -2.99 37.50 18.50
C ASN B 214 -1.58 37.05 18.89
N GLY B 215 -1.40 35.80 19.31
CA GLY B 215 -0.13 35.26 19.69
C GLY B 215 0.42 35.68 21.08
N ALA B 216 -0.29 36.48 21.82
CA ALA B 216 0.21 36.95 23.09
C ALA B 216 0.15 35.86 24.18
N GLU B 217 -0.70 34.86 24.03
CA GLU B 217 -0.92 33.89 25.11
C GLU B 217 -0.80 32.52 24.47
N SER B 218 -0.56 31.53 25.32
CA SER B 218 -0.48 30.12 24.92
C SER B 218 -1.04 29.29 26.08
N PHE B 219 -0.76 28.00 26.10
CA PHE B 219 -1.12 27.22 27.27
C PHE B 219 -0.18 27.54 28.45
N ALA B 220 0.97 28.19 28.18
CA ALA B 220 1.94 28.45 29.27
C ALA B 220 1.24 29.33 30.36
N GLY B 221 1.23 28.78 31.57
CA GLY B 221 0.62 29.43 32.73
C GLY B 221 -0.88 29.37 32.84
N LYS B 222 -1.63 28.71 31.92
CA LYS B 222 -3.05 28.65 31.97
C LYS B 222 -3.48 27.47 32.87
N ARG B 223 -4.62 27.70 33.48
CA ARG B 223 -5.24 26.72 34.38
C ARG B 223 -6.26 26.02 33.46
N VAL B 224 -6.19 24.69 33.47
CA VAL B 224 -7.00 23.86 32.53
C VAL B 224 -7.77 22.82 33.36
N ALA B 225 -9.06 22.91 33.25
CA ALA B 225 -9.97 21.93 33.91
C ALA B 225 -10.30 20.83 32.89
N ILE B 226 -9.94 19.61 33.22
CA ILE B 226 -10.26 18.42 32.34
C ILE B 226 -11.27 17.55 33.07
N SER B 227 -12.14 16.86 32.32
CA SER B 227 -13.05 15.84 32.94
C SER B 227 -12.70 14.54 32.21
N GLY B 228 -13.01 13.42 32.86
CA GLY B 228 -12.54 12.14 32.49
C GLY B 228 -11.17 11.89 32.95
N SER B 229 -10.79 10.65 32.83
CA SER B 229 -9.47 10.11 33.26
C SER B 229 -9.05 8.94 32.44
N GLY B 230 -9.64 8.82 31.28
CA GLY B 230 -9.35 7.78 30.36
C GLY B 230 -8.29 8.20 29.33
N ASN B 231 -8.32 7.52 28.16
CA ASN B 231 -7.33 7.79 27.16
C ASN B 231 -7.25 9.23 26.70
N VAL B 232 -8.39 9.85 26.45
CA VAL B 232 -8.35 11.20 25.91
C VAL B 232 -7.89 12.22 26.99
N ALA B 233 -8.46 12.06 28.16
CA ALA B 233 -8.10 12.94 29.29
C ALA B 233 -6.65 12.83 29.68
N GLN B 234 -6.13 11.61 29.80
CA GLN B 234 -4.79 11.37 30.25
C GLN B 234 -3.78 12.08 29.35
N TYR B 235 -3.90 11.90 28.04
CA TYR B 235 -2.93 12.54 27.17
C TYR B 235 -3.17 14.02 26.86
N ALA B 236 -4.38 14.50 26.92
CA ALA B 236 -4.64 15.90 26.89
C ALA B 236 -3.92 16.55 28.12
N ALA B 237 -4.11 15.92 29.30
CA ALA B 237 -3.46 16.44 30.49
C ALA B 237 -1.94 16.45 30.37
N LEU B 238 -1.35 15.38 29.91
CA LEU B 238 0.07 15.29 29.72
C LEU B 238 0.58 16.34 28.71
N LYS B 239 -0.14 16.59 27.63
CA LYS B 239 0.35 17.60 26.70
C LYS B 239 0.22 19.04 27.30
N VAL B 240 -0.90 19.33 27.99
CA VAL B 240 -1.07 20.59 28.68
C VAL B 240 0.13 20.82 29.57
N ILE B 241 0.48 19.83 30.35
CA ILE B 241 1.64 19.97 31.26
C ILE B 241 2.95 20.20 30.50
N GLU B 242 3.19 19.46 29.42
CA GLU B 242 4.39 19.66 28.62
C GLU B 242 4.50 21.09 28.09
N LEU B 243 3.38 21.72 27.79
CA LEU B 243 3.32 23.04 27.26
C LEU B 243 3.38 24.15 28.39
N GLY B 244 3.48 23.76 29.67
CA GLY B 244 3.58 24.72 30.76
C GLY B 244 2.23 25.16 31.32
N GLY B 245 1.12 24.45 30.97
CA GLY B 245 -0.12 24.65 31.61
C GLY B 245 -0.25 23.84 32.88
N ARG B 246 -1.26 24.20 33.66
CA ARG B 246 -1.56 23.50 34.89
C ARG B 246 -2.92 22.83 34.76
N VAL B 247 -2.91 21.53 35.00
CA VAL B 247 -4.14 20.73 34.97
C VAL B 247 -4.72 20.74 36.41
N VAL B 248 -5.88 21.31 36.54
CA VAL B 248 -6.49 21.43 37.87
C VAL B 248 -7.52 20.44 38.24
N SER B 249 -7.94 19.60 37.27
CA SER B 249 -8.98 18.61 37.53
C SER B 249 -8.84 17.44 36.57
N LEU B 250 -9.24 16.25 37.07
CA LEU B 250 -9.64 15.12 36.28
C LEU B 250 -10.91 14.55 36.91
N SER B 251 -11.63 13.69 36.18
CA SER B 251 -12.81 13.08 36.86
C SER B 251 -13.04 11.67 36.25
N ASP B 252 -13.91 10.93 36.88
CA ASP B 252 -14.36 9.64 36.32
C ASP B 252 -15.87 9.47 36.54
N SER B 253 -16.40 8.26 36.40
CA SER B 253 -17.83 8.12 36.45
C SER B 253 -18.37 8.25 37.90
N GLN B 254 -17.49 8.26 38.90
CA GLN B 254 -17.96 8.37 40.31
CA GLN B 254 -17.95 8.34 40.30
C GLN B 254 -17.61 9.68 40.97
N GLY B 255 -16.65 10.44 40.44
CA GLY B 255 -16.36 11.74 41.01
C GLY B 255 -15.27 12.55 40.31
N SER B 256 -15.13 13.80 40.73
CA SER B 256 -14.02 14.67 40.28
C SER B 256 -12.89 14.70 41.31
N LEU B 257 -11.65 14.86 40.82
CA LEU B 257 -10.47 15.01 41.64
C LEU B 257 -9.86 16.36 41.25
N ILE B 258 -9.86 17.34 42.17
CA ILE B 258 -9.46 18.69 41.88
C ILE B 258 -8.30 19.09 42.77
N VAL B 259 -7.36 19.83 42.23
CA VAL B 259 -6.24 20.30 43.11
C VAL B 259 -6.82 21.30 44.15
N LYS B 260 -6.26 21.27 45.36
CA LYS B 260 -6.78 22.22 46.44
C LYS B 260 -6.41 23.61 46.09
N ASP B 261 -5.24 23.78 45.47
CA ASP B 261 -4.82 25.12 45.10
C ASP B 261 -4.85 25.33 43.55
N THR B 262 -6.03 25.67 43.03
CA THR B 262 -6.29 25.71 41.57
C THR B 262 -5.72 26.92 41.00
N ALA B 263 -5.50 27.94 41.82
CA ALA B 263 -4.63 29.07 41.36
C ALA B 263 -3.20 28.68 40.98
N LYS B 264 -2.58 27.80 41.72
CA LYS B 264 -1.14 27.50 41.50
C LYS B 264 -0.69 26.04 41.26
N ASP B 265 -1.47 25.03 41.64
CA ASP B 265 -0.90 23.67 41.63
C ASP B 265 -1.40 23.00 40.31
N SER B 266 -0.90 21.83 40.09
CA SER B 266 -1.29 20.99 38.90
C SER B 266 -1.10 19.54 39.17
N PHE B 267 -1.87 18.66 38.46
CA PHE B 267 -1.47 17.32 38.36
C PHE B 267 -0.07 17.22 37.72
N THR B 268 0.63 16.17 38.08
CA THR B 268 1.88 15.82 37.51
C THR B 268 1.76 14.59 36.59
N PRO B 269 2.74 14.37 35.74
CA PRO B 269 2.78 13.08 34.93
C PRO B 269 2.76 11.84 35.79
N ALA B 270 3.47 11.83 36.93
CA ALA B 270 3.41 10.65 37.80
C ALA B 270 2.03 10.35 38.41
N GLU B 271 1.29 11.39 38.73
CA GLU B 271 -0.07 11.26 39.29
C GLU B 271 -1.00 10.78 38.15
N ILE B 272 -0.78 11.30 36.96
CA ILE B 272 -1.59 10.89 35.79
C ILE B 272 -1.33 9.42 35.54
N ASP B 273 -0.07 9.01 35.60
CA ASP B 273 0.26 7.61 35.42
C ASP B 273 -0.37 6.70 36.42
N ALA B 274 -0.42 7.12 37.69
CA ALA B 274 -1.05 6.31 38.69
C ALA B 274 -2.55 6.15 38.43
N ILE B 275 -3.19 7.23 37.99
CA ILE B 275 -4.64 7.15 37.66
C ILE B 275 -4.81 6.24 36.41
N ALA B 276 -3.93 6.42 35.46
CA ALA B 276 -4.00 5.57 34.26
C ALA B 276 -3.91 4.09 34.61
N ALA B 277 -2.99 3.69 35.51
CA ALA B 277 -2.88 2.34 35.92
C ALA B 277 -4.15 1.84 36.57
N LEU B 278 -4.77 2.64 37.45
CA LEU B 278 -6.04 2.26 38.00
C LEU B 278 -7.07 1.98 36.89
N LYS B 279 -7.08 2.85 35.89
CA LYS B 279 -8.05 2.71 34.80
C LYS B 279 -7.81 1.47 33.89
N VAL B 280 -6.57 1.03 33.70
CA VAL B 280 -6.28 -0.19 33.04
C VAL B 280 -7.00 -1.35 33.77
N ASP B 281 -6.97 -1.29 35.09
CA ASP B 281 -7.56 -2.35 35.94
C ASP B 281 -8.99 -2.09 36.22
N ARG B 282 -9.59 -1.06 35.60
CA ARG B 282 -11.00 -0.80 35.72
C ARG B 282 -11.45 -0.47 37.16
N LYS B 283 -10.61 0.29 37.84
CA LYS B 283 -10.89 0.80 39.20
C LYS B 283 -11.10 2.28 39.15
N GLN B 284 -11.57 2.81 40.27
CA GLN B 284 -12.01 4.17 40.34
C GLN B 284 -10.98 5.09 41.04
N ILE B 285 -11.01 6.37 40.68
CA ILE B 285 -10.24 7.44 41.37
C ILE B 285 -10.39 7.39 42.90
N ALA B 286 -11.59 7.10 43.34
CA ALA B 286 -11.91 6.97 44.79
C ALA B 286 -10.90 6.13 45.53
N GLU B 287 -10.33 5.12 44.92
CA GLU B 287 -9.36 4.27 45.57
C GLU B 287 -8.10 5.00 46.07
N LEU B 288 -7.74 6.10 45.42
CA LEU B 288 -6.57 6.90 45.69
C LEU B 288 -6.67 7.91 46.71
N VAL B 289 -7.87 8.27 47.10
CA VAL B 289 -7.99 9.54 47.70
C VAL B 289 -7.49 9.55 49.13
N THR B 290 -7.39 8.35 49.71
CA THR B 290 -6.68 7.99 50.90
C THR B 290 -5.13 8.07 50.85
N ASP B 291 -4.50 7.72 49.73
CA ASP B 291 -3.02 7.67 49.60
C ASP B 291 -2.45 9.02 49.96
N ALA B 292 -1.38 9.11 50.74
CA ALA B 292 -0.96 10.51 51.15
C ALA B 292 -0.34 11.30 49.97
N ALA B 293 0.18 10.64 48.92
CA ALA B 293 0.45 11.23 47.57
C ALA B 293 -0.74 12.08 46.88
N PHE B 294 -1.97 11.87 47.40
CA PHE B 294 -3.20 12.46 46.91
C PHE B 294 -4.02 13.19 47.95
N ALA B 295 -4.07 12.65 49.18
CA ALA B 295 -4.98 13.17 50.20
C ALA B 295 -4.67 14.56 50.55
N ASP B 296 -3.39 14.93 50.61
CA ASP B 296 -3.09 16.33 50.96
C ASP B 296 -3.17 17.31 49.81
N LYS B 297 -2.97 16.85 48.58
CA LYS B 297 -2.92 17.78 47.43
C LYS B 297 -4.25 18.08 46.75
N PHE B 298 -5.18 17.11 46.82
CA PHE B 298 -6.43 17.12 46.09
C PHE B 298 -7.64 16.92 46.97
N THR B 299 -8.78 17.37 46.47
CA THR B 299 -10.06 17.09 47.05
C THR B 299 -10.84 16.20 46.06
N TYR B 300 -11.48 15.19 46.59
CA TYR B 300 -12.36 14.26 45.88
C TYR B 300 -13.78 14.63 46.06
N LEU B 301 -14.51 14.84 44.95
CA LEU B 301 -15.84 15.27 44.93
C LEU B 301 -16.76 14.26 44.27
N PRO B 302 -17.24 13.27 45.06
CA PRO B 302 -18.09 12.25 44.41
C PRO B 302 -19.36 12.79 43.90
N GLY B 303 -19.78 12.28 42.72
CA GLY B 303 -21.07 12.71 42.15
C GLY B 303 -21.02 14.05 41.52
N GLN B 304 -19.87 14.71 41.41
CA GLN B 304 -19.83 16.07 40.94
C GLN B 304 -18.87 16.12 39.71
N ARG B 305 -19.21 17.02 38.80
CA ARG B 305 -18.30 17.38 37.67
C ARG B 305 -17.37 18.48 38.12
N PRO B 306 -16.32 18.77 37.37
CA PRO B 306 -15.34 19.72 37.96
C PRO B 306 -15.70 21.18 37.81
N TRP B 307 -16.59 21.51 36.90
CA TRP B 307 -16.68 22.83 36.28
C TRP B 307 -16.96 23.96 37.36
N VAL B 308 -17.86 23.67 38.28
CA VAL B 308 -18.23 24.72 39.32
C VAL B 308 -17.30 24.72 40.46
N HIS B 309 -16.33 23.81 40.58
CA HIS B 309 -15.54 23.63 41.74
C HIS B 309 -14.11 23.98 41.57
N VAL B 310 -13.72 24.44 40.36
CA VAL B 310 -12.29 24.71 40.14
C VAL B 310 -11.91 26.21 40.38
N GLY B 311 -12.86 27.03 40.72
CA GLY B 311 -12.63 28.44 40.79
C GLY B 311 -12.33 29.05 39.44
N ALA B 312 -11.53 30.11 39.47
CA ALA B 312 -11.14 30.80 38.26
C ALA B 312 -10.33 29.82 37.42
N VAL B 313 -10.67 29.72 36.16
CA VAL B 313 -9.98 28.80 35.26
C VAL B 313 -9.96 29.40 33.87
N ASP B 314 -9.04 28.93 33.03
CA ASP B 314 -8.78 29.56 31.72
C ASP B 314 -9.26 28.72 30.49
N VAL B 315 -9.08 27.42 30.61
CA VAL B 315 -9.45 26.45 29.56
C VAL B 315 -10.22 25.28 30.18
N ALA B 316 -11.25 24.82 29.50
CA ALA B 316 -11.97 23.61 29.90
C ALA B 316 -11.94 22.59 28.71
N LEU B 317 -11.61 21.35 29.03
CA LEU B 317 -11.46 20.24 28.07
C LEU B 317 -12.34 19.06 28.58
N PRO B 318 -13.62 19.14 28.37
CA PRO B 318 -14.43 17.95 28.73
C PRO B 318 -13.98 16.76 27.87
N SER B 319 -13.58 15.68 28.51
CA SER B 319 -12.93 14.58 27.83
C SER B 319 -13.45 13.18 28.28
N ALA B 320 -14.70 13.15 28.76
CA ALA B 320 -15.31 11.91 29.27
C ALA B 320 -16.39 11.35 28.36
N THR B 321 -17.46 12.07 28.16
CA THR B 321 -18.68 11.52 27.63
C THR B 321 -19.58 12.60 27.14
N GLN B 322 -20.67 12.23 26.47
CA GLN B 322 -21.56 13.22 25.88
C GLN B 322 -22.35 13.94 27.02
N ASN B 323 -22.72 15.20 26.75
CA ASN B 323 -23.65 15.95 27.61
C ASN B 323 -23.13 16.08 29.05
N GLU B 324 -21.85 16.35 29.20
CA GLU B 324 -21.22 16.46 30.48
C GLU B 324 -20.88 17.93 30.89
N VAL B 325 -21.41 18.89 30.14
CA VAL B 325 -21.34 20.31 30.51
C VAL B 325 -22.70 20.85 30.30
N SER B 326 -23.40 21.16 31.39
CA SER B 326 -24.75 21.67 31.33
C SER B 326 -24.70 23.17 31.09
N GLY B 327 -25.88 23.73 30.80
CA GLY B 327 -26.02 25.17 30.65
C GLY B 327 -25.52 25.93 31.90
N GLU B 328 -25.93 25.46 33.07
CA GLU B 328 -25.48 26.06 34.32
C GLU B 328 -24.03 26.01 34.46
N GLU B 329 -23.43 24.85 34.10
CA GLU B 329 -22.01 24.70 34.18
C GLU B 329 -21.29 25.62 33.17
N ALA B 330 -21.85 25.77 31.98
CA ALA B 330 -21.32 26.73 30.98
C ALA B 330 -21.32 28.18 31.55
N GLN B 331 -22.42 28.56 32.18
CA GLN B 331 -22.48 29.93 32.80
C GLN B 331 -21.48 30.06 33.89
N ALA B 332 -21.23 29.00 34.67
CA ALA B 332 -20.22 29.07 35.66
C ALA B 332 -18.85 29.23 35.14
N LEU B 333 -18.53 28.48 34.07
CA LEU B 333 -17.23 28.64 33.46
C LEU B 333 -17.04 30.04 32.89
N ILE B 334 -18.07 30.60 32.31
CA ILE B 334 -18.04 31.95 31.75
C ILE B 334 -17.74 32.95 32.90
N ALA B 335 -18.50 32.78 34.00
CA ALA B 335 -18.27 33.63 35.20
C ALA B 335 -16.93 33.44 35.80
N ALA B 336 -16.39 32.25 35.73
CA ALA B 336 -15.04 32.01 36.19
C ALA B 336 -13.89 32.51 35.29
N GLY B 337 -14.22 33.19 34.20
CA GLY B 337 -13.15 33.80 33.36
C GLY B 337 -12.63 32.82 32.29
N CYS B 338 -13.34 31.70 32.12
CA CYS B 338 -12.88 30.64 31.14
C CYS B 338 -12.96 31.26 29.78
N LYS B 339 -11.92 31.13 28.99
CA LYS B 339 -11.98 31.73 27.62
C LYS B 339 -11.87 30.71 26.47
N PHE B 340 -11.66 29.45 26.81
CA PHE B 340 -11.52 28.41 25.73
C PHE B 340 -12.16 27.12 26.23
N ILE B 341 -13.06 26.52 25.42
CA ILE B 341 -13.58 25.20 25.81
C ILE B 341 -13.67 24.39 24.49
N ALA B 342 -12.98 23.27 24.49
CA ALA B 342 -13.01 22.34 23.33
C ALA B 342 -13.47 20.98 23.85
N GLU B 343 -14.32 20.34 23.05
CA GLU B 343 -14.74 18.95 23.32
C GLU B 343 -13.72 17.92 23.01
N GLY B 344 -13.12 17.34 24.03
CA GLY B 344 -12.33 16.11 23.87
C GLY B 344 -13.38 14.98 23.68
N SER B 345 -14.49 15.04 24.42
CA SER B 345 -15.52 14.05 24.30
C SER B 345 -16.49 14.41 23.19
N ASN B 346 -16.99 13.36 22.48
CA ASN B 346 -17.99 13.60 21.50
C ASN B 346 -19.27 14.17 22.10
N MET B 347 -19.78 15.23 21.46
CA MET B 347 -20.98 15.98 21.94
C MET B 347 -20.88 16.29 23.45
N GLY B 348 -19.71 16.63 23.92
CA GLY B 348 -19.43 16.91 25.35
C GLY B 348 -20.34 17.96 26.00
N CYS B 349 -20.68 18.99 25.24
CA CYS B 349 -21.54 20.06 25.73
C CYS B 349 -22.98 19.86 25.39
N THR B 350 -23.87 20.09 26.37
CA THR B 350 -25.28 20.14 26.09
C THR B 350 -25.59 21.30 25.13
N GLN B 351 -26.74 21.24 24.53
CA GLN B 351 -27.17 22.31 23.63
C GLN B 351 -27.21 23.63 24.43
N ALA B 352 -27.71 23.60 25.66
CA ALA B 352 -27.77 24.86 26.48
C ALA B 352 -26.38 25.43 26.70
N ALA B 353 -25.39 24.57 26.94
CA ALA B 353 -24.05 25.01 27.05
C ALA B 353 -23.50 25.70 25.79
N ILE B 354 -23.72 25.04 24.65
CA ILE B 354 -23.28 25.58 23.41
C ILE B 354 -23.95 26.91 23.16
N ASP B 355 -25.25 26.98 23.36
CA ASP B 355 -25.98 28.21 23.12
C ASP B 355 -25.39 29.36 24.02
N ALA B 356 -25.04 29.06 25.25
CA ALA B 356 -24.39 30.08 26.12
C ALA B 356 -23.05 30.49 25.58
N PHE B 357 -22.18 29.56 25.18
CA PHE B 357 -20.89 29.94 24.67
C PHE B 357 -20.94 30.75 23.38
N GLU B 358 -21.87 30.39 22.49
CA GLU B 358 -21.98 31.07 21.20
C GLU B 358 -22.61 32.48 21.42
N ALA B 359 -23.60 32.57 22.30
CA ALA B 359 -24.15 33.92 22.64
C ALA B 359 -23.04 34.80 23.22
N HIS B 360 -22.15 34.23 24.01
CA HIS B 360 -21.10 34.98 24.65
C HIS B 360 -20.09 35.46 23.59
N ARG B 361 -19.73 34.54 22.67
CA ARG B 361 -18.89 34.88 21.53
C ARG B 361 -19.50 36.05 20.76
N GLU B 362 -20.79 36.01 20.52
CA GLU B 362 -21.42 37.04 19.69
C GLU B 362 -21.53 38.41 20.41
N ALA B 363 -21.47 38.39 21.73
CA ALA B 363 -21.64 39.61 22.57
C ALA B 363 -20.32 40.21 23.00
N ASN B 364 -19.20 39.53 22.82
CA ASN B 364 -17.93 39.94 23.41
C ASN B 364 -16.84 39.88 22.39
N LYS B 365 -16.24 41.03 22.08
CA LYS B 365 -15.20 41.03 21.08
C LYS B 365 -13.96 40.33 21.44
N GLY B 366 -13.38 39.68 20.42
CA GLY B 366 -12.04 39.11 20.52
C GLY B 366 -11.80 38.25 21.73
N ALA B 367 -10.68 38.53 22.41
CA ALA B 367 -10.24 37.77 23.54
C ALA B 367 -11.10 37.82 24.77
N ALA B 368 -12.10 38.67 24.74
CA ALA B 368 -13.07 38.80 25.83
C ALA B 368 -14.06 37.65 25.81
N ALA B 369 -14.23 37.03 24.62
CA ALA B 369 -15.24 35.96 24.46
C ALA B 369 -14.67 34.61 24.93
N ILE B 370 -15.56 33.74 25.39
CA ILE B 370 -15.24 32.31 25.56
C ILE B 370 -15.46 31.68 24.13
N TRP B 371 -14.48 30.96 23.66
CA TRP B 371 -14.52 30.34 22.31
C TRP B 371 -14.69 28.82 22.48
N TYR B 372 -15.80 28.33 21.90
CA TYR B 372 -16.18 26.88 21.93
C TYR B 372 -15.78 26.18 20.61
N ALA B 373 -15.12 25.03 20.71
CA ALA B 373 -14.87 24.20 19.55
C ALA B 373 -15.56 22.84 19.77
N PRO B 374 -16.18 22.32 18.71
CA PRO B 374 -16.93 21.03 18.75
C PRO B 374 -15.98 19.85 18.66
N GLY B 375 -16.44 18.70 19.18
CA GLY B 375 -15.64 17.52 19.09
C GLY B 375 -15.22 17.07 17.71
N LYS B 376 -16.04 17.25 16.75
CA LYS B 376 -15.65 16.82 15.35
C LYS B 376 -14.40 17.53 14.90
N ALA B 377 -14.07 18.68 15.46
CA ALA B 377 -12.81 19.39 15.14
C ALA B 377 -11.73 18.99 16.09
N ALA B 378 -12.01 19.12 17.42
CA ALA B 378 -10.94 18.96 18.41
C ALA B 378 -10.46 17.52 18.66
N ASN B 379 -11.37 16.55 18.50
CA ASN B 379 -11.13 15.14 18.82
C ASN B 379 -10.58 14.40 17.52
N ALA B 380 -10.45 15.12 16.39
CA ALA B 380 -10.13 14.50 15.11
C ALA B 380 -8.75 13.92 15.02
N GLY B 381 -7.84 14.27 15.94
CA GLY B 381 -6.47 13.73 15.86
C GLY B 381 -6.38 12.25 16.06
N GLY B 382 -7.30 11.69 16.85
CA GLY B 382 -7.24 10.25 17.14
C GLY B 382 -7.53 9.45 15.82
N VAL B 383 -8.65 9.73 15.23
CA VAL B 383 -8.98 9.07 13.98
C VAL B 383 -7.98 9.39 12.88
N ALA B 384 -7.45 10.60 12.91
CA ALA B 384 -6.41 10.95 11.93
C ALA B 384 -5.24 10.02 12.08
N VAL B 385 -4.75 9.85 13.29
CA VAL B 385 -3.60 8.93 13.47
C VAL B 385 -3.99 7.45 13.14
N SER B 386 -5.26 7.06 13.41
CA SER B 386 -5.68 5.75 12.92
C SER B 386 -5.60 5.70 11.40
N GLY B 387 -5.95 6.77 10.68
CA GLY B 387 -5.80 6.70 9.19
C GLY B 387 -4.35 6.53 8.80
N LEU B 388 -3.42 7.14 9.61
CA LEU B 388 -2.02 6.92 9.42
C LEU B 388 -1.54 5.53 9.78
N GLU B 389 -2.14 4.90 10.78
CA GLU B 389 -1.85 3.48 11.13
C GLU B 389 -2.27 2.62 9.91
N MET B 390 -3.43 2.96 9.30
CA MET B 390 -3.88 2.24 8.09
C MET B 390 -2.85 2.42 6.95
N ALA B 391 -2.38 3.64 6.81
CA ALA B 391 -1.36 3.99 5.78
C ALA B 391 -0.10 3.14 6.01
N GLN B 392 0.32 3.09 7.24
CA GLN B 392 1.52 2.30 7.58
C GLN B 392 1.33 0.79 7.30
N ASN B 393 0.15 0.31 7.70
CA ASN B 393 -0.13 -1.11 7.44
C ASN B 393 -0.16 -1.44 5.93
N SER B 394 -0.76 -0.55 5.15
CA SER B 394 -0.77 -0.71 3.68
C SER B 394 0.57 -0.60 3.07
N ALA B 395 1.46 0.22 3.63
CA ALA B 395 2.82 0.30 3.12
C ALA B 395 3.72 -0.88 3.64
N ARG B 396 3.25 -1.56 4.65
CA ARG B 396 3.98 -2.67 5.34
C ARG B 396 5.23 -2.21 6.03
N LEU B 397 5.17 -0.98 6.52
CA LEU B 397 6.29 -0.32 7.19
C LEU B 397 5.75 0.42 8.43
N SER B 398 6.67 0.81 9.34
CA SER B 398 6.31 1.53 10.54
C SER B 398 7.06 2.87 10.59
N TRP B 399 6.35 3.96 10.86
CA TRP B 399 6.93 5.30 10.87
C TRP B 399 7.45 5.63 12.27
N THR B 400 8.28 6.66 12.35
CA THR B 400 8.79 7.14 13.65
C THR B 400 7.76 7.95 14.38
N ALA B 401 7.94 8.05 15.71
CA ALA B 401 7.04 8.94 16.49
C ALA B 401 7.03 10.36 16.00
N GLU B 402 8.22 10.87 15.63
CA GLU B 402 8.34 12.24 15.17
C GLU B 402 7.53 12.42 13.86
N GLU B 403 7.59 11.44 12.96
CA GLU B 403 6.88 11.53 11.71
C GLU B 403 5.42 11.56 11.91
N VAL B 404 4.91 10.69 12.81
CA VAL B 404 3.46 10.65 13.07
C VAL B 404 2.96 11.91 13.75
N ASP B 405 3.73 12.36 14.76
CA ASP B 405 3.39 13.53 15.55
C ASP B 405 3.40 14.78 14.65
N ALA B 406 4.39 14.89 13.78
CA ALA B 406 4.40 16.03 12.85
C ALA B 406 3.20 16.09 11.95
N ARG B 407 2.79 14.89 11.50
CA ARG B 407 1.60 14.84 10.66
C ARG B 407 0.34 15.21 11.43
N LEU B 408 0.27 14.68 12.66
CA LEU B 408 -0.82 15.03 13.58
C LEU B 408 -0.96 16.55 13.78
N LYS B 409 0.18 17.18 14.03
CA LYS B 409 0.14 18.67 14.22
C LYS B 409 -0.37 19.37 13.00
N ASP B 410 0.07 18.93 11.83
CA ASP B 410 -0.35 19.59 10.59
C ASP B 410 -1.84 19.39 10.36
N ILE B 411 -2.31 18.17 10.61
CA ILE B 411 -3.74 17.90 10.50
C ILE B 411 -4.56 18.72 11.47
N MET B 412 -4.13 18.88 12.73
CA MET B 412 -4.92 19.72 13.62
C MET B 412 -4.90 21.21 13.25
N LYS B 413 -3.74 21.66 12.78
CA LYS B 413 -3.71 23.05 12.29
C LYS B 413 -4.59 23.32 11.12
N SER B 414 -4.56 22.38 10.13
CA SER B 414 -5.51 22.52 9.02
C SER B 414 -6.93 22.41 9.40
N CYS B 415 -7.25 21.54 10.36
CA CYS B 415 -8.64 21.45 10.80
C CYS B 415 -9.15 22.80 11.37
N PHE B 416 -8.31 23.38 12.21
CA PHE B 416 -8.61 24.68 12.85
C PHE B 416 -8.76 25.76 11.79
N GLN B 417 -7.81 25.80 10.85
CA GLN B 417 -7.90 26.80 9.76
C GLN B 417 -9.10 26.67 8.89
N ASN B 418 -9.50 25.41 8.58
CA ASN B 418 -10.68 25.19 7.79
C ASN B 418 -11.93 25.64 8.47
N GLY B 419 -12.06 25.31 9.75
CA GLY B 419 -13.24 25.78 10.47
C GLY B 419 -13.31 27.30 10.50
N LEU B 420 -12.19 27.92 10.83
CA LEU B 420 -12.12 29.41 10.92
C LEU B 420 -12.52 30.04 9.60
N ASP B 421 -11.88 29.59 8.50
CA ASP B 421 -12.06 30.20 7.17
C ASP B 421 -13.41 29.94 6.64
N THR B 422 -13.95 28.73 6.92
CA THR B 422 -15.29 28.43 6.47
C THR B 422 -16.35 29.27 7.18
N ALA B 423 -16.18 29.47 8.47
CA ALA B 423 -17.09 30.38 9.18
C ALA B 423 -16.99 31.83 8.63
N LYS B 424 -15.79 32.26 8.34
CA LYS B 424 -15.63 33.62 7.76
C LYS B 424 -16.35 33.71 6.43
N GLU B 425 -16.35 32.62 5.65
CA GLU B 425 -16.96 32.63 4.34
C GLU B 425 -18.49 32.57 4.43
N TYR B 426 -19.06 31.64 5.22
CA TYR B 426 -20.48 31.38 5.17
C TYR B 426 -21.27 31.97 6.34
N ALA B 427 -20.59 32.41 7.39
CA ALA B 427 -21.32 32.90 8.55
C ALA B 427 -20.55 34.09 9.16
N THR B 428 -20.25 35.07 8.31
CA THR B 428 -19.24 36.04 8.62
C THR B 428 -19.63 36.80 9.89
N PRO B 429 -18.76 36.81 10.86
CA PRO B 429 -19.16 37.45 12.11
C PRO B 429 -19.06 39.01 12.03
N ALA B 430 -19.77 39.68 12.91
CA ALA B 430 -19.58 41.14 13.07
C ALA B 430 -18.17 41.53 13.37
N ASP B 431 -17.82 42.78 13.05
CA ASP B 431 -16.45 43.23 13.24
C ASP B 431 -15.94 43.02 14.71
N GLY B 432 -14.78 42.46 14.84
CA GLY B 432 -14.16 42.15 16.08
C GLY B 432 -14.62 40.88 16.79
N ILE B 433 -15.64 40.22 16.22
CA ILE B 433 -16.23 38.97 16.82
C ILE B 433 -15.48 37.75 16.25
N LEU B 434 -15.09 36.83 17.12
CA LEU B 434 -14.45 35.58 16.69
C LEU B 434 -15.43 34.79 15.80
N PRO B 435 -14.92 34.26 14.67
CA PRO B 435 -15.80 33.35 13.91
C PRO B 435 -16.20 32.09 14.75
N SER B 436 -17.34 31.55 14.42
CA SER B 436 -17.88 30.31 15.06
C SER B 436 -17.16 29.09 14.56
N LEU B 437 -16.32 28.51 15.40
CA LEU B 437 -15.72 27.26 15.06
C LEU B 437 -16.69 26.12 14.90
N VAL B 438 -17.77 26.11 15.64
CA VAL B 438 -18.76 25.04 15.47
C VAL B 438 -19.48 25.19 14.14
N THR B 439 -19.93 26.40 13.79
CA THR B 439 -20.54 26.57 12.49
C THR B 439 -19.56 26.29 11.38
N GLY B 440 -18.36 26.79 11.47
CA GLY B 440 -17.42 26.56 10.42
C GLY B 440 -17.01 25.10 10.21
N SER B 441 -16.80 24.46 11.32
CA SER B 441 -16.39 23.01 11.26
C SER B 441 -17.54 22.20 10.62
N ASN B 442 -18.74 22.49 11.02
CA ASN B 442 -19.93 21.80 10.55
C ASN B 442 -20.09 21.99 9.06
N ILE B 443 -19.98 23.23 8.61
CA ILE B 443 -20.13 23.50 7.21
C ILE B 443 -19.02 22.87 6.43
N ALA B 444 -17.79 22.97 6.89
CA ALA B 444 -16.68 22.45 6.14
C ALA B 444 -16.76 20.90 5.99
N GLY B 445 -17.08 20.24 7.09
CA GLY B 445 -17.20 18.79 7.01
C GLY B 445 -18.36 18.40 6.18
N PHE B 446 -19.52 19.04 6.39
CA PHE B 446 -20.69 18.69 5.64
C PHE B 446 -20.58 18.92 4.13
N THR B 447 -20.04 20.07 3.69
CA THR B 447 -19.98 20.29 2.25
C THR B 447 -19.08 19.27 1.58
N LYS B 448 -17.97 18.91 2.21
CA LYS B 448 -17.04 18.02 1.58
C LYS B 448 -17.79 16.67 1.34
N VAL B 449 -18.51 16.22 2.37
CA VAL B 449 -19.24 14.96 2.23
C VAL B 449 -20.35 15.06 1.23
N ALA B 450 -21.09 16.17 1.27
CA ALA B 450 -22.23 16.33 0.38
C ALA B 450 -21.82 16.35 -1.07
N ALA B 451 -20.71 17.04 -1.35
CA ALA B 451 -20.23 17.14 -2.74
C ALA B 451 -19.74 15.80 -3.22
N ALA B 452 -19.04 15.08 -2.38
CA ALA B 452 -18.57 13.73 -2.78
C ALA B 452 -19.69 12.78 -3.01
N MET B 453 -20.73 12.87 -2.15
CA MET B 453 -21.94 12.11 -2.37
C MET B 453 -22.59 12.43 -3.72
N LYS B 454 -22.70 13.72 -4.05
CA LYS B 454 -23.26 14.08 -5.33
C LYS B 454 -22.47 13.52 -6.50
N ASP B 455 -21.15 13.70 -6.42
CA ASP B 455 -20.29 13.13 -7.47
C ASP B 455 -20.54 11.64 -7.69
N GLN B 456 -20.80 10.94 -6.57
CA GLN B 456 -20.94 9.46 -6.55
C GLN B 456 -22.39 9.00 -6.76
N GLY B 457 -23.29 9.94 -7.03
CA GLY B 457 -24.68 9.62 -7.35
C GLY B 457 -25.50 9.16 -6.16
N ASP B 458 -25.02 9.44 -4.94
CA ASP B 458 -25.85 9.09 -3.75
C ASP B 458 -27.12 9.98 -3.61
N TRP B 459 -27.05 11.21 -4.10
CA TRP B 459 -28.21 12.09 -4.27
C TRP B 459 -27.98 12.89 -5.56
N TRP B 460 -29.04 13.52 -6.02
CA TRP B 460 -28.95 14.40 -7.20
C TRP B 460 -30.08 15.43 -7.05
N MET C 1 -8.07 -19.85 -40.72
CA MET C 1 -8.98 -19.29 -39.62
C MET C 1 -10.11 -18.33 -40.18
N SER C 2 -10.87 -18.84 -41.13
CA SER C 2 -11.93 -18.05 -41.72
C SER C 2 -13.16 -18.11 -40.81
N ASN C 3 -13.13 -18.81 -39.63
CA ASN C 3 -14.22 -18.68 -38.59
C ASN C 3 -14.12 -17.35 -37.84
N LEU C 4 -12.93 -16.69 -37.88
CA LEU C 4 -12.72 -15.49 -37.04
C LEU C 4 -13.39 -14.28 -37.67
N PRO C 5 -14.12 -13.48 -36.90
CA PRO C 5 -14.81 -12.33 -37.51
C PRO C 5 -13.83 -11.24 -37.95
N VAL C 6 -14.24 -10.43 -38.93
CA VAL C 6 -13.40 -9.35 -39.44
C VAL C 6 -13.50 -8.20 -38.44
N GLU C 7 -12.35 -7.75 -37.92
CA GLU C 7 -12.27 -6.68 -36.90
C GLU C 7 -11.27 -5.62 -37.38
N PRO C 8 -11.74 -4.71 -38.20
CA PRO C 8 -10.76 -3.88 -38.95
C PRO C 8 -9.81 -3.05 -38.09
N GLU C 9 -10.34 -2.40 -37.05
CA GLU C 9 -9.47 -1.58 -36.19
C GLU C 9 -8.41 -2.43 -35.49
N PHE C 10 -8.86 -3.58 -34.94
CA PHE C 10 -7.94 -4.48 -34.27
C PHE C 10 -6.88 -4.99 -35.20
N GLU C 11 -7.31 -5.44 -36.37
CA GLU C 11 -6.36 -5.99 -37.39
C GLU C 11 -5.34 -4.87 -37.77
N GLN C 12 -5.79 -3.63 -37.91
CA GLN C 12 -4.90 -2.53 -38.29
C GLN C 12 -3.82 -2.34 -37.22
N ALA C 13 -4.24 -2.35 -35.94
CA ALA C 13 -3.28 -2.11 -34.86
C ALA C 13 -2.32 -3.29 -34.76
N TYR C 14 -2.86 -4.52 -34.89
CA TYR C 14 -2.03 -5.73 -34.77
C TYR C 14 -0.97 -5.70 -35.94
N LYS C 15 -1.45 -5.43 -37.16
CA LYS C 15 -0.58 -5.48 -38.34
C LYS C 15 0.55 -4.48 -38.28
N GLU C 16 0.27 -3.27 -37.83
CA GLU C 16 1.33 -2.26 -37.66
C GLU C 16 2.35 -2.68 -36.63
N LEU C 17 1.90 -3.22 -35.49
CA LEU C 17 2.84 -3.68 -34.49
C LEU C 17 3.70 -4.81 -35.06
N ALA C 18 3.04 -5.81 -35.67
CA ALA C 18 3.74 -6.97 -36.21
C ALA C 18 4.76 -6.55 -37.27
N SER C 19 4.38 -5.62 -38.13
CA SER C 19 5.24 -5.18 -39.22
CA SER C 19 5.28 -5.24 -39.22
C SER C 19 6.50 -4.53 -38.62
N THR C 20 6.35 -3.70 -37.58
CA THR C 20 7.53 -3.09 -37.01
C THR C 20 8.42 -4.14 -36.32
N LEU C 21 7.83 -5.19 -35.73
CA LEU C 21 8.70 -6.25 -35.15
C LEU C 21 9.48 -6.98 -36.26
N GLU C 22 8.80 -7.26 -37.37
CA GLU C 22 9.41 -7.98 -38.51
C GLU C 22 10.51 -7.14 -39.13
N ASN C 23 10.33 -5.84 -39.18
CA ASN C 23 11.28 -4.89 -39.80
C ASN C 23 12.34 -4.45 -38.78
N SER C 24 13.08 -5.43 -38.26
CA SER C 24 14.01 -5.21 -37.21
C SER C 24 14.77 -6.54 -37.06
N THR C 25 15.75 -6.57 -36.21
CA THR C 25 16.45 -7.82 -35.89
C THR C 25 15.84 -8.66 -34.74
N LEU C 26 14.69 -8.26 -34.23
CA LEU C 26 14.15 -8.94 -33.05
C LEU C 26 13.96 -10.43 -33.25
N PHE C 27 13.34 -10.83 -34.35
CA PHE C 27 13.06 -12.23 -34.55
C PHE C 27 14.29 -13.02 -35.07
N GLN C 28 15.35 -12.35 -35.50
CA GLN C 28 16.69 -13.02 -35.68
C GLN C 28 17.29 -13.37 -34.36
N LYS C 29 17.27 -12.45 -33.41
CA LYS C 29 17.77 -12.71 -32.11
C LYS C 29 16.84 -13.65 -31.27
N ASN C 30 15.52 -13.50 -31.42
CA ASN C 30 14.55 -14.22 -30.57
C ASN C 30 13.42 -14.69 -31.45
N PRO C 31 13.68 -15.66 -32.27
CA PRO C 31 12.66 -16.13 -33.14
C PRO C 31 11.45 -16.72 -32.40
N GLU C 32 11.69 -17.18 -31.20
CA GLU C 32 10.61 -17.78 -30.36
C GLU C 32 9.54 -16.73 -29.96
N TYR C 33 9.86 -15.44 -30.09
CA TYR C 33 8.89 -14.40 -29.84
C TYR C 33 7.77 -14.38 -30.83
N ARG C 34 7.88 -15.04 -31.99
CA ARG C 34 6.72 -15.14 -32.85
C ARG C 34 5.58 -15.90 -32.12
N LYS C 35 5.96 -16.88 -31.27
CA LYS C 35 4.95 -17.61 -30.48
C LYS C 35 4.31 -16.63 -29.47
N ALA C 36 5.12 -15.77 -28.85
CA ALA C 36 4.59 -14.81 -27.89
C ALA C 36 3.64 -13.87 -28.57
N LEU C 37 3.97 -13.45 -29.81
CA LEU C 37 3.05 -12.56 -30.57
C LEU C 37 1.70 -13.22 -30.83
N ALA C 38 1.75 -14.52 -31.20
CA ALA C 38 0.53 -15.24 -31.49
C ALA C 38 -0.32 -15.33 -30.15
N VAL C 39 0.31 -15.58 -29.02
CA VAL C 39 -0.45 -15.75 -27.76
C VAL C 39 -0.98 -14.38 -27.24
N VAL C 40 -0.14 -13.38 -27.26
CA VAL C 40 -0.51 -12.09 -26.69
C VAL C 40 -1.65 -11.42 -27.45
N SER C 41 -1.82 -11.80 -28.73
CA SER C 41 -2.79 -11.13 -29.57
CA SER C 41 -2.78 -11.16 -29.58
C SER C 41 -4.20 -11.71 -29.41
N VAL C 42 -4.34 -12.75 -28.56
CA VAL C 42 -5.67 -13.27 -28.22
C VAL C 42 -5.94 -12.82 -26.78
N PRO C 43 -6.99 -12.04 -26.57
CA PRO C 43 -7.22 -11.49 -25.19
C PRO C 43 -7.42 -12.58 -24.13
N GLU C 44 -6.88 -12.37 -22.98
CA GLU C 44 -7.05 -13.30 -21.88
C GLU C 44 -8.55 -13.46 -21.60
N ARG C 45 -9.32 -12.38 -21.57
CA ARG C 45 -10.74 -12.44 -21.20
C ARG C 45 -11.46 -11.24 -21.83
N VAL C 46 -12.68 -11.46 -22.32
CA VAL C 46 -13.56 -10.40 -22.80
C VAL C 46 -14.93 -10.66 -22.18
N ILE C 47 -15.51 -9.62 -21.52
CA ILE C 47 -16.85 -9.70 -20.99
CA ILE C 47 -16.86 -9.72 -20.99
C ILE C 47 -17.70 -8.75 -21.82
N GLN C 48 -18.85 -9.23 -22.32
CA GLN C 48 -19.81 -8.40 -23.01
C GLN C 48 -21.12 -8.62 -22.26
N PHE C 49 -21.91 -7.58 -22.21
CA PHE C 49 -23.13 -7.67 -21.35
C PHE C 49 -24.18 -6.66 -21.81
N ARG C 50 -25.43 -7.08 -21.65
CA ARG C 50 -26.55 -6.16 -21.93
C ARG C 50 -26.66 -5.08 -20.83
N VAL C 51 -26.95 -3.84 -21.23
CA VAL C 51 -27.17 -2.78 -20.26
C VAL C 51 -28.57 -2.20 -20.51
N VAL C 52 -29.51 -2.54 -19.67
CA VAL C 52 -30.87 -2.00 -19.71
C VAL C 52 -30.94 -0.85 -18.72
N TRP C 53 -31.43 0.29 -19.18
CA TRP C 53 -31.50 1.48 -18.33
C TRP C 53 -32.74 2.30 -18.70
N GLU C 54 -33.13 3.24 -17.87
CA GLU C 54 -34.34 3.99 -18.05
C GLU C 54 -34.07 5.41 -18.40
N ASN C 55 -34.77 5.89 -19.43
CA ASN C 55 -34.62 7.31 -19.80
C ASN C 55 -35.58 8.22 -19.01
N ASP C 56 -35.43 9.54 -19.20
CA ASP C 56 -36.14 10.51 -18.36
C ASP C 56 -37.66 10.37 -18.61
N LYS C 57 -38.07 9.80 -19.73
CA LYS C 57 -39.55 9.57 -19.95
C LYS C 57 -40.08 8.26 -19.38
N GLY C 58 -39.22 7.51 -18.70
CA GLY C 58 -39.59 6.25 -18.10
C GLY C 58 -39.51 5.05 -19.00
N GLU C 59 -38.87 5.20 -20.17
CA GLU C 59 -38.84 4.17 -21.19
C GLU C 59 -37.58 3.26 -21.05
N VAL C 60 -37.78 1.97 -21.28
CA VAL C 60 -36.70 1.00 -21.32
C VAL C 60 -35.79 1.32 -22.51
N GLN C 61 -34.50 1.28 -22.25
CA GLN C 61 -33.47 1.51 -23.25
C GLN C 61 -32.46 0.37 -23.15
N VAL C 62 -31.83 0.01 -24.29
CA VAL C 62 -30.89 -1.12 -24.30
C VAL C 62 -29.61 -0.70 -24.98
N ASN C 63 -28.49 -0.91 -24.33
CA ASN C 63 -27.19 -0.73 -24.96
C ASN C 63 -26.29 -1.94 -24.63
N ARG C 64 -25.16 -1.97 -25.30
CA ARG C 64 -24.20 -3.06 -25.13
CA ARG C 64 -24.20 -3.06 -25.14
C ARG C 64 -23.01 -2.58 -24.35
N GLY C 65 -22.55 -3.39 -23.40
CA GLY C 65 -21.42 -3.09 -22.56
C GLY C 65 -20.30 -4.10 -22.77
N PHE C 66 -19.06 -3.67 -22.54
CA PHE C 66 -17.91 -4.51 -22.81
C PHE C 66 -16.75 -4.23 -21.87
N ARG C 67 -15.99 -5.29 -21.55
CA ARG C 67 -14.69 -5.04 -20.92
C ARG C 67 -13.71 -6.05 -21.50
N VAL C 68 -12.70 -5.54 -22.20
CA VAL C 68 -11.63 -6.34 -22.78
C VAL C 68 -10.45 -6.36 -21.81
N GLN C 69 -10.13 -7.54 -21.28
CA GLN C 69 -9.07 -7.75 -20.31
C GLN C 69 -7.96 -8.47 -21.08
N PHE C 70 -7.16 -7.65 -21.76
CA PHE C 70 -6.30 -8.20 -22.84
C PHE C 70 -5.07 -8.96 -22.30
N ASN C 71 -4.36 -8.35 -21.35
CA ASN C 71 -3.13 -8.98 -20.83
C ASN C 71 -2.88 -8.53 -19.43
N SER C 72 -2.47 -9.42 -18.58
CA SER C 72 -2.14 -9.14 -17.17
C SER C 72 -0.80 -9.65 -16.68
N ALA C 73 0.15 -9.91 -17.59
CA ALA C 73 1.47 -10.31 -17.12
C ALA C 73 2.15 -9.24 -16.28
N LEU C 74 2.04 -8.01 -16.67
CA LEU C 74 2.70 -6.89 -15.99
C LEU C 74 1.92 -6.27 -14.82
N GLY C 75 0.60 -6.54 -14.67
CA GLY C 75 -0.18 -5.92 -13.65
C GLY C 75 -1.63 -6.22 -13.85
N PRO C 76 -2.44 -5.73 -12.93
CA PRO C 76 -3.87 -5.76 -13.14
C PRO C 76 -4.25 -5.07 -14.41
N TYR C 77 -5.32 -5.54 -15.06
CA TYR C 77 -5.77 -4.88 -16.29
C TYR C 77 -6.00 -3.42 -15.99
N LYS C 78 -5.64 -2.56 -16.97
CA LYS C 78 -5.73 -1.10 -16.76
C LYS C 78 -6.05 -0.46 -18.11
N GLY C 79 -7.05 0.39 -18.12
CA GLY C 79 -7.33 1.14 -19.28
C GLY C 79 -8.76 1.66 -19.20
N GLY C 80 -9.02 2.61 -20.10
CA GLY C 80 -10.23 3.42 -20.02
C GLY C 80 -11.53 2.78 -20.49
N LEU C 81 -12.63 3.54 -20.30
CA LEU C 81 -13.93 3.22 -20.76
C LEU C 81 -14.38 4.25 -21.78
N ARG C 82 -14.89 3.80 -22.90
CA ARG C 82 -15.36 4.67 -24.00
C ARG C 82 -16.86 4.48 -24.16
N PHE C 83 -17.58 5.56 -24.09
CA PHE C 83 -19.00 5.61 -24.39
C PHE C 83 -19.15 6.41 -25.63
N HIS C 84 -19.42 5.72 -26.72
CA HIS C 84 -19.51 6.39 -28.04
C HIS C 84 -20.30 5.43 -28.94
N PRO C 85 -21.18 5.99 -29.83
CA PRO C 85 -22.05 5.09 -30.63
C PRO C 85 -21.31 4.16 -31.56
N SER C 86 -20.06 4.44 -31.86
CA SER C 86 -19.28 3.53 -32.69
C SER C 86 -18.81 2.25 -31.99
N VAL C 87 -18.87 2.24 -30.69
CA VAL C 87 -18.21 1.18 -29.88
C VAL C 87 -18.71 -0.19 -30.24
N ASN C 88 -17.74 -1.09 -30.41
CA ASN C 88 -17.94 -2.49 -30.64
C ASN C 88 -16.69 -3.27 -30.19
N LEU C 89 -16.72 -4.59 -30.31
CA LEU C 89 -15.58 -5.40 -29.87
C LEU C 89 -14.26 -5.12 -30.64
N SER C 90 -14.38 -4.95 -31.97
CA SER C 90 -13.20 -4.59 -32.80
C SER C 90 -12.44 -3.39 -32.25
N ILE C 91 -13.15 -2.30 -32.02
CA ILE C 91 -12.60 -1.09 -31.56
C ILE C 91 -12.00 -1.23 -30.18
N LEU C 92 -12.75 -1.86 -29.29
CA LEU C 92 -12.21 -2.02 -27.91
C LEU C 92 -11.04 -3.02 -27.88
N LYS C 93 -10.96 -3.99 -28.79
CA LYS C 93 -9.81 -4.82 -28.90
C LYS C 93 -8.60 -4.04 -29.39
N PHE C 94 -8.76 -3.18 -30.39
CA PHE C 94 -7.64 -2.37 -30.89
C PHE C 94 -7.18 -1.56 -29.68
N LEU C 95 -8.10 -0.94 -28.94
CA LEU C 95 -7.70 -0.12 -27.84
C LEU C 95 -6.98 -0.92 -26.73
N GLY C 96 -7.56 -2.04 -26.39
CA GLY C 96 -6.98 -2.85 -25.28
C GLY C 96 -5.62 -3.41 -25.62
N PHE C 97 -5.47 -3.78 -26.87
CA PHE C 97 -4.19 -4.33 -27.37
C PHE C 97 -3.12 -3.26 -27.26
N GLU C 98 -3.40 -2.08 -27.78
CA GLU C 98 -2.50 -0.96 -27.71
C GLU C 98 -2.16 -0.69 -26.22
N GLN C 99 -3.17 -0.77 -25.35
CA GLN C 99 -2.96 -0.51 -23.95
C GLN C 99 -1.95 -1.41 -23.29
N ILE C 100 -1.85 -2.64 -23.70
CA ILE C 100 -0.83 -3.56 -23.15
C ILE C 100 0.55 -2.93 -23.23
N PHE C 101 0.85 -2.44 -24.42
CA PHE C 101 2.21 -1.98 -24.77
C PHE C 101 2.46 -0.55 -24.28
N LYS C 102 1.45 0.32 -24.37
CA LYS C 102 1.48 1.61 -23.71
C LYS C 102 1.80 1.47 -22.25
N ASN C 103 1.10 0.58 -21.59
CA ASN C 103 1.29 0.43 -20.14
C ASN C 103 2.67 -0.08 -19.81
N ALA C 104 3.17 -1.00 -20.62
CA ALA C 104 4.52 -1.54 -20.49
C ALA C 104 5.54 -0.41 -20.57
N LEU C 105 5.28 0.63 -21.34
CA LEU C 105 6.29 1.73 -21.48
C LEU C 105 6.30 2.71 -20.32
N THR C 106 5.34 2.64 -19.39
CA THR C 106 5.28 3.49 -18.24
C THR C 106 6.22 3.10 -17.12
N GLY C 107 6.69 1.84 -17.13
CA GLY C 107 7.53 1.29 -16.00
C GLY C 107 6.71 0.85 -14.76
N LEU C 108 5.40 1.00 -14.82
CA LEU C 108 4.54 0.63 -13.68
C LEU C 108 3.90 -0.71 -13.96
N ASN C 109 3.47 -1.40 -12.86
CA ASN C 109 2.86 -2.71 -13.09
C ASN C 109 1.35 -2.57 -13.41
N MET C 110 1.07 -2.51 -14.69
CA MET C 110 -0.27 -2.31 -15.24
C MET C 110 -0.39 -3.19 -16.45
N GLY C 111 -1.33 -4.08 -16.44
CA GLY C 111 -1.72 -4.88 -17.62
C GLY C 111 -2.66 -4.04 -18.53
N GLY C 112 -3.02 -4.56 -19.70
CA GLY C 112 -3.80 -3.81 -20.67
C GLY C 112 -5.23 -4.25 -20.77
N GLY C 113 -6.09 -3.27 -20.70
CA GLY C 113 -7.55 -3.46 -20.91
C GLY C 113 -8.21 -2.21 -21.42
N LYS C 114 -9.47 -2.38 -21.86
CA LYS C 114 -10.28 -1.27 -22.30
C LYS C 114 -11.72 -1.74 -22.33
N GLY C 115 -12.68 -0.83 -22.14
CA GLY C 115 -14.07 -1.22 -22.21
C GLY C 115 -14.93 -0.08 -22.61
N GLY C 116 -16.23 -0.25 -22.39
CA GLY C 116 -17.16 0.82 -22.65
C GLY C 116 -18.47 0.33 -23.17
N SER C 117 -19.12 1.20 -23.95
CA SER C 117 -20.44 0.91 -24.42
C SER C 117 -20.76 1.75 -25.66
N ASP C 118 -21.72 1.22 -26.45
CA ASP C 118 -22.27 2.02 -27.54
C ASP C 118 -23.27 3.10 -27.14
N PHE C 119 -23.54 3.21 -25.86
CA PHE C 119 -24.28 4.36 -25.25
C PHE C 119 -23.67 5.67 -25.76
N ASP C 120 -24.52 6.56 -26.31
CA ASP C 120 -24.05 7.87 -26.81
C ASP C 120 -24.44 8.98 -25.86
N PRO C 121 -23.50 9.55 -25.12
CA PRO C 121 -23.84 10.61 -24.15
C PRO C 121 -24.45 11.84 -24.84
N LYS C 122 -24.23 12.08 -26.13
CA LYS C 122 -24.87 13.25 -26.79
C LYS C 122 -26.38 13.18 -26.84
N GLY C 123 -27.04 14.23 -26.40
CA GLY C 123 -28.52 14.28 -26.43
C GLY C 123 -29.07 13.66 -25.15
N LYS C 124 -28.22 13.14 -24.23
CA LYS C 124 -28.69 12.59 -22.97
C LYS C 124 -28.60 13.64 -21.93
N SER C 125 -29.53 13.56 -20.97
CA SER C 125 -29.42 14.40 -19.79
C SER C 125 -28.45 13.84 -18.80
N ASP C 126 -28.04 14.67 -17.86
CA ASP C 126 -27.17 14.16 -16.80
CA ASP C 126 -27.20 14.22 -16.79
C ASP C 126 -27.82 13.00 -16.01
N SER C 127 -29.12 13.10 -15.74
CA SER C 127 -29.88 12.02 -15.06
CA SER C 127 -29.85 12.01 -15.07
C SER C 127 -29.83 10.74 -15.88
N GLU C 128 -29.94 10.83 -17.21
CA GLU C 128 -29.85 9.67 -18.01
C GLU C 128 -28.43 9.00 -17.98
N ILE C 129 -27.41 9.81 -17.99
CA ILE C 129 -26.04 9.33 -17.86
C ILE C 129 -25.87 8.63 -16.49
N ARG C 130 -26.38 9.24 -15.42
CA ARG C 130 -26.39 8.61 -14.10
C ARG C 130 -27.02 7.22 -14.13
N ARG C 131 -28.23 7.13 -14.66
CA ARG C 131 -28.90 5.88 -14.70
C ARG C 131 -28.13 4.82 -15.52
N PHE C 132 -27.63 5.28 -16.65
CA PHE C 132 -26.82 4.38 -17.49
C PHE C 132 -25.60 3.84 -16.73
N CYS C 133 -24.89 4.74 -16.08
CA CYS C 133 -23.65 4.32 -15.38
C CYS C 133 -23.98 3.35 -14.25
N VAL C 134 -25.09 3.60 -13.54
CA VAL C 134 -25.56 2.68 -12.51
C VAL C 134 -25.78 1.30 -13.10
N ALA C 135 -26.53 1.25 -14.19
CA ALA C 135 -26.84 -0.04 -14.77
C ALA C 135 -25.57 -0.75 -15.32
N PHE C 136 -24.71 0.01 -15.93
CA PHE C 136 -23.42 -0.48 -16.56
C PHE C 136 -22.55 -1.11 -15.44
N MET C 137 -22.40 -0.40 -14.31
CA MET C 137 -21.58 -0.90 -13.23
C MET C 137 -22.21 -2.08 -12.53
N THR C 138 -23.54 -2.16 -12.54
CA THR C 138 -24.19 -3.32 -11.94
C THR C 138 -23.68 -4.60 -12.49
N GLU C 139 -23.41 -4.70 -13.77
CA GLU C 139 -22.77 -5.90 -14.27
C GLU C 139 -21.30 -5.83 -14.28
N LEU C 140 -20.73 -4.67 -14.57
CA LEU C 140 -19.24 -4.69 -14.69
C LEU C 140 -18.56 -5.04 -13.36
N CYS C 141 -19.19 -4.68 -12.23
CA CYS C 141 -18.51 -4.74 -10.92
CA CYS C 141 -18.60 -4.76 -10.93
C CYS C 141 -17.94 -6.09 -10.61
N ARG C 142 -18.62 -7.17 -10.97
CA ARG C 142 -18.11 -8.51 -10.54
C ARG C 142 -16.80 -8.92 -11.28
N HIS C 143 -16.42 -8.19 -12.34
CA HIS C 143 -15.29 -8.49 -13.18
C HIS C 143 -14.09 -7.63 -12.93
N ILE C 144 -14.21 -6.66 -12.02
CA ILE C 144 -13.16 -5.69 -11.84
C ILE C 144 -12.79 -5.59 -10.37
N GLY C 145 -11.77 -4.78 -10.05
CA GLY C 145 -11.37 -4.62 -8.62
C GLY C 145 -9.97 -4.06 -8.56
N ALA C 146 -9.60 -3.55 -7.41
CA ALA C 146 -8.31 -2.84 -7.27
C ALA C 146 -7.06 -3.63 -7.63
N ASP C 147 -7.09 -4.95 -7.50
CA ASP C 147 -5.95 -5.81 -7.87
C ASP C 147 -6.29 -6.70 -9.11
N THR C 148 -7.44 -6.43 -9.77
CA THR C 148 -7.92 -7.24 -10.89
C THR C 148 -7.95 -6.41 -12.16
N ASP C 149 -8.71 -5.31 -12.14
CA ASP C 149 -8.91 -4.47 -13.35
C ASP C 149 -9.41 -3.16 -12.87
N VAL C 150 -8.72 -2.12 -13.23
CA VAL C 150 -8.99 -0.74 -12.78
C VAL C 150 -9.29 0.10 -14.02
N PRO C 151 -10.56 0.36 -14.30
CA PRO C 151 -10.87 1.25 -15.42
C PRO C 151 -10.68 2.72 -15.07
N ALA C 152 -11.02 3.53 -16.06
CA ALA C 152 -10.90 4.98 -15.97
C ALA C 152 -11.65 5.55 -17.19
N GLY C 153 -11.42 6.84 -17.53
CA GLY C 153 -12.15 7.44 -18.68
C GLY C 153 -11.47 7.28 -19.98
N ASP C 154 -12.11 7.86 -20.99
CA ASP C 154 -11.74 7.81 -22.40
C ASP C 154 -12.79 8.66 -23.14
N ILE C 155 -13.00 8.44 -24.43
CA ILE C 155 -14.00 9.23 -25.15
C ILE C 155 -15.35 8.96 -24.50
N GLY C 156 -15.97 10.05 -24.12
CA GLY C 156 -17.31 9.98 -23.60
C GLY C 156 -17.40 9.60 -22.10
N VAL C 157 -16.27 9.42 -21.44
CA VAL C 157 -16.22 9.07 -20.02
C VAL C 157 -15.22 10.01 -19.31
N THR C 158 -15.80 10.91 -18.53
CA THR C 158 -15.16 11.93 -17.76
C THR C 158 -15.26 11.67 -16.29
N GLY C 159 -14.74 12.62 -15.53
CA GLY C 159 -14.89 12.50 -14.08
C GLY C 159 -16.32 12.40 -13.58
N ARG C 160 -17.26 13.02 -14.27
CA ARG C 160 -18.65 12.88 -13.91
C ARG C 160 -19.10 11.40 -13.92
N GLU C 161 -18.85 10.73 -15.03
CA GLU C 161 -19.22 9.34 -15.18
C GLU C 161 -18.41 8.44 -14.20
N ILE C 162 -17.11 8.72 -14.02
CA ILE C 162 -16.29 8.00 -13.04
C ILE C 162 -16.93 8.08 -11.66
N GLY C 163 -17.49 9.24 -11.32
CA GLY C 163 -18.21 9.37 -10.05
C GLY C 163 -19.40 8.47 -9.95
N TYR C 164 -20.27 8.47 -10.96
CA TYR C 164 -21.50 7.63 -10.88
C TYR C 164 -21.09 6.17 -10.83
N LEU C 165 -20.04 5.81 -11.58
CA LEU C 165 -19.53 4.44 -11.60
C LEU C 165 -18.96 3.97 -10.26
N PHE C 166 -18.16 4.85 -9.61
CA PHE C 166 -17.51 4.57 -8.37
C PHE C 166 -18.59 4.41 -7.30
N GLY C 167 -19.56 5.34 -7.25
CA GLY C 167 -20.61 5.24 -6.25
C GLY C 167 -21.38 3.94 -6.35
N GLN C 168 -21.67 3.50 -7.57
CA GLN C 168 -22.40 2.26 -7.75
C GLN C 168 -21.52 1.04 -7.33
N TYR C 169 -20.23 1.07 -7.63
CA TYR C 169 -19.36 -0.02 -7.24
C TYR C 169 -19.34 -0.11 -5.72
N ARG C 170 -19.17 1.03 -5.07
CA ARG C 170 -19.17 1.06 -3.61
C ARG C 170 -20.44 0.49 -2.98
N LYS C 171 -21.59 0.84 -3.53
CA LYS C 171 -22.86 0.38 -3.08
C LYS C 171 -22.97 -1.14 -3.31
N LEU C 172 -22.48 -1.63 -4.46
CA LEU C 172 -22.62 -3.05 -4.73
C LEU C 172 -21.65 -3.89 -3.97
N ARG C 173 -20.42 -3.48 -3.88
CA ARG C 173 -19.34 -4.34 -3.37
C ARG C 173 -19.04 -4.05 -1.87
N ASN C 174 -19.54 -2.92 -1.33
CA ASN C 174 -19.26 -2.51 0.05
C ASN C 174 -17.77 -2.51 0.36
N SER C 175 -17.04 -1.83 -0.55
CA SER C 175 -15.64 -1.62 -0.46
C SER C 175 -15.30 -0.24 -1.04
N TRP C 176 -14.32 0.42 -0.43
CA TRP C 176 -13.82 1.67 -0.87
C TRP C 176 -12.38 1.42 -1.25
N GLU C 177 -12.09 1.40 -2.54
CA GLU C 177 -10.77 1.00 -3.04
C GLU C 177 -10.52 1.63 -4.39
N GLY C 178 -9.29 1.47 -4.85
CA GLY C 178 -8.81 2.04 -6.11
C GLY C 178 -9.26 1.21 -7.31
N VAL C 179 -10.57 1.02 -7.40
CA VAL C 179 -11.15 0.26 -8.49
C VAL C 179 -11.25 1.03 -9.81
N LEU C 180 -11.31 2.34 -9.74
CA LEU C 180 -11.30 3.25 -10.82
C LEU C 180 -10.29 4.31 -10.56
N THR C 181 -9.73 4.86 -11.63
CA THR C 181 -8.95 6.06 -11.56
C THR C 181 -9.66 7.20 -12.36
N GLY C 182 -9.11 8.40 -12.32
CA GLY C 182 -9.81 9.60 -12.72
C GLY C 182 -10.86 10.04 -11.72
N LYS C 183 -10.69 9.60 -10.46
CA LYS C 183 -11.67 9.95 -9.41
C LYS C 183 -11.46 11.42 -8.95
N GLY C 184 -12.48 11.94 -8.26
CA GLY C 184 -12.46 13.29 -7.75
C GLY C 184 -11.53 13.47 -6.58
N GLY C 185 -11.00 14.66 -6.46
CA GLY C 185 -9.98 14.97 -5.48
C GLY C 185 -10.28 14.59 -4.04
N SER C 186 -11.52 14.67 -3.58
CA SER C 186 -11.80 14.37 -2.22
C SER C 186 -12.07 12.86 -1.96
N TRP C 187 -12.28 12.09 -3.02
CA TRP C 187 -12.64 10.69 -2.92
C TRP C 187 -11.67 9.82 -3.72
N GLY C 188 -10.36 10.06 -3.46
CA GLY C 188 -9.28 9.24 -3.93
C GLY C 188 -8.66 9.58 -5.25
N GLY C 189 -8.99 10.75 -5.75
CA GLY C 189 -8.36 11.20 -7.05
C GLY C 189 -6.93 11.64 -6.81
N SER C 190 -6.25 11.90 -7.94
CA SER C 190 -4.90 12.38 -7.94
C SER C 190 -4.85 13.73 -8.59
N LEU C 191 -4.15 14.64 -7.91
CA LEU C 191 -3.68 15.87 -8.59
C LEU C 191 -2.99 15.47 -9.88
N ILE C 192 -3.16 16.33 -10.89
CA ILE C 192 -2.50 16.21 -12.23
C ILE C 192 -3.14 15.17 -13.10
N ARG C 193 -4.01 14.31 -12.57
CA ARG C 193 -4.73 13.35 -13.47
C ARG C 193 -5.59 14.04 -14.55
N PRO C 194 -6.28 15.11 -14.24
CA PRO C 194 -7.03 15.78 -15.31
C PRO C 194 -6.12 16.23 -16.49
N GLU C 195 -4.99 16.78 -16.11
CA GLU C 195 -4.04 17.32 -17.06
C GLU C 195 -3.15 16.26 -17.78
N ALA C 196 -3.03 15.08 -17.17
CA ALA C 196 -1.93 14.20 -17.43
C ALA C 196 -1.77 13.73 -18.84
N THR C 197 -2.92 13.38 -19.49
CA THR C 197 -2.77 12.76 -20.80
C THR C 197 -2.20 13.72 -21.84
N GLY C 198 -2.81 14.88 -21.85
CA GLY C 198 -2.40 15.96 -22.80
C GLY C 198 -1.10 16.62 -22.44
N TYR C 199 -0.84 16.78 -21.14
CA TYR C 199 0.50 17.21 -20.71
C TYR C 199 1.53 16.25 -21.16
N GLY C 200 1.27 14.97 -20.98
CA GLY C 200 2.30 13.94 -21.34
C GLY C 200 2.63 13.87 -22.82
N VAL C 201 1.64 14.13 -23.69
CA VAL C 201 1.87 14.18 -25.11
C VAL C 201 2.88 15.29 -25.38
N VAL C 202 2.66 16.41 -24.77
CA VAL C 202 3.52 17.59 -25.05
C VAL C 202 4.91 17.37 -24.46
N TYR C 203 4.99 16.86 -23.23
CA TYR C 203 6.27 16.50 -22.65
C TYR C 203 7.06 15.53 -23.51
N TYR C 204 6.41 14.53 -24.10
CA TYR C 204 7.04 13.60 -24.97
C TYR C 204 7.61 14.33 -26.19
N VAL C 205 6.79 15.17 -26.79
CA VAL C 205 7.26 15.93 -27.97
C VAL C 205 8.40 16.87 -27.62
N GLU C 206 8.42 17.45 -26.40
CA GLU C 206 9.58 18.25 -26.05
C GLU C 206 10.85 17.48 -26.18
N HIS C 207 10.83 16.15 -25.83
CA HIS C 207 12.08 15.38 -25.95
C HIS C 207 12.42 15.14 -27.40
N MET C 208 11.42 14.97 -28.25
CA MET C 208 11.67 14.76 -29.69
C MET C 208 12.33 16.05 -30.29
N ILE C 209 11.80 17.18 -29.91
CA ILE C 209 12.36 18.48 -30.37
C ILE C 209 13.78 18.65 -29.86
N ALA C 210 14.00 18.44 -28.54
CA ALA C 210 15.32 18.53 -27.97
C ALA C 210 16.32 17.64 -28.73
N HIS C 211 15.95 16.37 -28.96
CA HIS C 211 16.85 15.45 -29.61
C HIS C 211 17.14 15.94 -31.06
N ALA C 212 16.10 16.32 -31.78
CA ALA C 212 16.24 16.74 -33.19
C ALA C 212 17.13 17.99 -33.31
N THR C 213 17.27 18.80 -32.28
CA THR C 213 18.01 20.06 -32.36
C THR C 213 19.08 20.22 -31.33
N ASN C 214 19.46 19.15 -30.67
CA ASN C 214 20.37 19.25 -29.56
C ASN C 214 20.04 20.33 -28.56
N GLY C 215 18.75 20.51 -28.32
CA GLY C 215 18.34 21.42 -27.23
C GLY C 215 18.18 22.85 -27.61
N ALA C 216 18.50 23.16 -28.84
CA ALA C 216 18.49 24.48 -29.26
C ALA C 216 17.11 25.03 -29.51
N GLU C 217 16.14 24.17 -29.86
CA GLU C 217 14.76 24.65 -30.02
C GLU C 217 13.88 23.87 -29.04
N SER C 218 12.63 24.30 -28.93
CA SER C 218 11.73 23.73 -27.95
C SER C 218 10.32 23.99 -28.56
N PHE C 219 9.28 23.96 -27.74
CA PHE C 219 7.99 24.43 -28.23
C PHE C 219 7.92 25.96 -28.39
N ALA C 220 8.85 26.70 -27.81
CA ALA C 220 8.78 28.13 -27.84
C ALA C 220 8.80 28.58 -29.30
N GLY C 221 7.81 29.40 -29.63
CA GLY C 221 7.65 29.92 -31.00
C GLY C 221 7.12 28.96 -32.06
N LYS C 222 6.83 27.72 -31.69
CA LYS C 222 6.28 26.75 -32.64
C LYS C 222 4.78 26.88 -32.90
N ARG C 223 4.36 26.55 -34.10
CA ARG C 223 2.95 26.54 -34.49
C ARG C 223 2.47 25.07 -34.40
N VAL C 224 1.43 24.85 -33.61
CA VAL C 224 0.98 23.53 -33.29
C VAL C 224 -0.46 23.38 -33.67
N ALA C 225 -0.72 22.44 -34.56
CA ALA C 225 -2.07 22.12 -34.97
C ALA C 225 -2.54 20.97 -34.10
N ILE C 226 -3.67 21.15 -33.43
CA ILE C 226 -4.26 20.09 -32.56
C ILE C 226 -5.63 19.74 -33.19
N SER C 227 -6.06 18.51 -33.06
CA SER C 227 -7.42 18.07 -33.36
C SER C 227 -8.10 17.52 -32.13
N GLY C 228 -9.43 17.50 -32.15
CA GLY C 228 -10.18 17.23 -30.97
C GLY C 228 -10.22 18.43 -30.04
N SER C 229 -11.13 18.37 -29.04
CA SER C 229 -11.31 19.45 -28.12
C SER C 229 -11.81 18.92 -26.79
N GLY C 230 -11.49 17.68 -26.51
CA GLY C 230 -11.79 17.06 -25.23
C GLY C 230 -10.65 17.12 -24.28
N ASN C 231 -10.64 16.13 -23.37
CA ASN C 231 -9.67 16.14 -22.29
C ASN C 231 -8.21 16.18 -22.81
N VAL C 232 -7.89 15.34 -23.81
CA VAL C 232 -6.49 15.27 -24.25
C VAL C 232 -6.09 16.57 -24.96
N ALA C 233 -6.92 16.96 -25.90
CA ALA C 233 -6.66 18.22 -26.67
C ALA C 233 -6.59 19.47 -25.83
N GLN C 234 -7.47 19.60 -24.86
CA GLN C 234 -7.51 20.76 -24.02
C GLN C 234 -6.19 20.96 -23.30
N TYR C 235 -5.71 19.93 -22.62
CA TYR C 235 -4.50 20.03 -21.80
C TYR C 235 -3.25 19.98 -22.59
N ALA C 236 -3.25 19.29 -23.74
CA ALA C 236 -2.14 19.45 -24.68
C ALA C 236 -2.01 20.93 -25.12
N ALA C 237 -3.13 21.53 -25.48
CA ALA C 237 -3.15 22.92 -25.91
C ALA C 237 -2.62 23.80 -24.78
N LEU C 238 -3.16 23.62 -23.59
CA LEU C 238 -2.72 24.46 -22.49
C LEU C 238 -1.23 24.33 -22.19
N LYS C 239 -0.70 23.11 -22.23
CA LYS C 239 0.73 22.97 -22.04
C LYS C 239 1.58 23.60 -23.16
N VAL C 240 1.18 23.41 -24.38
CA VAL C 240 1.83 24.13 -25.52
C VAL C 240 1.96 25.60 -25.24
N ILE C 241 0.83 26.22 -24.87
CA ILE C 241 0.81 27.61 -24.59
C ILE C 241 1.73 27.99 -23.46
N GLU C 242 1.68 27.25 -22.37
CA GLU C 242 2.55 27.47 -21.24
C GLU C 242 4.01 27.48 -21.66
N LEU C 243 4.36 26.63 -22.61
CA LEU C 243 5.75 26.47 -23.09
C LEU C 243 6.15 27.51 -24.14
N GLY C 244 5.23 28.40 -24.49
CA GLY C 244 5.50 29.50 -25.44
C GLY C 244 5.19 29.14 -26.85
N GLY C 245 4.49 28.02 -27.07
CA GLY C 245 4.02 27.63 -28.40
C GLY C 245 2.68 28.27 -28.73
N ARG C 246 2.31 28.20 -29.98
CA ARG C 246 1.04 28.71 -30.45
C ARG C 246 0.17 27.58 -30.96
N VAL C 247 -1.06 27.47 -30.41
CA VAL C 247 -1.99 26.45 -30.86
C VAL C 247 -2.84 27.08 -31.93
N VAL C 248 -2.78 26.52 -33.14
CA VAL C 248 -3.46 27.14 -34.30
C VAL C 248 -4.80 26.51 -34.63
N SER C 249 -5.13 25.36 -34.01
CA SER C 249 -6.38 24.68 -34.30
C SER C 249 -6.80 23.77 -33.16
N LEU C 250 -8.10 23.59 -33.07
CA LEU C 250 -8.74 22.54 -32.34
C LEU C 250 -9.87 22.05 -33.24
N SER C 251 -10.53 20.93 -32.91
CA SER C 251 -11.64 20.46 -33.74
C SER C 251 -12.50 19.52 -32.87
N ASP C 252 -13.66 19.27 -33.38
CA ASP C 252 -14.59 18.27 -32.76
C ASP C 252 -15.17 17.40 -33.83
N SER C 253 -16.20 16.63 -33.50
CA SER C 253 -16.78 15.70 -34.47
C SER C 253 -17.55 16.39 -35.64
N GLN C 254 -17.80 17.70 -35.52
CA GLN C 254 -18.55 18.40 -36.57
CA GLN C 254 -18.54 18.41 -36.57
C GLN C 254 -17.66 19.38 -37.37
N GLY C 255 -16.47 19.77 -36.87
CA GLY C 255 -15.61 20.62 -37.70
C GLY C 255 -14.41 21.18 -36.97
N SER C 256 -13.58 21.96 -37.67
CA SER C 256 -12.36 22.49 -37.14
C SER C 256 -12.48 24.01 -36.89
N LEU C 257 -11.84 24.49 -35.84
CA LEU C 257 -11.76 25.91 -35.49
C LEU C 257 -10.27 26.33 -35.58
N ILE C 258 -9.94 27.21 -36.55
CA ILE C 258 -8.56 27.51 -36.91
C ILE C 258 -8.33 29.02 -36.76
N VAL C 259 -7.24 29.39 -36.13
CA VAL C 259 -6.92 30.83 -36.08
C VAL C 259 -6.78 31.36 -37.50
N LYS C 260 -7.28 32.61 -37.73
CA LYS C 260 -7.13 33.22 -39.09
C LYS C 260 -5.69 33.51 -39.42
N ASP C 261 -4.87 33.90 -38.46
CA ASP C 261 -3.48 34.20 -38.76
C ASP C 261 -2.62 33.04 -38.12
N THR C 262 -2.45 31.94 -38.85
CA THR C 262 -1.74 30.73 -38.26
C THR C 262 -0.23 30.94 -38.17
N ALA C 263 0.30 31.94 -38.88
CA ALA C 263 1.70 32.30 -38.75
C ALA C 263 1.96 32.97 -37.38
N LYS C 264 1.01 33.74 -36.88
CA LYS C 264 1.28 34.52 -35.60
C LYS C 264 0.32 34.38 -34.42
N ASP C 265 -0.90 33.90 -34.62
CA ASP C 265 -1.90 33.93 -33.52
C ASP C 265 -2.02 32.57 -32.79
N SER C 266 -2.74 32.54 -31.69
CA SER C 266 -2.96 31.29 -30.92
C SER C 266 -4.24 31.32 -30.17
N PHE C 267 -4.80 30.13 -29.90
CA PHE C 267 -5.78 29.98 -28.82
C PHE C 267 -5.18 30.47 -27.54
N THR C 268 -6.01 31.06 -26.70
CA THR C 268 -5.63 31.42 -25.34
C THR C 268 -6.22 30.46 -24.32
N PRO C 269 -5.68 30.44 -23.09
CA PRO C 269 -6.28 29.61 -22.06
C PRO C 269 -7.75 29.92 -21.82
N ALA C 270 -8.13 31.20 -21.89
CA ALA C 270 -9.54 31.52 -21.67
C ALA C 270 -10.42 30.94 -22.77
N GLU C 271 -9.92 30.94 -24.00
CA GLU C 271 -10.67 30.37 -25.10
C GLU C 271 -10.82 28.84 -24.93
N ILE C 272 -9.73 28.19 -24.53
CA ILE C 272 -9.76 26.73 -24.31
C ILE C 272 -10.75 26.44 -23.20
N ASP C 273 -10.75 27.21 -22.12
CA ASP C 273 -11.76 27.06 -21.09
C ASP C 273 -13.22 27.21 -21.53
N ALA C 274 -13.50 28.11 -22.46
CA ALA C 274 -14.84 28.24 -22.96
C ALA C 274 -15.22 27.03 -23.77
N ILE C 275 -14.29 26.52 -24.57
CA ILE C 275 -14.52 25.29 -25.34
C ILE C 275 -14.77 24.11 -24.33
N ALA C 276 -13.96 24.06 -23.33
CA ALA C 276 -14.05 22.94 -22.34
C ALA C 276 -15.43 22.97 -21.70
N ALA C 277 -15.94 24.18 -21.44
CA ALA C 277 -17.29 24.33 -20.82
C ALA C 277 -18.37 23.86 -21.76
N LEU C 278 -18.29 24.18 -23.06
CA LEU C 278 -19.21 23.60 -24.04
C LEU C 278 -19.21 22.10 -23.99
N LYS C 279 -18.00 21.53 -23.90
CA LYS C 279 -17.91 20.07 -24.00
C LYS C 279 -18.43 19.40 -22.74
N VAL C 280 -18.27 20.01 -21.56
CA VAL C 280 -18.90 19.47 -20.36
C VAL C 280 -20.42 19.28 -20.60
N ASP C 281 -20.99 20.27 -21.30
CA ASP C 281 -22.40 20.29 -21.59
C ASP C 281 -22.75 19.54 -22.90
N ARG C 282 -21.77 18.85 -23.50
CA ARG C 282 -22.04 18.04 -24.67
C ARG C 282 -22.52 18.85 -25.86
N LYS C 283 -21.95 20.05 -26.02
CA LYS C 283 -22.28 20.94 -27.12
C LYS C 283 -21.10 21.04 -28.10
N GLN C 284 -21.30 21.69 -29.23
CA GLN C 284 -20.33 21.71 -30.33
C GLN C 284 -19.63 23.05 -30.43
N ILE C 285 -18.38 23.02 -30.93
CA ILE C 285 -17.62 24.22 -31.20
C ILE C 285 -18.34 25.17 -32.15
N ALA C 286 -19.17 24.62 -33.00
CA ALA C 286 -19.96 25.39 -33.95
C ALA C 286 -20.76 26.53 -33.29
N GLU C 287 -21.21 26.38 -32.07
CA GLU C 287 -21.89 27.49 -31.38
C GLU C 287 -21.07 28.77 -31.38
N LEU C 288 -19.74 28.70 -31.44
CA LEU C 288 -18.84 29.87 -31.20
C LEU C 288 -18.81 30.83 -32.40
N VAL C 289 -19.37 30.39 -33.45
CA VAL C 289 -19.55 31.12 -34.64
C VAL C 289 -20.43 32.34 -34.56
N THR C 290 -21.41 32.30 -33.63
CA THR C 290 -22.32 33.35 -33.43
C THR C 290 -21.71 34.40 -32.52
N ASP C 291 -20.49 34.18 -32.01
CA ASP C 291 -19.91 35.06 -31.03
C ASP C 291 -18.83 35.86 -31.77
N ALA C 292 -18.97 37.18 -31.82
CA ALA C 292 -18.03 38.00 -32.62
C ALA C 292 -16.56 37.90 -32.12
N ALA C 293 -16.34 37.73 -30.81
CA ALA C 293 -14.97 37.60 -30.28
C ALA C 293 -14.26 36.35 -30.91
N PHE C 294 -15.00 35.28 -31.15
CA PHE C 294 -14.45 34.11 -31.83
C PHE C 294 -14.42 34.29 -33.34
N ALA C 295 -15.52 34.78 -33.92
CA ALA C 295 -15.61 34.87 -35.36
C ALA C 295 -14.54 35.86 -35.91
N ASP C 296 -14.21 36.90 -35.16
CA ASP C 296 -13.16 37.82 -35.59
C ASP C 296 -11.81 37.15 -35.66
N LYS C 297 -11.55 36.15 -34.81
CA LYS C 297 -10.17 35.59 -34.65
C LYS C 297 -9.96 34.28 -35.33
N PHE C 298 -11.04 33.52 -35.49
CA PHE C 298 -11.02 32.19 -36.02
C PHE C 298 -11.99 31.94 -37.16
N THR C 299 -11.67 30.93 -37.93
CA THR C 299 -12.52 30.37 -38.97
C THR C 299 -13.01 29.03 -38.51
N TYR C 300 -14.31 28.81 -38.61
CA TYR C 300 -14.92 27.49 -38.40
C TYR C 300 -15.20 26.79 -39.71
N LEU C 301 -14.66 25.56 -39.87
CA LEU C 301 -14.76 24.76 -41.05
C LEU C 301 -15.59 23.50 -40.74
N PRO C 302 -16.91 23.53 -41.02
CA PRO C 302 -17.71 22.34 -40.81
C PRO C 302 -17.28 21.23 -41.69
N GLY C 303 -17.18 20.00 -41.12
CA GLY C 303 -16.92 18.78 -41.92
C GLY C 303 -15.44 18.58 -42.24
N GLN C 304 -14.56 19.46 -41.81
CA GLN C 304 -13.12 19.39 -42.17
C GLN C 304 -12.25 19.14 -40.93
N ARG C 305 -11.16 18.41 -41.17
CA ARG C 305 -10.09 18.30 -40.22
C ARG C 305 -9.09 19.43 -40.41
N PRO C 306 -8.24 19.70 -39.42
CA PRO C 306 -7.41 20.89 -39.53
C PRO C 306 -6.22 20.84 -40.46
N TRP C 307 -5.75 19.64 -40.80
CA TRP C 307 -4.38 19.46 -41.25
C TRP C 307 -4.06 20.23 -42.55
N VAL C 308 -4.95 20.18 -43.51
CA VAL C 308 -4.71 20.90 -44.80
C VAL C 308 -5.09 22.37 -44.75
N HIS C 309 -5.53 22.90 -43.60
CA HIS C 309 -6.12 24.22 -43.46
C HIS C 309 -5.33 25.10 -42.60
N VAL C 310 -4.21 24.63 -42.02
CA VAL C 310 -3.50 25.44 -41.09
C VAL C 310 -2.29 26.19 -41.71
N GLY C 311 -2.11 26.04 -42.99
CA GLY C 311 -0.88 26.55 -43.64
C GLY C 311 0.36 25.92 -43.06
N ALA C 312 1.41 26.69 -43.02
CA ALA C 312 2.71 26.19 -42.51
C ALA C 312 2.62 25.96 -41.01
N VAL C 313 3.02 24.75 -40.55
CA VAL C 313 2.95 24.44 -39.18
C VAL C 313 4.15 23.64 -38.76
N ASP C 314 4.42 23.55 -37.46
CA ASP C 314 5.65 22.89 -37.05
C ASP C 314 5.42 21.53 -36.40
N VAL C 315 4.33 21.45 -35.63
CA VAL C 315 4.00 20.22 -34.84
C VAL C 315 2.51 19.93 -35.07
N ALA C 316 2.16 18.64 -35.19
CA ALA C 316 0.76 18.22 -35.23
C ALA C 316 0.51 17.20 -34.10
N LEU C 317 -0.57 17.40 -33.37
CA LEU C 317 -1.00 16.55 -32.23
C LEU C 317 -2.43 16.11 -32.48
N PRO C 318 -2.63 15.07 -33.32
CA PRO C 318 -3.95 14.54 -33.43
C PRO C 318 -4.40 14.01 -32.03
N SER C 319 -5.53 14.48 -31.56
CA SER C 319 -5.95 14.21 -30.17
C SER C 319 -7.44 13.94 -29.98
N ALA C 320 -8.04 13.44 -31.02
CA ALA C 320 -9.47 13.15 -31.02
C ALA C 320 -9.82 11.65 -31.03
N THR C 321 -9.45 10.93 -32.07
CA THR C 321 -9.94 9.60 -32.33
C THR C 321 -9.05 8.88 -33.30
N GLN C 322 -9.31 7.59 -33.53
CA GLN C 322 -8.46 6.80 -34.42
C GLN C 322 -8.64 7.21 -35.91
N ASN C 323 -7.62 7.09 -36.67
CA ASN C 323 -7.65 7.21 -38.12
C ASN C 323 -8.16 8.58 -38.54
N GLU C 324 -7.64 9.60 -37.88
CA GLU C 324 -8.00 10.99 -38.17
C GLU C 324 -6.96 11.77 -38.90
N VAL C 325 -5.90 11.10 -39.34
CA VAL C 325 -4.87 11.72 -40.21
C VAL C 325 -4.72 10.77 -41.38
N SER C 326 -5.22 11.17 -42.56
CA SER C 326 -5.13 10.31 -43.74
C SER C 326 -3.75 10.45 -44.41
N GLY C 327 -3.50 9.63 -45.46
CA GLY C 327 -2.27 9.71 -46.23
C GLY C 327 -2.10 11.05 -46.89
N GLU C 328 -3.19 11.61 -47.38
CA GLU C 328 -3.15 12.90 -48.06
C GLU C 328 -2.91 14.01 -47.07
N GLU C 329 -3.48 13.88 -45.86
CA GLU C 329 -3.26 14.86 -44.84
C GLU C 329 -1.83 14.82 -44.34
N ALA C 330 -1.29 13.62 -44.23
CA ALA C 330 0.12 13.47 -43.92
C ALA C 330 1.02 14.19 -44.92
N GLN C 331 0.74 13.95 -46.18
CA GLN C 331 1.55 14.64 -47.25
C GLN C 331 1.43 16.13 -47.17
N ALA C 332 0.23 16.63 -46.82
CA ALA C 332 0.06 18.08 -46.69
C ALA C 332 0.84 18.61 -45.51
N LEU C 333 0.89 17.86 -44.39
CA LEU C 333 1.64 18.29 -43.25
C LEU C 333 3.10 18.33 -43.58
N ILE C 334 3.57 17.32 -44.28
CA ILE C 334 4.99 17.27 -44.68
C ILE C 334 5.31 18.53 -45.55
N ALA C 335 4.41 18.72 -46.52
CA ALA C 335 4.63 19.88 -47.49
C ALA C 335 4.57 21.23 -46.82
N ALA C 336 3.88 21.29 -45.69
CA ALA C 336 3.69 22.55 -44.94
C ALA C 336 4.85 22.75 -43.94
N GLY C 337 5.83 21.86 -43.94
CA GLY C 337 6.99 22.00 -43.11
C GLY C 337 6.88 21.43 -41.67
N CYS C 338 5.83 20.64 -41.42
CA CYS C 338 5.68 20.02 -40.07
C CYS C 338 6.82 19.04 -39.85
N LYS C 339 7.47 19.14 -38.68
CA LYS C 339 8.63 18.24 -38.40
C LYS C 339 8.37 17.30 -37.23
N PHE C 340 7.22 17.45 -36.54
CA PHE C 340 6.90 16.58 -35.40
C PHE C 340 5.43 16.26 -35.43
N ILE C 341 5.10 14.99 -35.36
CA ILE C 341 3.70 14.56 -35.23
C ILE C 341 3.66 13.47 -34.17
N ALA C 342 2.79 13.66 -33.16
CA ALA C 342 2.66 12.65 -32.09
C ALA C 342 1.17 12.39 -31.89
N GLU C 343 0.84 11.11 -31.76
CA GLU C 343 -0.54 10.71 -31.49
C GLU C 343 -0.96 10.99 -30.05
N GLY C 344 -1.83 12.00 -29.85
CA GLY C 344 -2.58 12.14 -28.64
C GLY C 344 -3.68 11.09 -28.61
N SER C 345 -4.28 10.85 -29.77
CA SER C 345 -5.34 9.84 -29.90
C SER C 345 -4.78 8.47 -30.19
N ASN C 346 -5.42 7.43 -29.66
CA ASN C 346 -4.95 6.10 -29.98
C ASN C 346 -5.17 5.81 -31.44
N MET C 347 -4.16 5.26 -32.10
CA MET C 347 -4.13 4.93 -33.54
C MET C 347 -4.63 6.14 -34.33
N GLY C 348 -4.19 7.31 -33.96
CA GLY C 348 -4.65 8.53 -34.59
C GLY C 348 -4.35 8.64 -36.10
N CYS C 349 -3.21 8.13 -36.50
CA CYS C 349 -2.79 8.18 -37.95
C CYS C 349 -3.17 6.91 -38.66
N THR C 350 -3.73 7.05 -39.86
CA THR C 350 -3.97 5.87 -40.72
C THR C 350 -2.61 5.26 -41.12
N GLN C 351 -2.68 4.04 -41.60
CA GLN C 351 -1.46 3.36 -41.95
C GLN C 351 -0.76 4.13 -43.13
N ALA C 352 -1.55 4.72 -44.03
CA ALA C 352 -0.98 5.46 -45.18
C ALA C 352 -0.22 6.67 -44.58
N ALA C 353 -0.80 7.31 -43.55
CA ALA C 353 -0.09 8.40 -42.90
C ALA C 353 1.25 7.99 -42.24
N ILE C 354 1.21 6.91 -41.46
CA ILE C 354 2.39 6.40 -40.85
C ILE C 354 3.44 6.11 -41.93
N ASP C 355 3.07 5.43 -43.00
CA ASP C 355 4.05 5.05 -44.01
C ASP C 355 4.69 6.29 -44.66
N ALA C 356 3.91 7.33 -44.87
CA ALA C 356 4.42 8.60 -45.37
C ALA C 356 5.44 9.22 -44.44
N PHE C 357 5.13 9.27 -43.12
CA PHE C 357 6.06 9.84 -42.18
C PHE C 357 7.36 9.04 -42.00
N GLU C 358 7.25 7.72 -41.97
CA GLU C 358 8.36 6.86 -41.79
C GLU C 358 9.28 6.91 -43.11
N ALA C 359 8.64 6.89 -44.26
CA ALA C 359 9.43 7.06 -45.55
C ALA C 359 10.17 8.41 -45.52
N HIS C 360 9.53 9.46 -45.00
CA HIS C 360 10.17 10.76 -44.96
C HIS C 360 11.37 10.73 -44.01
N ARG C 361 11.17 10.13 -42.83
CA ARG C 361 12.20 9.98 -41.90
C ARG C 361 13.38 9.28 -42.52
N GLU C 362 13.12 8.21 -43.21
CA GLU C 362 14.21 7.38 -43.78
C GLU C 362 14.93 8.16 -44.89
N ALA C 363 14.28 9.13 -45.52
CA ALA C 363 14.82 9.78 -46.70
C ALA C 363 15.51 11.09 -46.35
N ASN C 364 15.25 11.67 -45.18
CA ASN C 364 15.69 13.02 -44.85
C ASN C 364 16.54 13.02 -43.63
N LYS C 365 17.77 13.44 -43.80
CA LYS C 365 18.70 13.46 -42.69
C LYS C 365 18.39 14.50 -41.63
N GLY C 366 18.56 14.14 -40.38
CA GLY C 366 18.50 15.08 -39.24
C GLY C 366 17.17 15.83 -39.14
N ALA C 367 17.26 17.11 -38.91
CA ALA C 367 16.09 17.93 -38.59
C ALA C 367 15.23 18.28 -39.80
N ALA C 368 15.62 17.83 -40.97
CA ALA C 368 14.80 17.94 -42.18
C ALA C 368 13.66 16.90 -42.18
N ALA C 369 13.76 15.81 -41.42
CA ALA C 369 12.76 14.77 -41.37
C ALA C 369 11.57 15.19 -40.48
N ILE C 370 10.37 14.76 -40.89
CA ILE C 370 9.25 14.71 -39.99
C ILE C 370 9.40 13.44 -39.12
N TRP C 371 9.18 13.61 -37.82
CA TRP C 371 9.37 12.55 -36.86
C TRP C 371 8.00 12.24 -36.22
N TYR C 372 7.58 10.99 -36.40
CA TYR C 372 6.27 10.48 -35.97
C TYR C 372 6.45 9.63 -34.65
N ALA C 373 5.62 9.88 -33.65
CA ALA C 373 5.58 9.09 -32.42
C ALA C 373 4.16 8.50 -32.26
N PRO C 374 4.08 7.22 -31.92
CA PRO C 374 2.80 6.54 -31.79
C PRO C 374 2.14 6.82 -30.44
N GLY C 375 0.84 6.62 -30.45
CA GLY C 375 0.07 6.79 -29.22
C GLY C 375 0.48 6.04 -28.02
N LYS C 376 0.95 4.84 -28.22
CA LYS C 376 1.40 4.03 -27.09
C LYS C 376 2.56 4.66 -26.35
N ALA C 377 3.34 5.48 -27.07
CA ALA C 377 4.37 6.28 -26.40
C ALA C 377 3.87 7.59 -25.92
N ALA C 378 3.22 8.41 -26.81
CA ALA C 378 2.94 9.77 -26.46
C ALA C 378 1.74 9.96 -25.48
N ASN C 379 0.78 9.07 -25.53
CA ASN C 379 -0.49 9.12 -24.71
C ASN C 379 -0.23 8.46 -23.35
N ALA C 380 0.91 7.86 -23.12
CA ALA C 380 1.13 7.04 -21.94
C ALA C 380 1.14 7.79 -20.60
N GLY C 381 1.15 9.12 -20.66
CA GLY C 381 1.16 9.91 -19.47
C GLY C 381 -0.16 9.81 -18.69
N GLY C 382 -1.28 9.61 -19.40
CA GLY C 382 -2.57 9.51 -18.68
C GLY C 382 -2.60 8.23 -17.82
N VAL C 383 -2.37 7.09 -18.46
CA VAL C 383 -2.36 5.82 -17.75
C VAL C 383 -1.30 5.82 -16.68
N ALA C 384 -0.17 6.46 -16.93
CA ALA C 384 0.91 6.58 -15.92
C ALA C 384 0.42 7.25 -14.66
N VAL C 385 -0.26 8.36 -14.82
CA VAL C 385 -0.74 9.07 -13.66
C VAL C 385 -1.89 8.31 -13.04
N SER C 386 -2.69 7.57 -13.79
CA SER C 386 -3.60 6.64 -13.14
C SER C 386 -2.87 5.61 -12.27
N GLY C 387 -1.73 5.08 -12.75
CA GLY C 387 -0.96 4.13 -11.94
C GLY C 387 -0.53 4.84 -10.67
N LEU C 388 -0.23 6.14 -10.77
CA LEU C 388 0.10 6.88 -9.57
C LEU C 388 -1.08 7.13 -8.67
N GLU C 389 -2.28 7.33 -9.23
CA GLU C 389 -3.50 7.36 -8.48
C GLU C 389 -3.71 6.05 -7.70
N MET C 390 -3.48 4.92 -8.37
CA MET C 390 -3.55 3.62 -7.67
C MET C 390 -2.55 3.56 -6.51
N ALA C 391 -1.36 4.06 -6.76
CA ALA C 391 -0.26 4.05 -5.73
C ALA C 391 -0.70 4.89 -4.53
N GLN C 392 -1.28 6.03 -4.77
CA GLN C 392 -1.76 6.93 -3.70
C GLN C 392 -2.89 6.26 -2.94
N ASN C 393 -3.82 5.65 -3.63
CA ASN C 393 -4.91 4.99 -2.96
C ASN C 393 -4.40 3.82 -2.14
N SER C 394 -3.43 3.06 -2.65
CA SER C 394 -2.85 2.01 -1.81
C SER C 394 -2.08 2.48 -0.61
N ALA C 395 -1.40 3.61 -0.75
CA ALA C 395 -0.75 4.27 0.35
C ALA C 395 -1.70 4.95 1.37
N ARG C 396 -2.94 5.20 0.94
CA ARG C 396 -3.94 5.91 1.70
C ARG C 396 -3.54 7.34 1.99
N LEU C 397 -2.86 7.94 1.02
CA LEU C 397 -2.36 9.30 1.13
C LEU C 397 -2.51 10.01 -0.21
N SER C 398 -2.44 11.35 -0.25
CA SER C 398 -2.58 12.13 -1.44
C SER C 398 -1.31 12.92 -1.66
N TRP C 399 -0.75 12.83 -2.87
CA TRP C 399 0.52 13.50 -3.19
C TRP C 399 0.23 14.93 -3.73
N THR C 400 1.25 15.79 -3.71
CA THR C 400 1.12 17.13 -4.24
C THR C 400 1.11 17.13 -5.77
N ALA C 401 0.58 18.24 -6.34
CA ALA C 401 0.64 18.38 -7.77
C ALA C 401 2.04 18.35 -8.27
N GLU C 402 2.93 19.05 -7.62
CA GLU C 402 4.37 18.99 -8.05
C GLU C 402 4.99 17.60 -8.03
N GLU C 403 4.66 16.82 -7.01
CA GLU C 403 5.17 15.46 -6.97
C GLU C 403 4.66 14.60 -8.12
N VAL C 404 3.39 14.70 -8.41
CA VAL C 404 2.82 13.86 -9.49
C VAL C 404 3.41 14.30 -10.84
N ASP C 405 3.48 15.62 -11.04
CA ASP C 405 3.92 16.17 -12.31
C ASP C 405 5.35 15.82 -12.53
N ALA C 406 6.14 15.84 -11.47
CA ALA C 406 7.53 15.47 -11.59
C ALA C 406 7.75 14.03 -12.00
N ARG C 407 6.93 13.15 -11.44
CA ARG C 407 6.94 11.76 -11.84
C ARG C 407 6.46 11.59 -13.27
N LEU C 408 5.43 12.29 -13.67
CA LEU C 408 4.92 12.24 -15.03
C LEU C 408 6.02 12.63 -16.04
N LYS C 409 6.70 13.73 -15.71
CA LYS C 409 7.77 14.13 -16.57
C LYS C 409 8.87 13.06 -16.69
N ASP C 410 9.26 12.44 -15.59
CA ASP C 410 10.30 11.42 -15.61
CA ASP C 410 10.28 11.40 -15.60
C ASP C 410 9.84 10.20 -16.45
N ILE C 411 8.57 9.82 -16.26
CA ILE C 411 8.00 8.76 -17.09
C ILE C 411 8.00 9.03 -18.57
N MET C 412 7.62 10.22 -18.96
CA MET C 412 7.62 10.55 -20.40
C MET C 412 9.05 10.58 -20.99
N LYS C 413 9.99 11.09 -20.21
CA LYS C 413 11.38 11.09 -20.68
C LYS C 413 11.90 9.69 -20.82
N SER C 414 11.64 8.83 -19.85
CA SER C 414 12.10 7.45 -19.92
C SER C 414 11.42 6.68 -21.10
N CYS C 415 10.15 7.01 -21.34
CA CYS C 415 9.40 6.46 -22.43
C CYS C 415 10.06 6.81 -23.78
N PHE C 416 10.35 8.08 -23.97
CA PHE C 416 11.02 8.52 -25.17
C PHE C 416 12.40 7.84 -25.32
N GLN C 417 13.17 7.84 -24.26
CA GLN C 417 14.52 7.29 -24.29
C GLN C 417 14.47 5.81 -24.64
N ASN C 418 13.53 5.09 -24.09
CA ASN C 418 13.38 3.65 -24.37
C ASN C 418 13.05 3.43 -25.79
N GLY C 419 12.11 4.24 -26.39
CA GLY C 419 11.83 4.00 -27.81
C GLY C 419 13.07 4.28 -28.68
N LEU C 420 13.75 5.36 -28.35
CA LEU C 420 14.91 5.84 -29.14
C LEU C 420 16.00 4.77 -29.06
N ASP C 421 16.32 4.36 -27.84
CA ASP C 421 17.34 3.38 -27.66
C ASP C 421 17.06 1.98 -28.25
N THR C 422 15.81 1.52 -28.11
CA THR C 422 15.46 0.21 -28.59
C THR C 422 15.46 0.22 -30.11
N ALA C 423 15.07 1.34 -30.75
CA ALA C 423 15.22 1.43 -32.19
C ALA C 423 16.70 1.38 -32.62
N LYS C 424 17.53 2.16 -31.96
CA LYS C 424 19.00 2.09 -32.27
C LYS C 424 19.53 0.65 -32.18
N GLU C 425 19.02 -0.10 -31.23
CA GLU C 425 19.53 -1.46 -30.98
C GLU C 425 19.01 -2.46 -32.01
N TYR C 426 17.71 -2.47 -32.29
CA TYR C 426 17.08 -3.49 -33.12
C TYR C 426 16.75 -3.07 -34.54
N ALA C 427 16.74 -1.78 -34.79
CA ALA C 427 16.39 -1.29 -36.11
C ALA C 427 17.27 -0.10 -36.45
N THR C 428 18.55 -0.34 -36.44
CA THR C 428 19.54 0.76 -36.37
C THR C 428 19.40 1.58 -37.63
N PRO C 429 19.20 2.89 -37.49
CA PRO C 429 19.05 3.64 -38.73
C PRO C 429 20.42 3.94 -39.43
N ALA C 430 20.36 4.31 -40.66
CA ALA C 430 21.54 4.86 -41.43
C ALA C 430 22.09 6.07 -40.76
N ASP C 431 23.39 6.35 -41.04
CA ASP C 431 24.02 7.46 -40.39
C ASP C 431 23.19 8.75 -40.72
N GLY C 432 23.00 9.57 -39.71
CA GLY C 432 22.25 10.84 -39.87
C GLY C 432 20.70 10.74 -39.86
N ILE C 433 20.16 9.52 -39.84
CA ILE C 433 18.69 9.28 -39.91
C ILE C 433 18.19 9.10 -38.47
N LEU C 434 17.13 9.79 -38.17
CA LEU C 434 16.49 9.63 -36.86
C LEU C 434 16.02 8.18 -36.64
N PRO C 435 16.24 7.64 -35.45
CA PRO C 435 15.65 6.30 -35.20
C PRO C 435 14.10 6.31 -35.21
N SER C 436 13.48 5.18 -35.57
CA SER C 436 12.03 5.06 -35.63
C SER C 436 11.49 4.94 -34.18
N LEU C 437 10.76 5.98 -33.74
CA LEU C 437 10.11 5.92 -32.43
C LEU C 437 8.94 4.94 -32.44
N VAL C 438 8.31 4.75 -33.56
CA VAL C 438 7.19 3.72 -33.62
C VAL C 438 7.81 2.34 -33.54
N THR C 439 8.85 2.02 -34.32
CA THR C 439 9.44 0.69 -34.19
C THR C 439 10.03 0.49 -32.81
N GLY C 440 10.77 1.46 -32.30
CA GLY C 440 11.40 1.32 -31.02
C GLY C 440 10.40 1.16 -29.86
N SER C 441 9.33 1.93 -29.92
CA SER C 441 8.31 1.81 -28.88
C SER C 441 7.64 0.46 -28.93
N ASN C 442 7.34 -0.01 -30.14
CA ASN C 442 6.69 -1.24 -30.29
C ASN C 442 7.56 -2.42 -29.76
N ILE C 443 8.83 -2.44 -30.16
CA ILE C 443 9.72 -3.51 -29.70
C ILE C 443 9.86 -3.43 -28.19
N ALA C 444 10.06 -2.24 -27.67
CA ALA C 444 10.31 -2.10 -26.27
C ALA C 444 9.11 -2.63 -25.44
N GLY C 445 7.93 -2.16 -25.80
CA GLY C 445 6.77 -2.63 -25.06
C GLY C 445 6.50 -4.11 -25.26
N PHE C 446 6.63 -4.59 -26.52
CA PHE C 446 6.36 -5.96 -26.78
C PHE C 446 7.32 -6.93 -26.10
N THR C 447 8.62 -6.59 -26.11
CA THR C 447 9.59 -7.52 -25.51
C THR C 447 9.35 -7.64 -24.00
N LYS C 448 9.08 -6.51 -23.36
CA LYS C 448 8.84 -6.50 -21.89
C LYS C 448 7.67 -7.44 -21.54
N VAL C 449 6.60 -7.32 -22.31
CA VAL C 449 5.41 -8.18 -22.08
C VAL C 449 5.72 -9.65 -22.44
N ALA C 450 6.36 -9.87 -23.57
CA ALA C 450 6.60 -11.23 -24.02
C ALA C 450 7.52 -11.99 -23.07
N ALA C 451 8.50 -11.30 -22.53
CA ALA C 451 9.41 -11.92 -21.60
C ALA C 451 8.74 -12.23 -20.28
N ALA C 452 7.91 -11.33 -19.79
CA ALA C 452 7.18 -11.54 -18.54
C ALA C 452 6.18 -12.71 -18.76
N MET C 453 5.51 -12.73 -19.90
CA MET C 453 4.61 -13.88 -20.21
C MET C 453 5.38 -15.22 -20.20
N LYS C 454 6.57 -15.24 -20.75
CA LYS C 454 7.37 -16.44 -20.76
C LYS C 454 7.73 -16.87 -19.36
N ASP C 455 8.18 -15.88 -18.55
CA ASP C 455 8.54 -16.22 -17.17
C ASP C 455 7.33 -16.86 -16.43
N GLN C 456 6.13 -16.37 -16.78
CA GLN C 456 4.94 -16.77 -16.08
C GLN C 456 4.27 -17.98 -16.69
N GLY C 457 4.88 -18.59 -17.73
CA GLY C 457 4.34 -19.79 -18.36
C GLY C 457 3.13 -19.59 -19.25
N ASP C 458 2.88 -18.37 -19.69
CA ASP C 458 1.75 -18.08 -20.65
C ASP C 458 2.08 -18.68 -22.03
N TRP C 459 3.37 -18.78 -22.37
CA TRP C 459 3.86 -19.49 -23.56
C TRP C 459 5.22 -20.09 -23.22
N TRP C 460 5.70 -20.95 -24.05
CA TRP C 460 7.02 -21.59 -23.87
C TRP C 460 7.40 -22.04 -25.26
#